data_1IH3
# 
_entry.id   1IH3 
# 
_audit_conform.dict_name       mmcif_pdbx.dic 
_audit_conform.dict_version    5.386 
_audit_conform.dict_location   http://mmcif.pdb.org/dictionaries/ascii/mmcif_pdbx.dic 
# 
loop_
_database_2.database_id 
_database_2.database_code 
_database_2.pdbx_database_accession 
_database_2.pdbx_DOI 
PDB   1IH3         pdb_00001ih3 10.2210/pdb1ih3/pdb 
NDB   AD0022       ?            ?                   
RCSB  RCSB013259   ?            ?                   
WWPDB D_1000013259 ?            ?                   
# 
loop_
_pdbx_audit_revision_history.ordinal 
_pdbx_audit_revision_history.data_content_type 
_pdbx_audit_revision_history.major_revision 
_pdbx_audit_revision_history.minor_revision 
_pdbx_audit_revision_history.revision_date 
1 'Structure model' 1 0 2001-06-18 
2 'Structure model' 1 1 2008-04-27 
3 'Structure model' 1 2 2011-07-13 
4 'Structure model' 1 3 2017-10-04 
5 'Structure model' 1 4 2024-02-07 
# 
_pdbx_audit_revision_details.ordinal             1 
_pdbx_audit_revision_details.revision_ordinal    1 
_pdbx_audit_revision_details.data_content_type   'Structure model' 
_pdbx_audit_revision_details.provider            repository 
_pdbx_audit_revision_details.type                'Initial release' 
_pdbx_audit_revision_details.description         ? 
_pdbx_audit_revision_details.details             ? 
# 
loop_
_pdbx_audit_revision_group.ordinal 
_pdbx_audit_revision_group.revision_ordinal 
_pdbx_audit_revision_group.data_content_type 
_pdbx_audit_revision_group.group 
1 2 'Structure model' 'Version format compliance' 
2 3 'Structure model' 'Version format compliance' 
3 4 'Structure model' 'Refinement description'    
4 5 'Structure model' 'Data collection'           
5 5 'Structure model' 'Database references'       
6 5 'Structure model' 'Derived calculations'      
# 
loop_
_pdbx_audit_revision_category.ordinal 
_pdbx_audit_revision_category.revision_ordinal 
_pdbx_audit_revision_category.data_content_type 
_pdbx_audit_revision_category.category 
1 4 'Structure model' software       
2 5 'Structure model' chem_comp_atom 
3 5 'Structure model' chem_comp_bond 
4 5 'Structure model' database_2     
5 5 'Structure model' struct_conn    
# 
loop_
_pdbx_audit_revision_item.ordinal 
_pdbx_audit_revision_item.revision_ordinal 
_pdbx_audit_revision_item.data_content_type 
_pdbx_audit_revision_item.item 
1 5 'Structure model' '_database_2.pdbx_DOI'                
2 5 'Structure model' '_database_2.pdbx_database_accession' 
3 5 'Structure model' '_struct_conn.pdbx_leaving_atom_flag' 
# 
_pdbx_database_status.status_code                     REL 
_pdbx_database_status.entry_id                        1IH3 
_pdbx_database_status.recvd_initial_deposition_date   2001-04-18 
_pdbx_database_status.deposit_site                    RCSB 
_pdbx_database_status.process_site                    RCSB 
_pdbx_database_status.status_code_sf                  REL 
_pdbx_database_status.SG_entry                        . 
_pdbx_database_status.pdb_format_compatible           Y 
_pdbx_database_status.status_code_mr                  ? 
_pdbx_database_status.status_code_cs                  ? 
_pdbx_database_status.methods_development_category    ? 
_pdbx_database_status.status_code_nmr_data            ? 
# 
loop_
_pdbx_database_related.db_name 
_pdbx_database_related.db_id 
_pdbx_database_related.details 
_pdbx_database_related.content_type 
PDB 1IH1 'Crystal structure of the B-DNA hexamer GGCGCC resolved to 2.0 angstrom resolution' unspecified 
PDB 1IH2 'Crystal structure of GGBr5CGBr5CC'                                                 unspecified 
PDB 1IH4 'Multi-Conformation Crystal Structure of GGm5CGCC'                                  unspecified 
PDB 1IH6 'Multi-Conformation Crystal Structure of GGBr5CGCC'                                 unspecified 
# 
loop_
_audit_author.name 
_audit_author.pdbx_ordinal 
'Vargason, J.M.' 1 
'Henderson, K.'  2 
'Ho, P.S.'       3 
# 
_citation.id                        primary 
_citation.title                     'A crystallographic map of the transition from B-DNA to A-DNA.' 
_citation.journal_abbrev            Proc.Natl.Acad.Sci.USA 
_citation.journal_volume            98 
_citation.page_first                7265 
_citation.page_last                 7270 
_citation.year                      2001 
_citation.journal_id_ASTM           PNASA6 
_citation.country                   US 
_citation.journal_id_ISSN           0027-8424 
_citation.journal_id_CSD            0040 
_citation.book_publisher            ? 
_citation.pdbx_database_id_PubMed   11390969 
_citation.pdbx_database_id_DOI      10.1073/pnas.121176898 
# 
loop_
_citation_author.citation_id 
_citation_author.name 
_citation_author.ordinal 
_citation_author.identifier_ORCID 
primary 'Vargason, J.M.' 1 ? 
primary 'Henderson, K.'  2 ? 
primary 'Ho, P.S.'       3 ? 
# 
loop_
_entity.id 
_entity.type 
_entity.src_method 
_entity.pdbx_description 
_entity.formula_weight 
_entity.pdbx_number_of_molecules 
_entity.pdbx_ec 
_entity.pdbx_mutation 
_entity.pdbx_fragment 
_entity.details 
1 polymer syn "5'-D(*GP*GP*(5CM)P*GP*(5CM)P*C)-3'" 1838.259 8  ? ? ? ? 
2 water   nat water                                18.015   73 ? ? ? ? 
# 
_entity_poly.entity_id                      1 
_entity_poly.type                           polydeoxyribonucleotide 
_entity_poly.nstd_linkage                   no 
_entity_poly.nstd_monomer                   yes 
_entity_poly.pdbx_seq_one_letter_code       '(DG)(DG)(5CM)(DG)(5CM)(DC)' 
_entity_poly.pdbx_seq_one_letter_code_can   GGCGCC 
_entity_poly.pdbx_strand_id                 A,B,C,D,E,F,G,H 
_entity_poly.pdbx_target_identifier         ? 
# 
_pdbx_entity_nonpoly.entity_id   2 
_pdbx_entity_nonpoly.name        water 
_pdbx_entity_nonpoly.comp_id     HOH 
# 
loop_
_entity_poly_seq.entity_id 
_entity_poly_seq.num 
_entity_poly_seq.mon_id 
_entity_poly_seq.hetero 
1 1 DG  n 
1 2 DG  n 
1 3 5CM n 
1 4 DG  n 
1 5 5CM n 
1 6 DC  n 
# 
loop_
_chem_comp.id 
_chem_comp.type 
_chem_comp.mon_nstd_flag 
_chem_comp.name 
_chem_comp.pdbx_synonyms 
_chem_comp.formula 
_chem_comp.formula_weight 
5CM 'DNA linking' n "5-METHYL-2'-DEOXY-CYTIDINE-5'-MONOPHOSPHATE" ? 'C10 H16 N3 O7 P' 321.224 
DC  'DNA linking' y "2'-DEOXYCYTIDINE-5'-MONOPHOSPHATE"           ? 'C9 H14 N3 O7 P'  307.197 
DG  'DNA linking' y "2'-DEOXYGUANOSINE-5'-MONOPHOSPHATE"          ? 'C10 H14 N5 O7 P' 347.221 
HOH non-polymer   . WATER                                         ? 'H2 O'            18.015  
# 
loop_
_pdbx_poly_seq_scheme.asym_id 
_pdbx_poly_seq_scheme.entity_id 
_pdbx_poly_seq_scheme.seq_id 
_pdbx_poly_seq_scheme.mon_id 
_pdbx_poly_seq_scheme.ndb_seq_num 
_pdbx_poly_seq_scheme.pdb_seq_num 
_pdbx_poly_seq_scheme.auth_seq_num 
_pdbx_poly_seq_scheme.pdb_mon_id 
_pdbx_poly_seq_scheme.auth_mon_id 
_pdbx_poly_seq_scheme.pdb_strand_id 
_pdbx_poly_seq_scheme.pdb_ins_code 
_pdbx_poly_seq_scheme.hetero 
A 1 1 DG  1 1  1  DG  G  A . n 
A 1 2 DG  2 2  2  DG  G  A . n 
A 1 3 5CM 3 3  3  5CM +C A . n 
A 1 4 DG  4 4  4  DG  G  A . n 
A 1 5 5CM 5 5  5  5CM +C A . n 
A 1 6 DC  6 6  6  DC  C  A . n 
B 1 1 DG  1 7  7  DG  G  B . n 
B 1 2 DG  2 8  8  DG  G  B . n 
B 1 3 5CM 3 9  9  5CM +C B . n 
B 1 4 DG  4 10 10 DG  G  B . n 
B 1 5 5CM 5 11 11 5CM +C B . n 
B 1 6 DC  6 12 12 DC  C  B . n 
C 1 1 DG  1 13 13 DG  G  C . n 
C 1 2 DG  2 14 14 DG  G  C . n 
C 1 3 5CM 3 15 15 5CM +C C . n 
C 1 4 DG  4 16 16 DG  G  C . n 
C 1 5 5CM 5 17 17 5CM +C C . n 
C 1 6 DC  6 18 18 DC  C  C . n 
D 1 1 DG  1 19 19 DG  G  D . n 
D 1 2 DG  2 20 20 DG  G  D . n 
D 1 3 5CM 3 21 21 5CM +C D . n 
D 1 4 DG  4 22 22 DG  G  D . n 
D 1 5 5CM 5 23 23 5CM +C D . n 
D 1 6 DC  6 24 24 DC  C  D . n 
E 1 1 DG  1 25 25 DG  G  E . n 
E 1 2 DG  2 26 26 DG  G  E . n 
E 1 3 5CM 3 27 27 5CM +C E . n 
E 1 4 DG  4 28 28 DG  G  E . n 
E 1 5 5CM 5 29 29 5CM +C E . n 
E 1 6 DC  6 30 30 DC  C  E . n 
F 1 1 DG  1 31 31 DG  G  F . n 
F 1 2 DG  2 32 32 DG  G  F . n 
F 1 3 5CM 3 33 33 5CM +C F . n 
F 1 4 DG  4 34 34 DG  G  F . n 
F 1 5 5CM 5 35 35 5CM +C F . n 
F 1 6 DC  6 36 36 DC  C  F . n 
G 1 1 DG  1 37 37 DG  G  G . n 
G 1 2 DG  2 38 38 DG  G  G . n 
G 1 3 5CM 3 39 39 5CM +C G . n 
G 1 4 DG  4 40 40 DG  G  G . n 
G 1 5 5CM 5 41 41 5CM +C G . n 
G 1 6 DC  6 42 42 DC  C  G . n 
H 1 1 DG  1 43 43 DG  G  H . n 
H 1 2 DG  2 44 44 DG  G  H . n 
H 1 3 5CM 3 45 45 5CM +C H . n 
H 1 4 DG  4 46 46 DG  G  H . n 
H 1 5 5CM 5 47 47 5CM +C H . n 
H 1 6 DC  6 48 48 DC  C  H . n 
# 
loop_
_pdbx_nonpoly_scheme.asym_id 
_pdbx_nonpoly_scheme.entity_id 
_pdbx_nonpoly_scheme.mon_id 
_pdbx_nonpoly_scheme.ndb_seq_num 
_pdbx_nonpoly_scheme.pdb_seq_num 
_pdbx_nonpoly_scheme.auth_seq_num 
_pdbx_nonpoly_scheme.pdb_mon_id 
_pdbx_nonpoly_scheme.auth_mon_id 
_pdbx_nonpoly_scheme.pdb_strand_id 
_pdbx_nonpoly_scheme.pdb_ins_code 
I 2 HOH 1  49  49  HOH HOH A . 
I 2 HOH 2  50  50  HOH HOH A . 
I 2 HOH 3  51  51  HOH HOH A . 
I 2 HOH 4  52  52  HOH HOH A . 
I 2 HOH 5  53  53  HOH HOH A . 
I 2 HOH 6  54  54  HOH HOH A . 
I 2 HOH 7  99  99  HOH HOH A . 
I 2 HOH 8  116 116 HOH HOH A . 
I 2 HOH 9  117 117 HOH HOH A . 
J 2 HOH 1  56  56  HOH HOH B . 
J 2 HOH 2  57  57  HOH HOH B . 
J 2 HOH 3  58  58  HOH HOH B . 
J 2 HOH 4  59  59  HOH HOH B . 
J 2 HOH 5  60  60  HOH HOH B . 
J 2 HOH 6  97  97  HOH HOH B . 
J 2 HOH 7  98  98  HOH HOH B . 
J 2 HOH 8  114 114 HOH HOH B . 
J 2 HOH 9  115 115 HOH HOH B . 
K 2 HOH 1  61  61  HOH HOH C . 
K 2 HOH 2  62  62  HOH HOH C . 
K 2 HOH 3  63  63  HOH HOH C . 
K 2 HOH 4  64  64  HOH HOH C . 
K 2 HOH 5  65  65  HOH HOH C . 
K 2 HOH 6  66  66  HOH HOH C . 
K 2 HOH 7  96  96  HOH HOH C . 
K 2 HOH 8  105 105 HOH HOH C . 
K 2 HOH 9  106 106 HOH HOH C . 
K 2 HOH 10 108 108 HOH HOH C . 
K 2 HOH 11 109 109 HOH HOH C . 
L 2 HOH 1  68  68  HOH HOH D . 
L 2 HOH 2  69  69  HOH HOH D . 
L 2 HOH 3  70  70  HOH HOH D . 
L 2 HOH 4  71  71  HOH HOH D . 
L 2 HOH 5  72  72  HOH HOH D . 
L 2 HOH 6  90  90  HOH HOH D . 
L 2 HOH 7  100 100 HOH HOH D . 
L 2 HOH 8  101 101 HOH HOH D . 
L 2 HOH 9  102 102 HOH HOH D . 
L 2 HOH 10 103 103 HOH HOH D . 
L 2 HOH 11 107 107 HOH HOH D . 
L 2 HOH 12 110 110 HOH HOH D . 
M 2 HOH 1  55  55  HOH HOH E . 
M 2 HOH 2  67  67  HOH HOH E . 
M 2 HOH 3  73  73  HOH HOH E . 
M 2 HOH 4  74  74  HOH HOH E . 
M 2 HOH 5  75  75  HOH HOH E . 
M 2 HOH 6  76  76  HOH HOH E . 
M 2 HOH 7  77  77  HOH HOH E . 
M 2 HOH 8  78  78  HOH HOH E . 
M 2 HOH 9  79  79  HOH HOH E . 
M 2 HOH 10 94  94  HOH HOH E . 
M 2 HOH 11 95  95  HOH HOH E . 
M 2 HOH 12 104 104 HOH HOH E . 
N 2 HOH 1  80  80  HOH HOH F . 
N 2 HOH 2  81  81  HOH HOH F . 
N 2 HOH 3  82  82  HOH HOH F . 
N 2 HOH 4  83  83  HOH HOH F . 
N 2 HOH 5  84  84  HOH HOH F . 
N 2 HOH 6  85  85  HOH HOH F . 
N 2 HOH 7  92  92  HOH HOH F . 
N 2 HOH 8  93  93  HOH HOH F . 
N 2 HOH 9  111 111 HOH HOH F . 
N 2 HOH 10 112 112 HOH HOH F . 
N 2 HOH 11 113 113 HOH HOH F . 
N 2 HOH 12 118 118 HOH HOH F . 
O 2 HOH 1  86  86  HOH HOH G . 
O 2 HOH 2  87  87  HOH HOH G . 
O 2 HOH 3  88  88  HOH HOH G . 
O 2 HOH 4  89  89  HOH HOH G . 
O 2 HOH 5  121 121 HOH HOH G . 
P 2 HOH 1  91  91  HOH HOH H . 
P 2 HOH 2  119 119 HOH HOH H . 
P 2 HOH 3  120 120 HOH HOH H . 
# 
loop_
_software.name 
_software.classification 
_software.version 
_software.citation_id 
_software.pdbx_ordinal 
AMoRE     phasing        .   ? 1 
CNS       refinement     0.9 ? 2 
SCALEPACK 'data scaling' .   ? 3 
# 
_cell.entry_id           1IH3 
_cell.length_a           42.345 
_cell.length_b           42.345 
_cell.length_c           179.399 
_cell.angle_alpha        90.00 
_cell.angle_beta         90.00 
_cell.angle_gamma        120.00 
_cell.Z_PDB              48 
_cell.pdbx_unique_axis   ? 
# 
_symmetry.entry_id                         1IH3 
_symmetry.space_group_name_H-M             'P 32 2 1' 
_symmetry.pdbx_full_space_group_name_H-M   ? 
_symmetry.cell_setting                     ? 
_symmetry.Int_Tables_number                154 
# 
_exptl.entry_id          1IH3 
_exptl.method            'X-RAY DIFFRACTION' 
_exptl.crystals_number   1 
# 
_exptl_crystal.id                    1 
_exptl_crystal.density_meas          ? 
_exptl_crystal.density_Matthews      4.61 
_exptl_crystal.density_percent_sol   73.34 
_exptl_crystal.description           ? 
# 
_exptl_crystal_grow.crystal_id      1 
_exptl_crystal_grow.method          'VAPOR DIFFUSION, SITTING DROP' 
_exptl_crystal_grow.temp            298 
_exptl_crystal_grow.temp_details    ? 
_exptl_crystal_grow.pH              6.0 
_exptl_crystal_grow.pdbx_details    
'magnesium chloride, sodium cacodylate, spermine tetrahydrochloride, pH 6.0, VAPOR DIFFUSION, SITTING DROP, temperature 298K' 
_exptl_crystal_grow.pdbx_pH_range   ? 
# 
loop_
_exptl_crystal_grow_comp.crystal_id 
_exptl_crystal_grow_comp.id 
_exptl_crystal_grow_comp.sol_id 
_exptl_crystal_grow_comp.name 
_exptl_crystal_grow_comp.volume 
_exptl_crystal_grow_comp.conc 
_exptl_crystal_grow_comp.details 
1 1 1 'magnesium chloride'          ? ? ? 
1 2 1 'sodium cacodylate'           ? ? ? 
1 3 1 'spermine tetrahydrochloride' ? ? ? 
# 
_diffrn.id                     1 
_diffrn.ambient_temp           298 
_diffrn.ambient_temp_details   ? 
_diffrn.crystal_id             1 
# 
_diffrn_detector.diffrn_id              1 
_diffrn_detector.detector               'IMAGE PLATE' 
_diffrn_detector.type                   'RIGAKU RAXIS IV' 
_diffrn_detector.pdbx_collection_date   1999-09-08 
_diffrn_detector.details                ? 
# 
_diffrn_radiation.diffrn_id                        1 
_diffrn_radiation.wavelength_id                    1 
_diffrn_radiation.pdbx_monochromatic_or_laue_m_l   M 
_diffrn_radiation.monochromator                    'Yale Mirrors' 
_diffrn_radiation.pdbx_diffrn_protocol             'SINGLE WAVELENGTH' 
_diffrn_radiation.pdbx_scattering_type             x-ray 
# 
_diffrn_radiation_wavelength.id           1 
_diffrn_radiation_wavelength.wavelength   1.5418 
_diffrn_radiation_wavelength.wt           1.0 
# 
_diffrn_source.diffrn_id                   1 
_diffrn_source.source                      'ROTATING ANODE' 
_diffrn_source.type                        'RIGAKU RU300' 
_diffrn_source.pdbx_synchrotron_site       ? 
_diffrn_source.pdbx_synchrotron_beamline   ? 
_diffrn_source.pdbx_wavelength             ? 
_diffrn_source.pdbx_wavelength_list        1.5418 
# 
_reflns.entry_id                     1IH3 
_reflns.observed_criterion_sigma_I   0.0 
_reflns.observed_criterion_sigma_F   0.0 
_reflns.d_resolution_low             20.0 
_reflns.d_resolution_high            2.4 
_reflns.number_obs                   7273 
_reflns.number_all                   7273 
_reflns.percent_possible_obs         91.7 
_reflns.pdbx_Rmerge_I_obs            0.058 
_reflns.pdbx_Rsym_value              ? 
_reflns.pdbx_netI_over_sigmaI        30.4 
_reflns.B_iso_Wilson_estimate        49.7 
_reflns.pdbx_redundancy              6.8 
_reflns.R_free_details               ? 
_reflns.pdbx_diffrn_id               1 
_reflns.pdbx_ordinal                 1 
# 
_reflns_shell.d_res_high             2.4 
_reflns_shell.d_res_low              2.49 
_reflns_shell.percent_possible_all   61.5 
_reflns_shell.Rmerge_I_obs           0.353 
_reflns_shell.pdbx_Rsym_value        ? 
_reflns_shell.meanI_over_sigI_obs    ? 
_reflns_shell.pdbx_redundancy        4.0 
_reflns_shell.percent_possible_obs   ? 
_reflns_shell.number_unique_all      ? 
_reflns_shell.pdbx_diffrn_id         ? 
_reflns_shell.pdbx_ordinal           1 
# 
_refine.entry_id                                 1IH3 
_refine.ls_number_reflns_obs                     7269 
_refine.ls_number_reflns_all                     7269 
_refine.pdbx_ls_sigma_I                          0.0 
_refine.pdbx_ls_sigma_F                          0.0 
_refine.pdbx_data_cutoff_high_absF               ? 
_refine.pdbx_data_cutoff_low_absF                ? 
_refine.ls_d_res_low                             20.0 
_refine.ls_d_res_high                            2.4 
_refine.ls_percent_reflns_obs                    ? 
_refine.ls_R_factor_obs                          0.198 
_refine.ls_R_factor_all                          0.198 
_refine.ls_R_factor_R_work                       0.173 
_refine.ls_R_factor_R_free                       0.2 
_refine.ls_R_factor_R_free_error                 ? 
_refine.ls_R_factor_R_free_error_details         ? 
_refine.ls_percent_reflns_R_free                 ? 
_refine.ls_number_reflns_R_free                  325 
_refine.ls_number_parameters                     ? 
_refine.ls_number_restraints                     ? 
_refine.occupancy_min                            ? 
_refine.occupancy_max                            ? 
_refine.B_iso_mean                               ? 
_refine.aniso_B[1][1]                            ? 
_refine.aniso_B[2][2]                            ? 
_refine.aniso_B[3][3]                            ? 
_refine.aniso_B[1][2]                            ? 
_refine.aniso_B[1][3]                            ? 
_refine.aniso_B[2][3]                            ? 
_refine.solvent_model_details                    ? 
_refine.solvent_model_param_ksol                 ? 
_refine.solvent_model_param_bsol                 ? 
_refine.pdbx_ls_cross_valid_method               ? 
_refine.details                                  ? 
_refine.pdbx_starting_model                      ? 
_refine.pdbx_method_to_determine_struct          'MOLECULAR REPLACEMENT' 
_refine.pdbx_isotropic_thermal_model             ? 
_refine.pdbx_stereochemistry_target_values       'G.Parkinson, J.Vojtechovsky, L.Clowney, A.T.Brunger, H.M.Berman' 
_refine.pdbx_stereochem_target_val_spec_case     ? 
_refine.pdbx_R_Free_selection_details            Random 
_refine.pdbx_overall_ESU_R_Free                  ? 
_refine.overall_SU_B                             ? 
_refine.ls_redundancy_reflns_obs                 ? 
_refine.correlation_coeff_Fo_to_Fc               ? 
_refine.correlation_coeff_Fo_to_Fc_free          ? 
_refine.overall_SU_R_Cruickshank_DPI             ? 
_refine.overall_SU_R_free                        ? 
_refine.overall_SU_ML                            ? 
_refine.pdbx_overall_ESU_R                       ? 
_refine.pdbx_data_cutoff_high_rms_absF           ? 
_refine.pdbx_refine_id                           'X-RAY DIFFRACTION' 
_refine.pdbx_diffrn_id                           1 
_refine.pdbx_TLS_residual_ADP_flag               ? 
_refine.pdbx_solvent_vdw_probe_radii             ? 
_refine.pdbx_solvent_ion_probe_radii             ? 
_refine.pdbx_solvent_shrinkage_radii             ? 
_refine.pdbx_overall_phase_error                 ? 
_refine.pdbx_overall_SU_R_free_Cruickshank_DPI   ? 
_refine.pdbx_overall_SU_R_Blow_DPI               ? 
_refine.pdbx_overall_SU_R_free_Blow_DPI          ? 
# 
_refine_hist.pdbx_refine_id                   'X-RAY DIFFRACTION' 
_refine_hist.cycle_id                         LAST 
_refine_hist.pdbx_number_atoms_protein        0 
_refine_hist.pdbx_number_atoms_nucleic_acid   960 
_refine_hist.pdbx_number_atoms_ligand         16 
_refine_hist.number_atoms_solvent             73 
_refine_hist.number_atoms_total               1049 
_refine_hist.d_res_high                       2.4 
_refine_hist.d_res_low                        20.0 
# 
loop_
_refine_ls_restr.type 
_refine_ls_restr.dev_ideal 
_refine_ls_restr.dev_ideal_target 
_refine_ls_restr.weight 
_refine_ls_restr.number 
_refine_ls_restr.pdbx_refine_id 
_refine_ls_restr.pdbx_restraint_function 
c_bond_d    0.003 ? ? ? 'X-RAY DIFFRACTION' ? 
c_angle_deg 0.82  ? ? ? 'X-RAY DIFFRACTION' ? 
# 
_struct.entry_id                  1IH3 
_struct.title                     'Multi-conformation crystal structure of GGm5CGm5CC' 
_struct.pdbx_model_details        ? 
_struct.pdbx_CASP_flag            ? 
_struct.pdbx_model_type_details   ? 
# 
_struct_keywords.entry_id        1IH3 
_struct_keywords.pdbx_keywords   DNA 
_struct_keywords.text            'B to A DNA transition, DNA transition, structural transition, DNA' 
# 
loop_
_struct_asym.id 
_struct_asym.pdbx_blank_PDB_chainid_flag 
_struct_asym.pdbx_modified 
_struct_asym.entity_id 
_struct_asym.details 
A N N 1 ? 
B N N 1 ? 
C N N 1 ? 
D N N 1 ? 
E N N 1 ? 
F N N 1 ? 
G N N 1 ? 
H N N 1 ? 
I N N 2 ? 
J N N 2 ? 
K N N 2 ? 
L N N 2 ? 
M N N 2 ? 
N N N 2 ? 
O N N 2 ? 
P N N 2 ? 
# 
_struct_ref.id                         1 
_struct_ref.entity_id                  1 
_struct_ref.db_name                    PDB 
_struct_ref.db_code                    1IH3 
_struct_ref.pdbx_db_accession          1IH3 
_struct_ref.pdbx_db_isoform            ? 
_struct_ref.pdbx_seq_one_letter_code   ? 
_struct_ref.pdbx_align_begin           ? 
# 
loop_
_struct_ref_seq.align_id 
_struct_ref_seq.ref_id 
_struct_ref_seq.pdbx_PDB_id_code 
_struct_ref_seq.pdbx_strand_id 
_struct_ref_seq.seq_align_beg 
_struct_ref_seq.pdbx_seq_align_beg_ins_code 
_struct_ref_seq.seq_align_end 
_struct_ref_seq.pdbx_seq_align_end_ins_code 
_struct_ref_seq.pdbx_db_accession 
_struct_ref_seq.db_align_beg 
_struct_ref_seq.pdbx_db_align_beg_ins_code 
_struct_ref_seq.db_align_end 
_struct_ref_seq.pdbx_db_align_end_ins_code 
_struct_ref_seq.pdbx_auth_seq_align_beg 
_struct_ref_seq.pdbx_auth_seq_align_end 
1 1 1IH3 A 1 ? 6 ? 1IH3 1  ? 6  ? 1  6  
2 1 1IH3 B 1 ? 6 ? 1IH3 7  ? 12 ? 7  12 
3 1 1IH3 C 1 ? 6 ? 1IH3 13 ? 18 ? 13 18 
4 1 1IH3 D 1 ? 6 ? 1IH3 19 ? 24 ? 19 24 
5 1 1IH3 E 1 ? 6 ? 1IH3 25 ? 30 ? 25 30 
6 1 1IH3 F 1 ? 6 ? 1IH3 31 ? 36 ? 31 36 
7 1 1IH3 G 1 ? 6 ? 1IH3 37 ? 42 ? 37 42 
8 1 1IH3 H 1 ? 6 ? 1IH3 43 ? 48 ? 43 48 
# 
loop_
_pdbx_struct_assembly.id 
_pdbx_struct_assembly.details 
_pdbx_struct_assembly.method_details 
_pdbx_struct_assembly.oligomeric_details 
_pdbx_struct_assembly.oligomeric_count 
1 author_defined_assembly ? dimeric 2 
2 author_defined_assembly ? dimeric 2 
3 author_defined_assembly ? dimeric 2 
4 author_defined_assembly ? dimeric 2 
# 
loop_
_pdbx_struct_assembly_gen.assembly_id 
_pdbx_struct_assembly_gen.oper_expression 
_pdbx_struct_assembly_gen.asym_id_list 
1 1 A,B,I,J 
2 1 C,D,K,L 
3 1 E,F,M,N 
4 1 G,H,O,P 
# 
_pdbx_struct_oper_list.id                   1 
_pdbx_struct_oper_list.type                 'identity operation' 
_pdbx_struct_oper_list.name                 1_555 
_pdbx_struct_oper_list.symmetry_operation   x,y,z 
_pdbx_struct_oper_list.matrix[1][1]         1.0000000000 
_pdbx_struct_oper_list.matrix[1][2]         0.0000000000 
_pdbx_struct_oper_list.matrix[1][3]         0.0000000000 
_pdbx_struct_oper_list.vector[1]            0.0000000000 
_pdbx_struct_oper_list.matrix[2][1]         0.0000000000 
_pdbx_struct_oper_list.matrix[2][2]         1.0000000000 
_pdbx_struct_oper_list.matrix[2][3]         0.0000000000 
_pdbx_struct_oper_list.vector[2]            0.0000000000 
_pdbx_struct_oper_list.matrix[3][1]         0.0000000000 
_pdbx_struct_oper_list.matrix[3][2]         0.0000000000 
_pdbx_struct_oper_list.matrix[3][3]         1.0000000000 
_pdbx_struct_oper_list.vector[3]            0.0000000000 
# 
loop_
_struct_biol.id 
_struct_biol.pdbx_parent_biol_id 
_struct_biol.details 
1 ? ? 
2 ? ? 
3 ? ? 
4 ? ? 
# 
loop_
_struct_conn.id 
_struct_conn.conn_type_id 
_struct_conn.pdbx_leaving_atom_flag 
_struct_conn.pdbx_PDB_id 
_struct_conn.ptnr1_label_asym_id 
_struct_conn.ptnr1_label_comp_id 
_struct_conn.ptnr1_label_seq_id 
_struct_conn.ptnr1_label_atom_id 
_struct_conn.pdbx_ptnr1_label_alt_id 
_struct_conn.pdbx_ptnr1_PDB_ins_code 
_struct_conn.pdbx_ptnr1_standard_comp_id 
_struct_conn.ptnr1_symmetry 
_struct_conn.ptnr2_label_asym_id 
_struct_conn.ptnr2_label_comp_id 
_struct_conn.ptnr2_label_seq_id 
_struct_conn.ptnr2_label_atom_id 
_struct_conn.pdbx_ptnr2_label_alt_id 
_struct_conn.pdbx_ptnr2_PDB_ins_code 
_struct_conn.ptnr1_auth_asym_id 
_struct_conn.ptnr1_auth_comp_id 
_struct_conn.ptnr1_auth_seq_id 
_struct_conn.ptnr2_auth_asym_id 
_struct_conn.ptnr2_auth_comp_id 
_struct_conn.ptnr2_auth_seq_id 
_struct_conn.ptnr2_symmetry 
_struct_conn.pdbx_ptnr3_label_atom_id 
_struct_conn.pdbx_ptnr3_label_seq_id 
_struct_conn.pdbx_ptnr3_label_comp_id 
_struct_conn.pdbx_ptnr3_label_asym_id 
_struct_conn.pdbx_ptnr3_label_alt_id 
_struct_conn.pdbx_ptnr3_PDB_ins_code 
_struct_conn.details 
_struct_conn.pdbx_dist_value 
_struct_conn.pdbx_value_order 
_struct_conn.pdbx_role 
covale1  covale both ? A DG  2 "O3'" ? ? ? 1_555 A 5CM 3 P  ? ? A DG  2  A 5CM 3  1_555 ? ? ? ? ? ? ?            1.605 ? ? 
covale2  covale both ? A 5CM 3 "O3'" ? ? ? 1_555 A DG  4 P  ? ? A 5CM 3  A DG  4  1_555 ? ? ? ? ? ? ?            1.606 ? ? 
covale3  covale both ? A DG  4 "O3'" ? ? ? 1_555 A 5CM 5 P  ? ? A DG  4  A 5CM 5  1_555 ? ? ? ? ? ? ?            1.610 ? ? 
covale4  covale both ? A 5CM 5 "O3'" ? ? ? 1_555 A DC  6 P  ? ? A 5CM 5  A DC  6  1_555 ? ? ? ? ? ? ?            1.604 ? ? 
covale5  covale both ? B DG  2 "O3'" ? ? ? 1_555 B 5CM 3 P  ? ? B DG  8  B 5CM 9  1_555 ? ? ? ? ? ? ?            1.608 ? ? 
covale6  covale both ? B 5CM 3 "O3'" ? ? ? 1_555 B DG  4 P  ? ? B 5CM 9  B DG  10 1_555 ? ? ? ? ? ? ?            1.606 ? ? 
covale7  covale both ? B DG  4 "O3'" ? ? ? 1_555 B 5CM 5 P  ? ? B DG  10 B 5CM 11 1_555 ? ? ? ? ? ? ?            1.610 ? ? 
covale8  covale both ? B 5CM 5 "O3'" ? ? ? 1_555 B DC  6 P  ? ? B 5CM 11 B DC  12 1_555 ? ? ? ? ? ? ?            1.599 ? ? 
covale9  covale both ? C DG  2 "O3'" ? ? ? 1_555 C 5CM 3 P  ? ? C DG  14 C 5CM 15 1_555 ? ? ? ? ? ? ?            1.601 ? ? 
covale10 covale both ? C 5CM 3 "O3'" ? ? ? 1_555 C DG  4 P  ? ? C 5CM 15 C DG  16 1_555 ? ? ? ? ? ? ?            1.609 ? ? 
covale11 covale both ? C DG  4 "O3'" ? ? ? 1_555 C 5CM 5 P  ? ? C DG  16 C 5CM 17 1_555 ? ? ? ? ? ? ?            1.607 ? ? 
covale12 covale both ? C 5CM 5 "O3'" ? ? ? 1_555 C DC  6 P  ? ? C 5CM 17 C DC  18 1_555 ? ? ? ? ? ? ?            1.608 ? ? 
covale13 covale both ? D DG  2 "O3'" ? ? ? 1_555 D 5CM 3 P  ? ? D DG  20 D 5CM 21 1_555 ? ? ? ? ? ? ?            1.608 ? ? 
covale14 covale both ? D 5CM 3 "O3'" ? ? ? 1_555 D DG  4 P  ? ? D 5CM 21 D DG  22 1_555 ? ? ? ? ? ? ?            1.603 ? ? 
covale15 covale both ? D DG  4 "O3'" ? ? ? 1_555 D 5CM 5 P  ? ? D DG  22 D 5CM 23 1_555 ? ? ? ? ? ? ?            1.606 ? ? 
covale16 covale both ? D 5CM 5 "O3'" ? ? ? 1_555 D DC  6 P  ? ? D 5CM 23 D DC  24 1_555 ? ? ? ? ? ? ?            1.605 ? ? 
covale17 covale both ? E DG  2 "O3'" ? ? ? 1_555 E 5CM 3 P  ? ? E DG  26 E 5CM 27 1_555 ? ? ? ? ? ? ?            1.603 ? ? 
covale18 covale both ? E 5CM 3 "O3'" ? ? ? 1_555 E DG  4 P  ? ? E 5CM 27 E DG  28 1_555 ? ? ? ? ? ? ?            1.603 ? ? 
covale19 covale both ? E DG  4 "O3'" ? ? ? 1_555 E 5CM 5 P  ? ? E DG  28 E 5CM 29 1_555 ? ? ? ? ? ? ?            1.604 ? ? 
covale20 covale both ? E 5CM 5 "O3'" ? ? ? 1_555 E DC  6 P  ? ? E 5CM 29 E DC  30 1_555 ? ? ? ? ? ? ?            1.608 ? ? 
covale21 covale both ? F DG  2 "O3'" ? ? ? 1_555 F 5CM 3 P  ? ? F DG  32 F 5CM 33 1_555 ? ? ? ? ? ? ?            1.603 ? ? 
covale22 covale both ? F 5CM 3 "O3'" ? ? ? 1_555 F DG  4 P  ? ? F 5CM 33 F DG  34 1_555 ? ? ? ? ? ? ?            1.608 ? ? 
covale23 covale both ? F DG  4 "O3'" ? ? ? 1_555 F 5CM 5 P  ? ? F DG  34 F 5CM 35 1_555 ? ? ? ? ? ? ?            1.606 ? ? 
covale24 covale both ? F 5CM 5 "O3'" ? ? ? 1_555 F DC  6 P  ? ? F 5CM 35 F DC  36 1_555 ? ? ? ? ? ? ?            1.604 ? ? 
covale25 covale both ? G DG  2 "O3'" ? ? ? 1_555 G 5CM 3 P  ? ? G DG  38 G 5CM 39 1_555 ? ? ? ? ? ? ?            1.604 ? ? 
covale26 covale both ? G 5CM 3 "O3'" ? ? ? 1_555 G DG  4 P  ? ? G 5CM 39 G DG  40 1_555 ? ? ? ? ? ? ?            1.607 ? ? 
covale27 covale both ? G DG  4 "O3'" ? ? ? 1_555 G 5CM 5 P  ? ? G DG  40 G 5CM 41 1_555 ? ? ? ? ? ? ?            1.607 ? ? 
covale28 covale both ? G 5CM 5 "O3'" ? ? ? 1_555 G DC  6 P  ? ? G 5CM 41 G DC  42 1_555 ? ? ? ? ? ? ?            1.606 ? ? 
covale29 covale both ? H DG  2 "O3'" ? ? ? 1_555 H 5CM 3 P  ? ? H DG  44 H 5CM 45 1_555 ? ? ? ? ? ? ?            1.605 ? ? 
covale30 covale both ? H 5CM 3 "O3'" ? ? ? 1_555 H DG  4 P  ? ? H 5CM 45 H DG  46 1_555 ? ? ? ? ? ? ?            1.610 ? ? 
covale31 covale both ? H DG  4 "O3'" ? ? ? 1_555 H 5CM 5 P  ? ? H DG  46 H 5CM 47 1_555 ? ? ? ? ? ? ?            1.609 ? ? 
covale32 covale both ? H 5CM 5 "O3'" ? ? ? 1_555 H DC  6 P  ? ? H 5CM 47 H DC  48 1_555 ? ? ? ? ? ? ?            1.608 ? ? 
hydrog1  hydrog ?    ? A DG  1 N1    ? ? ? 1_555 B DC  6 N3 ? ? A DG  1  B DC  12 1_555 ? ? ? ? ? ? WATSON-CRICK ?     ? ? 
hydrog2  hydrog ?    ? A DG  1 N2    ? ? ? 1_555 B DC  6 O2 ? ? A DG  1  B DC  12 1_555 ? ? ? ? ? ? WATSON-CRICK ?     ? ? 
hydrog3  hydrog ?    ? A DG  1 O6    ? ? ? 1_555 B DC  6 N4 ? ? A DG  1  B DC  12 1_555 ? ? ? ? ? ? WATSON-CRICK ?     ? ? 
hydrog4  hydrog ?    ? A DG  2 N1    ? ? ? 1_555 B 5CM 5 N3 ? ? A DG  2  B 5CM 11 1_555 ? ? ? ? ? ? WATSON-CRICK ?     ? ? 
hydrog5  hydrog ?    ? A DG  2 N2    ? ? ? 1_555 B 5CM 5 O2 ? ? A DG  2  B 5CM 11 1_555 ? ? ? ? ? ? WATSON-CRICK ?     ? ? 
hydrog6  hydrog ?    ? A DG  2 O6    ? ? ? 1_555 B 5CM 5 N4 ? ? A DG  2  B 5CM 11 1_555 ? ? ? ? ? ? WATSON-CRICK ?     ? ? 
hydrog7  hydrog ?    ? A 5CM 3 N3    ? ? ? 1_555 B DG  4 N1 ? ? A 5CM 3  B DG  10 1_555 ? ? ? ? ? ? WATSON-CRICK ?     ? ? 
hydrog8  hydrog ?    ? A 5CM 3 N4    ? ? ? 1_555 B DG  4 O6 ? ? A 5CM 3  B DG  10 1_555 ? ? ? ? ? ? WATSON-CRICK ?     ? ? 
hydrog9  hydrog ?    ? A 5CM 3 O2    ? ? ? 1_555 B DG  4 N2 ? ? A 5CM 3  B DG  10 1_555 ? ? ? ? ? ? WATSON-CRICK ?     ? ? 
hydrog10 hydrog ?    ? A DG  4 N1    ? ? ? 1_555 B 5CM 3 N3 ? ? A DG  4  B 5CM 9  1_555 ? ? ? ? ? ? WATSON-CRICK ?     ? ? 
hydrog11 hydrog ?    ? A DG  4 N2    ? ? ? 1_555 B 5CM 3 O2 ? ? A DG  4  B 5CM 9  1_555 ? ? ? ? ? ? WATSON-CRICK ?     ? ? 
hydrog12 hydrog ?    ? A DG  4 O6    ? ? ? 1_555 B 5CM 3 N4 ? ? A DG  4  B 5CM 9  1_555 ? ? ? ? ? ? WATSON-CRICK ?     ? ? 
hydrog13 hydrog ?    ? A 5CM 5 N3    ? ? ? 1_555 B DG  2 N1 ? ? A 5CM 5  B DG  8  1_555 ? ? ? ? ? ? WATSON-CRICK ?     ? ? 
hydrog14 hydrog ?    ? A 5CM 5 N4    ? ? ? 1_555 B DG  2 O6 ? ? A 5CM 5  B DG  8  1_555 ? ? ? ? ? ? WATSON-CRICK ?     ? ? 
hydrog15 hydrog ?    ? A 5CM 5 O2    ? ? ? 1_555 B DG  2 N2 ? ? A 5CM 5  B DG  8  1_555 ? ? ? ? ? ? WATSON-CRICK ?     ? ? 
hydrog16 hydrog ?    ? A DC  6 N3    ? ? ? 1_555 B DG  1 N1 ? ? A DC  6  B DG  7  1_555 ? ? ? ? ? ? WATSON-CRICK ?     ? ? 
hydrog17 hydrog ?    ? A DC  6 N4    ? ? ? 1_555 B DG  1 O6 ? ? A DC  6  B DG  7  1_555 ? ? ? ? ? ? WATSON-CRICK ?     ? ? 
hydrog18 hydrog ?    ? A DC  6 O2    ? ? ? 1_555 B DG  1 N2 ? ? A DC  6  B DG  7  1_555 ? ? ? ? ? ? WATSON-CRICK ?     ? ? 
hydrog19 hydrog ?    ? A DC  6 O2    ? ? ? 1_555 D DG  1 N2 ? ? A DC  6  D DG  19 1_555 ? ? ? ? ? ? 'DC-DG PAIR' ?     ? ? 
hydrog20 hydrog ?    ? C DG  1 N1    ? ? ? 1_555 D DC  6 N3 ? ? C DG  13 D DC  24 1_555 ? ? ? ? ? ? WATSON-CRICK ?     ? ? 
hydrog21 hydrog ?    ? C DG  1 N2    ? ? ? 1_555 D DC  6 O2 ? ? C DG  13 D DC  24 1_555 ? ? ? ? ? ? WATSON-CRICK ?     ? ? 
hydrog22 hydrog ?    ? C DG  1 O6    ? ? ? 1_555 D DC  6 N4 ? ? C DG  13 D DC  24 1_555 ? ? ? ? ? ? WATSON-CRICK ?     ? ? 
hydrog23 hydrog ?    ? C DG  2 N1    ? ? ? 1_555 D 5CM 5 N3 ? ? C DG  14 D 5CM 23 1_555 ? ? ? ? ? ? WATSON-CRICK ?     ? ? 
hydrog24 hydrog ?    ? C DG  2 N2    ? ? ? 1_555 D 5CM 5 O2 ? ? C DG  14 D 5CM 23 1_555 ? ? ? ? ? ? WATSON-CRICK ?     ? ? 
hydrog25 hydrog ?    ? C DG  2 O6    ? ? ? 1_555 D 5CM 5 N4 ? ? C DG  14 D 5CM 23 1_555 ? ? ? ? ? ? WATSON-CRICK ?     ? ? 
hydrog26 hydrog ?    ? C 5CM 3 N3    ? ? ? 1_555 D DG  4 N1 ? ? C 5CM 15 D DG  22 1_555 ? ? ? ? ? ? WATSON-CRICK ?     ? ? 
hydrog27 hydrog ?    ? C 5CM 3 N4    ? ? ? 1_555 D DG  4 O6 ? ? C 5CM 15 D DG  22 1_555 ? ? ? ? ? ? WATSON-CRICK ?     ? ? 
hydrog28 hydrog ?    ? C 5CM 3 O2    ? ? ? 1_555 D DG  4 N2 ? ? C 5CM 15 D DG  22 1_555 ? ? ? ? ? ? WATSON-CRICK ?     ? ? 
hydrog29 hydrog ?    ? C DG  4 N1    ? ? ? 1_555 D 5CM 3 N3 ? ? C DG  16 D 5CM 21 1_555 ? ? ? ? ? ? WATSON-CRICK ?     ? ? 
hydrog30 hydrog ?    ? C DG  4 N2    ? ? ? 1_555 D 5CM 3 O2 ? ? C DG  16 D 5CM 21 1_555 ? ? ? ? ? ? WATSON-CRICK ?     ? ? 
hydrog31 hydrog ?    ? C DG  4 O6    ? ? ? 1_555 D 5CM 3 N4 ? ? C DG  16 D 5CM 21 1_555 ? ? ? ? ? ? WATSON-CRICK ?     ? ? 
hydrog32 hydrog ?    ? C 5CM 5 N3    ? ? ? 1_555 D DG  2 N1 ? ? C 5CM 17 D DG  20 1_555 ? ? ? ? ? ? WATSON-CRICK ?     ? ? 
hydrog33 hydrog ?    ? C 5CM 5 N4    ? ? ? 1_555 D DG  2 O6 ? ? C 5CM 17 D DG  20 1_555 ? ? ? ? ? ? WATSON-CRICK ?     ? ? 
hydrog34 hydrog ?    ? C 5CM 5 O2    ? ? ? 1_555 D DG  2 N2 ? ? C 5CM 17 D DG  20 1_555 ? ? ? ? ? ? WATSON-CRICK ?     ? ? 
hydrog35 hydrog ?    ? C DC  6 N3    ? ? ? 1_555 D DG  1 N1 ? ? C DC  18 D DG  19 1_555 ? ? ? ? ? ? WATSON-CRICK ?     ? ? 
hydrog36 hydrog ?    ? C DC  6 N4    ? ? ? 1_555 D DG  1 O6 ? ? C DC  18 D DG  19 1_555 ? ? ? ? ? ? WATSON-CRICK ?     ? ? 
hydrog37 hydrog ?    ? C DC  6 O2    ? ? ? 1_555 D DG  1 N2 ? ? C DC  18 D DG  19 1_555 ? ? ? ? ? ? WATSON-CRICK ?     ? ? 
hydrog38 hydrog ?    ? E DG  1 N1    ? ? ? 1_555 F DC  6 N3 ? ? E DG  25 F DC  36 1_555 ? ? ? ? ? ? WATSON-CRICK ?     ? ? 
hydrog39 hydrog ?    ? E DG  1 N2    ? ? ? 1_555 F DC  6 O2 ? ? E DG  25 F DC  36 1_555 ? ? ? ? ? ? WATSON-CRICK ?     ? ? 
hydrog40 hydrog ?    ? E DG  1 O6    ? ? ? 1_555 F DC  6 N4 ? ? E DG  25 F DC  36 1_555 ? ? ? ? ? ? WATSON-CRICK ?     ? ? 
hydrog41 hydrog ?    ? E DG  2 N1    ? ? ? 1_555 F 5CM 5 N3 ? ? E DG  26 F 5CM 35 1_555 ? ? ? ? ? ? WATSON-CRICK ?     ? ? 
hydrog42 hydrog ?    ? E DG  2 N2    ? ? ? 1_555 F 5CM 5 O2 ? ? E DG  26 F 5CM 35 1_555 ? ? ? ? ? ? WATSON-CRICK ?     ? ? 
hydrog43 hydrog ?    ? E DG  2 O6    ? ? ? 1_555 F 5CM 5 N4 ? ? E DG  26 F 5CM 35 1_555 ? ? ? ? ? ? WATSON-CRICK ?     ? ? 
hydrog44 hydrog ?    ? E 5CM 3 N3    ? ? ? 1_555 F DG  4 N1 ? ? E 5CM 27 F DG  34 1_555 ? ? ? ? ? ? WATSON-CRICK ?     ? ? 
hydrog45 hydrog ?    ? E 5CM 3 N4    ? ? ? 1_555 F DG  4 O6 ? ? E 5CM 27 F DG  34 1_555 ? ? ? ? ? ? WATSON-CRICK ?     ? ? 
hydrog46 hydrog ?    ? E 5CM 3 O2    ? ? ? 1_555 F DG  4 N2 ? ? E 5CM 27 F DG  34 1_555 ? ? ? ? ? ? WATSON-CRICK ?     ? ? 
hydrog47 hydrog ?    ? E DG  4 N1    ? ? ? 1_555 F 5CM 3 N3 ? ? E DG  28 F 5CM 33 1_555 ? ? ? ? ? ? WATSON-CRICK ?     ? ? 
hydrog48 hydrog ?    ? E DG  4 N2    ? ? ? 1_555 F 5CM 3 O2 ? ? E DG  28 F 5CM 33 1_555 ? ? ? ? ? ? WATSON-CRICK ?     ? ? 
hydrog49 hydrog ?    ? E DG  4 O6    ? ? ? 1_555 F 5CM 3 N4 ? ? E DG  28 F 5CM 33 1_555 ? ? ? ? ? ? WATSON-CRICK ?     ? ? 
hydrog50 hydrog ?    ? E 5CM 5 N3    ? ? ? 1_555 F DG  2 N1 ? ? E 5CM 29 F DG  32 1_555 ? ? ? ? ? ? WATSON-CRICK ?     ? ? 
hydrog51 hydrog ?    ? E 5CM 5 N4    ? ? ? 1_555 F DG  2 O6 ? ? E 5CM 29 F DG  32 1_555 ? ? ? ? ? ? WATSON-CRICK ?     ? ? 
hydrog52 hydrog ?    ? E 5CM 5 O2    ? ? ? 1_555 F DG  2 N2 ? ? E 5CM 29 F DG  32 1_555 ? ? ? ? ? ? WATSON-CRICK ?     ? ? 
hydrog53 hydrog ?    ? E DC  6 N3    ? ? ? 1_555 F DG  1 N1 ? ? E DC  30 F DG  31 1_555 ? ? ? ? ? ? WATSON-CRICK ?     ? ? 
hydrog54 hydrog ?    ? E DC  6 N4    ? ? ? 1_555 F DG  1 O6 ? ? E DC  30 F DG  31 1_555 ? ? ? ? ? ? WATSON-CRICK ?     ? ? 
hydrog55 hydrog ?    ? E DC  6 O2    ? ? ? 1_555 F DG  1 N2 ? ? E DC  30 F DG  31 1_555 ? ? ? ? ? ? WATSON-CRICK ?     ? ? 
hydrog56 hydrog ?    ? G DG  1 N1    ? ? ? 1_555 H DC  6 N3 ? ? G DG  37 H DC  48 1_555 ? ? ? ? ? ? WATSON-CRICK ?     ? ? 
hydrog57 hydrog ?    ? G DG  1 N2    ? ? ? 1_555 H DC  6 O2 ? ? G DG  37 H DC  48 1_555 ? ? ? ? ? ? WATSON-CRICK ?     ? ? 
hydrog58 hydrog ?    ? G DG  1 O6    ? ? ? 1_555 H DC  6 N4 ? ? G DG  37 H DC  48 1_555 ? ? ? ? ? ? WATSON-CRICK ?     ? ? 
hydrog59 hydrog ?    ? G DG  2 N1    ? ? ? 1_555 H 5CM 5 N3 ? ? G DG  38 H 5CM 47 1_555 ? ? ? ? ? ? WATSON-CRICK ?     ? ? 
hydrog60 hydrog ?    ? G DG  2 N2    ? ? ? 1_555 H 5CM 5 O2 ? ? G DG  38 H 5CM 47 1_555 ? ? ? ? ? ? WATSON-CRICK ?     ? ? 
hydrog61 hydrog ?    ? G DG  2 O6    ? ? ? 1_555 H 5CM 5 N4 ? ? G DG  38 H 5CM 47 1_555 ? ? ? ? ? ? WATSON-CRICK ?     ? ? 
hydrog62 hydrog ?    ? G 5CM 3 N3    ? ? ? 1_555 H DG  4 N1 ? ? G 5CM 39 H DG  46 1_555 ? ? ? ? ? ? WATSON-CRICK ?     ? ? 
hydrog63 hydrog ?    ? G 5CM 3 N4    ? ? ? 1_555 H DG  4 O6 ? ? G 5CM 39 H DG  46 1_555 ? ? ? ? ? ? WATSON-CRICK ?     ? ? 
hydrog64 hydrog ?    ? G 5CM 3 O2    ? ? ? 1_555 H DG  4 N2 ? ? G 5CM 39 H DG  46 1_555 ? ? ? ? ? ? WATSON-CRICK ?     ? ? 
hydrog65 hydrog ?    ? G DG  4 N1    ? ? ? 1_555 H 5CM 3 N3 ? ? G DG  40 H 5CM 45 1_555 ? ? ? ? ? ? WATSON-CRICK ?     ? ? 
hydrog66 hydrog ?    ? G DG  4 N2    ? ? ? 1_555 H 5CM 3 O2 ? ? G DG  40 H 5CM 45 1_555 ? ? ? ? ? ? WATSON-CRICK ?     ? ? 
hydrog67 hydrog ?    ? G DG  4 O6    ? ? ? 1_555 H 5CM 3 N4 ? ? G DG  40 H 5CM 45 1_555 ? ? ? ? ? ? WATSON-CRICK ?     ? ? 
hydrog68 hydrog ?    ? G 5CM 5 N3    ? ? ? 1_555 H DG  2 N1 ? ? G 5CM 41 H DG  44 1_555 ? ? ? ? ? ? WATSON-CRICK ?     ? ? 
hydrog69 hydrog ?    ? G 5CM 5 N4    ? ? ? 1_555 H DG  2 O6 ? ? G 5CM 41 H DG  44 1_555 ? ? ? ? ? ? WATSON-CRICK ?     ? ? 
hydrog70 hydrog ?    ? G 5CM 5 O2    ? ? ? 1_555 H DG  2 N2 ? ? G 5CM 41 H DG  44 1_555 ? ? ? ? ? ? WATSON-CRICK ?     ? ? 
hydrog71 hydrog ?    ? G DC  6 N3    ? ? ? 1_555 H DG  1 N1 ? ? G DC  42 H DG  43 1_555 ? ? ? ? ? ? WATSON-CRICK ?     ? ? 
hydrog72 hydrog ?    ? G DC  6 N4    ? ? ? 1_555 H DG  1 O6 ? ? G DC  42 H DG  43 1_555 ? ? ? ? ? ? WATSON-CRICK ?     ? ? 
hydrog73 hydrog ?    ? G DC  6 O2    ? ? ? 1_555 H DG  1 N2 ? ? G DC  42 H DG  43 1_555 ? ? ? ? ? ? WATSON-CRICK ?     ? ? 
# 
loop_
_struct_conn_type.id 
_struct_conn_type.criteria 
_struct_conn_type.reference 
covale ? ? 
hydrog ? ? 
# 
loop_
_pdbx_struct_mod_residue.id 
_pdbx_struct_mod_residue.label_asym_id 
_pdbx_struct_mod_residue.label_comp_id 
_pdbx_struct_mod_residue.label_seq_id 
_pdbx_struct_mod_residue.auth_asym_id 
_pdbx_struct_mod_residue.auth_comp_id 
_pdbx_struct_mod_residue.auth_seq_id 
_pdbx_struct_mod_residue.PDB_ins_code 
_pdbx_struct_mod_residue.parent_comp_id 
_pdbx_struct_mod_residue.details 
1  A 5CM 3 A 5CM 3  ? DC ? 
2  A 5CM 5 A 5CM 5  ? DC ? 
3  B 5CM 3 B 5CM 9  ? DC ? 
4  B 5CM 5 B 5CM 11 ? DC ? 
5  C 5CM 3 C 5CM 15 ? DC ? 
6  C 5CM 5 C 5CM 17 ? DC ? 
7  D 5CM 3 D 5CM 21 ? DC ? 
8  D 5CM 5 D 5CM 23 ? DC ? 
9  E 5CM 3 E 5CM 27 ? DC ? 
10 E 5CM 5 E 5CM 29 ? DC ? 
11 F 5CM 3 F 5CM 33 ? DC ? 
12 F 5CM 5 F 5CM 35 ? DC ? 
13 G 5CM 3 G 5CM 39 ? DC ? 
14 G 5CM 5 G 5CM 41 ? DC ? 
15 H 5CM 3 H 5CM 45 ? DC ? 
16 H 5CM 5 H 5CM 47 ? DC ? 
# 
loop_
_chem_comp_atom.comp_id 
_chem_comp_atom.atom_id 
_chem_comp_atom.type_symbol 
_chem_comp_atom.pdbx_aromatic_flag 
_chem_comp_atom.pdbx_stereo_config 
_chem_comp_atom.pdbx_ordinal 
5CM N1     N N N 1   
5CM C2     C N N 2   
5CM N3     N N N 3   
5CM C4     C N N 4   
5CM C5     C N N 5   
5CM C5A    C N N 6   
5CM C6     C N N 7   
5CM O2     O N N 8   
5CM N4     N N N 9   
5CM "C1'"  C N R 10  
5CM "C2'"  C N N 11  
5CM "C3'"  C N S 12  
5CM "C4'"  C N R 13  
5CM "O4'"  O N N 14  
5CM "O3'"  O N N 15  
5CM "C5'"  C N N 16  
5CM "O5'"  O N N 17  
5CM P      P N N 18  
5CM OP1    O N N 19  
5CM OP2    O N N 20  
5CM OP3    O N N 21  
5CM H5A1   H N N 22  
5CM H5A2   H N N 23  
5CM H5A3   H N N 24  
5CM H6     H N N 25  
5CM HN41   H N N 26  
5CM HN42   H N N 27  
5CM "H1'"  H N N 28  
5CM "H2'"  H N N 29  
5CM "H2''" H N N 30  
5CM "H3'"  H N N 31  
5CM "H4'"  H N N 32  
5CM "HO3'" H N N 33  
5CM "H5'"  H N N 34  
5CM "H5''" H N N 35  
5CM HOP2   H N N 36  
5CM HOP3   H N N 37  
DC  OP3    O N N 38  
DC  P      P N N 39  
DC  OP1    O N N 40  
DC  OP2    O N N 41  
DC  "O5'"  O N N 42  
DC  "C5'"  C N N 43  
DC  "C4'"  C N R 44  
DC  "O4'"  O N N 45  
DC  "C3'"  C N S 46  
DC  "O3'"  O N N 47  
DC  "C2'"  C N N 48  
DC  "C1'"  C N R 49  
DC  N1     N N N 50  
DC  C2     C N N 51  
DC  O2     O N N 52  
DC  N3     N N N 53  
DC  C4     C N N 54  
DC  N4     N N N 55  
DC  C5     C N N 56  
DC  C6     C N N 57  
DC  HOP3   H N N 58  
DC  HOP2   H N N 59  
DC  "H5'"  H N N 60  
DC  "H5''" H N N 61  
DC  "H4'"  H N N 62  
DC  "H3'"  H N N 63  
DC  "HO3'" H N N 64  
DC  "H2'"  H N N 65  
DC  "H2''" H N N 66  
DC  "H1'"  H N N 67  
DC  H41    H N N 68  
DC  H42    H N N 69  
DC  H5     H N N 70  
DC  H6     H N N 71  
DG  OP3    O N N 72  
DG  P      P N N 73  
DG  OP1    O N N 74  
DG  OP2    O N N 75  
DG  "O5'"  O N N 76  
DG  "C5'"  C N N 77  
DG  "C4'"  C N R 78  
DG  "O4'"  O N N 79  
DG  "C3'"  C N S 80  
DG  "O3'"  O N N 81  
DG  "C2'"  C N N 82  
DG  "C1'"  C N R 83  
DG  N9     N Y N 84  
DG  C8     C Y N 85  
DG  N7     N Y N 86  
DG  C5     C Y N 87  
DG  C6     C N N 88  
DG  O6     O N N 89  
DG  N1     N N N 90  
DG  C2     C N N 91  
DG  N2     N N N 92  
DG  N3     N N N 93  
DG  C4     C Y N 94  
DG  HOP3   H N N 95  
DG  HOP2   H N N 96  
DG  "H5'"  H N N 97  
DG  "H5''" H N N 98  
DG  "H4'"  H N N 99  
DG  "H3'"  H N N 100 
DG  "HO3'" H N N 101 
DG  "H2'"  H N N 102 
DG  "H2''" H N N 103 
DG  "H1'"  H N N 104 
DG  H8     H N N 105 
DG  H1     H N N 106 
DG  H21    H N N 107 
DG  H22    H N N 108 
HOH O      O N N 109 
HOH H1     H N N 110 
HOH H2     H N N 111 
# 
loop_
_chem_comp_bond.comp_id 
_chem_comp_bond.atom_id_1 
_chem_comp_bond.atom_id_2 
_chem_comp_bond.value_order 
_chem_comp_bond.pdbx_aromatic_flag 
_chem_comp_bond.pdbx_stereo_config 
_chem_comp_bond.pdbx_ordinal 
5CM N1    C2     sing N N 1   
5CM N1    C6     sing N N 2   
5CM N1    "C1'"  sing N N 3   
5CM C2    N3     sing N N 4   
5CM C2    O2     doub N N 5   
5CM N3    C4     doub N N 6   
5CM C4    C5     sing N N 7   
5CM C4    N4     sing N N 8   
5CM C5    C5A    sing N N 9   
5CM C5    C6     doub N N 10  
5CM C5A   H5A1   sing N N 11  
5CM C5A   H5A2   sing N N 12  
5CM C5A   H5A3   sing N N 13  
5CM C6    H6     sing N N 14  
5CM N4    HN41   sing N N 15  
5CM N4    HN42   sing N N 16  
5CM "C1'" "C2'"  sing N N 17  
5CM "C1'" "O4'"  sing N N 18  
5CM "C1'" "H1'"  sing N N 19  
5CM "C2'" "C3'"  sing N N 20  
5CM "C2'" "H2'"  sing N N 21  
5CM "C2'" "H2''" sing N N 22  
5CM "C3'" "C4'"  sing N N 23  
5CM "C3'" "O3'"  sing N N 24  
5CM "C3'" "H3'"  sing N N 25  
5CM "C4'" "O4'"  sing N N 26  
5CM "C4'" "C5'"  sing N N 27  
5CM "C4'" "H4'"  sing N N 28  
5CM "O3'" "HO3'" sing N N 29  
5CM "C5'" "O5'"  sing N N 30  
5CM "C5'" "H5'"  sing N N 31  
5CM "C5'" "H5''" sing N N 32  
5CM "O5'" P      sing N N 33  
5CM P     OP1    doub N N 34  
5CM P     OP2    sing N N 35  
5CM P     OP3    sing N N 36  
5CM OP2   HOP2   sing N N 37  
5CM OP3   HOP3   sing N N 38  
DC  OP3   P      sing N N 39  
DC  OP3   HOP3   sing N N 40  
DC  P     OP1    doub N N 41  
DC  P     OP2    sing N N 42  
DC  P     "O5'"  sing N N 43  
DC  OP2   HOP2   sing N N 44  
DC  "O5'" "C5'"  sing N N 45  
DC  "C5'" "C4'"  sing N N 46  
DC  "C5'" "H5'"  sing N N 47  
DC  "C5'" "H5''" sing N N 48  
DC  "C4'" "O4'"  sing N N 49  
DC  "C4'" "C3'"  sing N N 50  
DC  "C4'" "H4'"  sing N N 51  
DC  "O4'" "C1'"  sing N N 52  
DC  "C3'" "O3'"  sing N N 53  
DC  "C3'" "C2'"  sing N N 54  
DC  "C3'" "H3'"  sing N N 55  
DC  "O3'" "HO3'" sing N N 56  
DC  "C2'" "C1'"  sing N N 57  
DC  "C2'" "H2'"  sing N N 58  
DC  "C2'" "H2''" sing N N 59  
DC  "C1'" N1     sing N N 60  
DC  "C1'" "H1'"  sing N N 61  
DC  N1    C2     sing N N 62  
DC  N1    C6     sing N N 63  
DC  C2    O2     doub N N 64  
DC  C2    N3     sing N N 65  
DC  N3    C4     doub N N 66  
DC  C4    N4     sing N N 67  
DC  C4    C5     sing N N 68  
DC  N4    H41    sing N N 69  
DC  N4    H42    sing N N 70  
DC  C5    C6     doub N N 71  
DC  C5    H5     sing N N 72  
DC  C6    H6     sing N N 73  
DG  OP3   P      sing N N 74  
DG  OP3   HOP3   sing N N 75  
DG  P     OP1    doub N N 76  
DG  P     OP2    sing N N 77  
DG  P     "O5'"  sing N N 78  
DG  OP2   HOP2   sing N N 79  
DG  "O5'" "C5'"  sing N N 80  
DG  "C5'" "C4'"  sing N N 81  
DG  "C5'" "H5'"  sing N N 82  
DG  "C5'" "H5''" sing N N 83  
DG  "C4'" "O4'"  sing N N 84  
DG  "C4'" "C3'"  sing N N 85  
DG  "C4'" "H4'"  sing N N 86  
DG  "O4'" "C1'"  sing N N 87  
DG  "C3'" "O3'"  sing N N 88  
DG  "C3'" "C2'"  sing N N 89  
DG  "C3'" "H3'"  sing N N 90  
DG  "O3'" "HO3'" sing N N 91  
DG  "C2'" "C1'"  sing N N 92  
DG  "C2'" "H2'"  sing N N 93  
DG  "C2'" "H2''" sing N N 94  
DG  "C1'" N9     sing N N 95  
DG  "C1'" "H1'"  sing N N 96  
DG  N9    C8     sing Y N 97  
DG  N9    C4     sing Y N 98  
DG  C8    N7     doub Y N 99  
DG  C8    H8     sing N N 100 
DG  N7    C5     sing Y N 101 
DG  C5    C6     sing N N 102 
DG  C5    C4     doub Y N 103 
DG  C6    O6     doub N N 104 
DG  C6    N1     sing N N 105 
DG  N1    C2     sing N N 106 
DG  N1    H1     sing N N 107 
DG  C2    N2     sing N N 108 
DG  C2    N3     doub N N 109 
DG  N2    H21    sing N N 110 
DG  N2    H22    sing N N 111 
DG  N3    C4     sing N N 112 
HOH O     H1     sing N N 113 
HOH O     H2     sing N N 114 
# 
loop_
_ndb_struct_conf_na.entry_id 
_ndb_struct_conf_na.feature 
1IH3 'double helix'        
1IH3 'a-form double helix' 
# 
loop_
_ndb_struct_na_base_pair.model_number 
_ndb_struct_na_base_pair.i_label_asym_id 
_ndb_struct_na_base_pair.i_label_comp_id 
_ndb_struct_na_base_pair.i_label_seq_id 
_ndb_struct_na_base_pair.i_symmetry 
_ndb_struct_na_base_pair.j_label_asym_id 
_ndb_struct_na_base_pair.j_label_comp_id 
_ndb_struct_na_base_pair.j_label_seq_id 
_ndb_struct_na_base_pair.j_symmetry 
_ndb_struct_na_base_pair.shear 
_ndb_struct_na_base_pair.stretch 
_ndb_struct_na_base_pair.stagger 
_ndb_struct_na_base_pair.buckle 
_ndb_struct_na_base_pair.propeller 
_ndb_struct_na_base_pair.opening 
_ndb_struct_na_base_pair.pair_number 
_ndb_struct_na_base_pair.pair_name 
_ndb_struct_na_base_pair.i_auth_asym_id 
_ndb_struct_na_base_pair.i_auth_seq_id 
_ndb_struct_na_base_pair.i_PDB_ins_code 
_ndb_struct_na_base_pair.j_auth_asym_id 
_ndb_struct_na_base_pair.j_auth_seq_id 
_ndb_struct_na_base_pair.j_PDB_ins_code 
_ndb_struct_na_base_pair.hbond_type_28 
_ndb_struct_na_base_pair.hbond_type_12 
1 A DG  1 1_555 B DC  6 1_555 -0.304 -0.181 -0.170 -8.353  3.014   0.263  1  A_DG1:DC12_B   A 1  ? B 12 ? 19 1 
1 A DG  2 1_555 B 5CM 5 1_555 -0.080 -0.067 -0.244 -9.725  -11.322 4.462  2  A_DG2:5CM11_B  A 2  ? B 11 ? 19 1 
1 A 5CM 3 1_555 B DG  4 1_555 -0.091 -0.108 -0.139 -1.341  -9.806  2.478  3  A_5CM3:DG10_B  A 3  ? B 10 ? 19 1 
1 A DG  4 1_555 B 5CM 3 1_555 -0.195 -0.106 -0.034 -1.257  -10.419 3.569  4  A_DG4:5CM9_B   A 4  ? B 9  ? 19 1 
1 A 5CM 5 1_555 B DG  2 1_555 0.070  -0.163 -0.106 1.656   -6.529  4.094  5  A_5CM5:DG8_B   A 5  ? B 8  ? 19 1 
1 A DC  6 1_555 B DG  1 1_555 0.304  -0.273 -0.083 6.611   6.437   -3.262 6  A_DC6:DG7_B    A 6  ? B 7  ? 19 1 
1 C DG  1 1_555 D DC  6 1_555 -0.410 -0.250 -0.081 -9.094  0.479   3.351  7  C_DG13:DC24_D  C 13 ? D 24 ? 19 1 
1 C DG  2 1_555 D 5CM 5 1_555 -0.216 -0.298 0.042  -0.616  -5.246  -1.315 8  C_DG14:5CM23_D C 14 ? D 23 ? 19 1 
1 C 5CM 3 1_555 D DG  4 1_555 0.173  -0.190 -0.017 7.153   -11.144 1.164  9  C_5CM15:DG22_D C 15 ? D 22 ? 19 1 
1 C DG  4 1_555 D 5CM 3 1_555 -0.026 -0.217 -0.096 -2.673  -11.874 2.039  10 C_DG16:5CM21_D C 16 ? D 21 ? 19 1 
1 C 5CM 5 1_555 D DG  2 1_555 0.368  -0.141 -0.040 2.236   -6.801  6.578  11 C_5CM17:DG20_D C 17 ? D 20 ? 19 1 
1 C DC  6 1_555 D DG  1 1_555 0.252  -0.242 -0.169 7.129   5.971   -2.498 12 C_DC18:DG19_D  C 18 ? D 19 ? 19 1 
1 E DG  1 1_555 F DC  6 1_555 -0.482 -0.187 -0.292 -9.956  0.653   1.549  13 E_DG25:DC36_F  E 25 ? F 36 ? 19 1 
1 E DG  2 1_555 F 5CM 5 1_555 -0.298 -0.153 -0.089 -1.054  -5.151  0.701  14 E_DG26:5CM35_F E 26 ? F 35 ? 19 1 
1 E 5CM 3 1_555 F DG  4 1_555 0.173  -0.117 -0.131 7.006   -10.873 0.863  15 E_5CM27:DG34_F E 27 ? F 34 ? 19 1 
1 E DG  4 1_555 F 5CM 3 1_555 0.016  -0.135 -0.136 -0.495  -12.524 3.454  16 E_DG28:5CM33_F E 28 ? F 33 ? 19 1 
1 E 5CM 5 1_555 F DG  2 1_555 0.291  -0.223 -0.226 3.124   -8.115  4.695  17 E_5CM29:DG32_F E 29 ? F 32 ? 19 1 
1 E DC  6 1_555 F DG  1 1_555 0.321  -0.316 -0.127 4.820   10.475  -2.642 18 E_DC30:DG31_F  E 30 ? F 31 ? 19 1 
1 G DG  1 1_555 H DC  6 1_555 -0.244 -0.058 -0.253 -15.661 2.137   4.369  19 G_DG37:DC48_H  G 37 ? H 48 ? 19 1 
1 G DG  2 1_555 H 5CM 5 1_555 -0.518 -0.141 0.153  -9.786  -7.950  4.461  20 G_DG38:5CM47_H G 38 ? H 47 ? 19 1 
1 G 5CM 3 1_555 H DG  4 1_555 -0.127 -0.300 0.123  -5.102  -5.446  4.762  21 G_5CM39:DG46_H G 39 ? H 46 ? 19 1 
1 G DG  4 1_555 H 5CM 3 1_555 -0.248 -0.365 0.048  2.802   -7.540  2.174  22 G_DG40:5CM45_H G 40 ? H 45 ? 19 1 
1 G 5CM 5 1_555 H DG  2 1_555 0.378  -0.166 -0.250 12.561  -9.497  -0.681 23 G_5CM41:DG44_H G 41 ? H 44 ? 19 1 
1 G DC  6 1_555 H DG  1 1_555 0.243  -0.082 -0.541 16.240  -5.511  0.076  24 G_DC42:DG43_H  G 42 ? H 43 ? 19 1 
# 
loop_
_ndb_struct_na_base_pair_step.model_number 
_ndb_struct_na_base_pair_step.i_label_asym_id_1 
_ndb_struct_na_base_pair_step.i_label_comp_id_1 
_ndb_struct_na_base_pair_step.i_label_seq_id_1 
_ndb_struct_na_base_pair_step.i_symmetry_1 
_ndb_struct_na_base_pair_step.j_label_asym_id_1 
_ndb_struct_na_base_pair_step.j_label_comp_id_1 
_ndb_struct_na_base_pair_step.j_label_seq_id_1 
_ndb_struct_na_base_pair_step.j_symmetry_1 
_ndb_struct_na_base_pair_step.i_label_asym_id_2 
_ndb_struct_na_base_pair_step.i_label_comp_id_2 
_ndb_struct_na_base_pair_step.i_label_seq_id_2 
_ndb_struct_na_base_pair_step.i_symmetry_2 
_ndb_struct_na_base_pair_step.j_label_asym_id_2 
_ndb_struct_na_base_pair_step.j_label_comp_id_2 
_ndb_struct_na_base_pair_step.j_label_seq_id_2 
_ndb_struct_na_base_pair_step.j_symmetry_2 
_ndb_struct_na_base_pair_step.shift 
_ndb_struct_na_base_pair_step.slide 
_ndb_struct_na_base_pair_step.rise 
_ndb_struct_na_base_pair_step.tilt 
_ndb_struct_na_base_pair_step.roll 
_ndb_struct_na_base_pair_step.twist 
_ndb_struct_na_base_pair_step.x_displacement 
_ndb_struct_na_base_pair_step.y_displacement 
_ndb_struct_na_base_pair_step.helical_rise 
_ndb_struct_na_base_pair_step.inclination 
_ndb_struct_na_base_pair_step.tip 
_ndb_struct_na_base_pair_step.helical_twist 
_ndb_struct_na_base_pair_step.step_number 
_ndb_struct_na_base_pair_step.step_name 
_ndb_struct_na_base_pair_step.i_auth_asym_id_1 
_ndb_struct_na_base_pair_step.i_auth_seq_id_1 
_ndb_struct_na_base_pair_step.i_PDB_ins_code_1 
_ndb_struct_na_base_pair_step.j_auth_asym_id_1 
_ndb_struct_na_base_pair_step.j_auth_seq_id_1 
_ndb_struct_na_base_pair_step.j_PDB_ins_code_1 
_ndb_struct_na_base_pair_step.i_auth_asym_id_2 
_ndb_struct_na_base_pair_step.i_auth_seq_id_2 
_ndb_struct_na_base_pair_step.i_PDB_ins_code_2 
_ndb_struct_na_base_pair_step.j_auth_asym_id_2 
_ndb_struct_na_base_pair_step.j_auth_seq_id_2 
_ndb_struct_na_base_pair_step.j_PDB_ins_code_2 
1 A DG  1 1_555 B DC  6 1_555 A DG  2 1_555 B 5CM 5 1_555 0.345  -2.012 3.476 0.974  6.109  31.263 -4.788 -0.450 3.047 11.199 
-1.785 31.854 1  AA_DG1DG2:5CM11DC12_BB    A 1  ? B 12 ? A 2  ? B 11 ? 
1 A DG  2 1_555 B 5CM 5 1_555 A 5CM 3 1_555 B DG  4 1_555 -0.288 -1.574 3.134 0.604  0.805  32.707 -2.926 0.610  3.090 1.430  
-1.072 32.722 2  AA_DG25CM3:DG105CM11_BB   A 2  ? B 11 ? A 3  ? B 10 ? 
1 A 5CM 3 1_555 B DG  4 1_555 A DG  4 1_555 B 5CM 3 1_555 0.489  -1.919 3.358 -0.092 8.272  24.364 -6.481 -1.123 2.575 18.916 
0.211  25.710 3  AA_5CM3DG4:5CM9DG10_BB    A 3  ? B 10 ? A 4  ? B 9  ? 
1 A DG  4 1_555 B 5CM 3 1_555 A 5CM 5 1_555 B DG  2 1_555 0.222  -1.772 3.296 0.264  1.041  33.682 -3.226 -0.340 3.243 1.796  
-0.455 33.699 4  AA_DG45CM5:DG85CM9_BB     A 4  ? B 9  ? A 5  ? B 8  ? 
1 A 5CM 5 1_555 B DG  2 1_555 A DC  6 1_555 B DG  1 1_555 -0.462 -2.001 3.320 -0.641 6.324  29.793 -5.017 0.758  2.854 12.127 
1.228  30.448 5  AA_5CM5DC6:DG7DG8_BB      A 5  ? B 8  ? A 6  ? B 7  ? 
1 C DG  1 1_555 D DC  6 1_555 C DG  2 1_555 D 5CM 5 1_555 -0.921 -1.768 3.244 -2.325 5.547  27.435 -4.886 1.379  2.904 11.521 
4.830  28.075 6  CC_DG13DG14:5CM23DC24_DD  C 13 ? D 24 ? C 14 ? D 23 ? 
1 C DG  2 1_555 D 5CM 5 1_555 C 5CM 3 1_555 D DG  4 1_555 0.028  -1.406 3.247 -0.319 2.714  34.130 -2.806 -0.097 3.129 4.614  
0.543  34.236 7  CC_DG145CM15:DG225CM23_DD C 14 ? D 23 ? C 15 ? D 22 ? 
1 C 5CM 3 1_555 D DG  4 1_555 C DG  4 1_555 D 5CM 3 1_555 0.393  -1.685 3.534 2.073  9.212  31.560 -4.569 -0.335 2.957 16.481 
-3.708 32.908 8  CC_5CM15DG16:5CM21DG22_DD C 15 ? D 22 ? C 16 ? D 21 ? 
1 C DG  4 1_555 D 5CM 3 1_555 C 5CM 5 1_555 D DG  2 1_555 0.610  -1.595 3.287 0.674  -0.079 31.860 -2.890 -0.988 3.302 -0.144 
-1.228 31.867 9  CC_DG165CM17:DG205CM21_DD C 16 ? D 21 ? C 17 ? D 20 ? 
1 C 5CM 5 1_555 D DG  2 1_555 C DC  6 1_555 D DG  1 1_555 -0.578 -2.025 3.222 -0.225 4.693  29.832 -4.783 1.066  2.881 9.044  
0.434  30.191 10 CC_5CM17DC18:DG19DG20_DD  C 17 ? D 20 ? C 18 ? D 19 ? 
1 E DG  1 1_555 F DC  6 1_555 E DG  2 1_555 F 5CM 5 1_555 -1.007 -2.124 3.157 -5.081 8.049  23.476 -6.935 0.981  2.466 18.820 
11.882 25.307 11 EE_DG25DG26:5CM35DC36_FF  E 25 ? F 36 ? E 26 ? F 35 ? 
1 E DG  2 1_555 F 5CM 5 1_555 E 5CM 3 1_555 F DG  4 1_555 -0.196 -1.489 3.236 -1.568 3.756  34.873 -3.013 0.099  3.069 6.242  
2.605  35.102 12 EE_DG265CM27:DG345CM35_FF E 26 ? F 35 ? E 27 ? F 34 ? 
1 E 5CM 3 1_555 F DG  4 1_555 E DG  4 1_555 F 5CM 3 1_555 0.476  -1.901 3.502 0.987  11.118 28.307 -5.786 -0.717 2.601 21.697 
-1.927 30.386 13 EE_5CM27DG28:5CM33DG34_FF E 27 ? F 34 ? E 28 ? F 33 ? 
1 E DG  4 1_555 F 5CM 3 1_555 E 5CM 5 1_555 F DG  2 1_555 0.221  -1.830 3.260 1.325  3.160  33.029 -3.717 -0.171 3.083 5.540  
-2.322 33.202 14 EE_DG285CM29:DG325CM33_FF E 28 ? F 33 ? E 29 ? F 32 ? 
1 E 5CM 5 1_555 F DG  2 1_555 E DC  6 1_555 F DG  1 1_555 -0.581 -1.963 3.362 -0.672 8.855  28.629 -5.522 0.994  2.661 17.386 
1.319  29.947 15 EE_5CM29DC30:DG31DG32_FF  E 29 ? F 32 ? E 30 ? F 31 ? 
1 G DG  1 1_555 H DC  6 1_555 G DG  2 1_555 H 5CM 5 1_555 0.403  -1.705 3.282 0.336  3.314  27.510 -4.339 -0.763 3.063 6.937  
-0.703 27.707 16 GG_DG37DG38:5CM47DC48_HH  G 37 ? H 48 ? G 38 ? H 47 ? 
1 G DG  2 1_555 H 5CM 5 1_555 G 5CM 3 1_555 H DG  4 1_555 -0.173 -1.577 3.356 2.503  -3.174 34.322 -2.141 0.696  3.462 -5.355 
-4.224 34.552 17 GG_DG385CM39:DG465CM47_HH G 38 ? H 47 ? G 39 ? H 46 ? 
1 G 5CM 3 1_555 H DG  4 1_555 G DG  4 1_555 H 5CM 3 1_555 0.018  -1.439 3.321 0.420  1.286  27.139 -3.388 0.067  3.251 2.738  
-0.895 27.172 18 GG_5CM39DG40:5CM45DG46_HH G 39 ? H 46 ? G 40 ? H 45 ? 
1 G DG  4 1_555 H 5CM 3 1_555 G 5CM 5 1_555 H DG  2 1_555 -0.197 -1.337 3.237 0.089  1.883  33.878 -2.587 0.351  3.160 3.228  
-0.152 33.929 19 GG_DG405CM41:DG445CM45_HH G 40 ? H 45 ? G 41 ? H 44 ? 
1 G 5CM 5 1_555 H DG  2 1_555 G DC  6 1_555 H DG  1 1_555 -0.428 -1.225 3.362 -1.337 3.108  30.702 -2.912 0.542  3.241 5.848  
2.515  30.883 20 GG_5CM41DC42:DG43DG44_HH  G 41 ? H 44 ? G 42 ? H 43 ? 
# 
_atom_sites.entry_id                    1IH3 
_atom_sites.fract_transf_matrix[1][1]   0.02068931 
_atom_sites.fract_transf_matrix[1][2]   -0.01534416 
_atom_sites.fract_transf_matrix[1][3]   -0.00895045 
_atom_sites.fract_transf_matrix[2][1]   0.02556360 
_atom_sites.fract_transf_matrix[2][2]   0.00937622 
_atom_sites.fract_transf_matrix[2][3]   0.00147898 
_atom_sites.fract_transf_matrix[3][1]   0.00052996 
_atom_sites.fract_transf_matrix[3][2]   -0.00224528 
_atom_sites.fract_transf_matrix[3][3]   0.00507419 
_atom_sites.fract_transf_vector[1]      0.228137 
_atom_sites.fract_transf_vector[2]      0.639289 
_atom_sites.fract_transf_vector[3]      0.087015 
# 
loop_
_atom_type.symbol 
C 
N 
O 
P 
# 
loop_
_atom_site.group_PDB 
_atom_site.id 
_atom_site.type_symbol 
_atom_site.label_atom_id 
_atom_site.label_alt_id 
_atom_site.label_comp_id 
_atom_site.label_asym_id 
_atom_site.label_entity_id 
_atom_site.label_seq_id 
_atom_site.pdbx_PDB_ins_code 
_atom_site.Cartn_x 
_atom_site.Cartn_y 
_atom_site.Cartn_z 
_atom_site.occupancy 
_atom_site.B_iso_or_equiv 
_atom_site.pdbx_formal_charge 
_atom_site.auth_seq_id 
_atom_site.auth_comp_id 
_atom_site.auth_asym_id 
_atom_site.auth_atom_id 
_atom_site.pdbx_PDB_model_num 
ATOM   1    O "O5'" . DG  A 1 1 ? 19.437  11.390  -13.295 1.00 24.15 ? 1   DG  A "O5'" 1 
ATOM   2    C "C5'" . DG  A 1 1 ? 20.701  11.044  -13.863 1.00 20.81 ? 1   DG  A "C5'" 1 
ATOM   3    C "C4'" . DG  A 1 1 ? 21.669  10.499  -12.838 1.00 22.10 ? 1   DG  A "C4'" 1 
ATOM   4    O "O4'" . DG  A 1 1 ? 21.908  11.489  -11.813 1.00 26.42 ? 1   DG  A "O4'" 1 
ATOM   5    C "C3'" . DG  A 1 1 ? 21.181  9.277   -12.072 1.00 20.79 ? 1   DG  A "C3'" 1 
ATOM   6    O "O3'" . DG  A 1 1 ? 21.491  8.082   -12.786 1.00 25.20 ? 1   DG  A "O3'" 1 
ATOM   7    C "C2'" . DG  A 1 1 ? 22.007  9.360   -10.805 1.00 19.61 ? 1   DG  A "C2'" 1 
ATOM   8    C "C1'" . DG  A 1 1 ? 22.002  10.856  -10.540 1.00 20.89 ? 1   DG  A "C1'" 1 
ATOM   9    N N9    . DG  A 1 1 ? 20.851  11.274  -9.747  1.00 20.72 ? 1   DG  A N9    1 
ATOM   10   C C8    . DG  A 1 1 ? 19.754  11.976  -10.181 1.00 17.68 ? 1   DG  A C8    1 
ATOM   11   N N7    . DG  A 1 1 ? 18.869  12.172  -9.240  1.00 18.12 ? 1   DG  A N7    1 
ATOM   12   C C5    . DG  A 1 1 ? 19.417  11.567  -8.118  1.00 14.43 ? 1   DG  A C5    1 
ATOM   13   C C6    . DG  A 1 1 ? 18.872  11.371  -6.827  1.00 16.27 ? 1   DG  A C6    1 
ATOM   14   O O6    . DG  A 1 1 ? 17.792  11.767  -6.378  1.00 21.26 ? 1   DG  A O6    1 
ATOM   15   N N1    . DG  A 1 1 ? 19.723  10.625  -6.020  1.00 17.35 ? 1   DG  A N1    1 
ATOM   16   C C2    . DG  A 1 1 ? 20.941  10.127  -6.405  1.00 17.87 ? 1   DG  A C2    1 
ATOM   17   N N2    . DG  A 1 1 ? 21.615  9.434   -5.477  1.00 17.58 ? 1   DG  A N2    1 
ATOM   18   N N3    . DG  A 1 1 ? 21.459  10.296  -7.608  1.00 12.42 ? 1   DG  A N3    1 
ATOM   19   C C4    . DG  A 1 1 ? 20.647  11.018  -8.410  1.00 16.62 ? 1   DG  A C4    1 
ATOM   20   P P     . DG  A 1 2 ? 20.582  6.778   -12.576 1.00 20.18 ? 2   DG  A P     1 
ATOM   21   O OP1   . DG  A 1 2 ? 21.113  5.731   -13.479 1.00 27.78 ? 2   DG  A OP1   1 
ATOM   22   O OP2   . DG  A 1 2 ? 19.167  7.213   -12.691 1.00 25.16 ? 2   DG  A OP2   1 
ATOM   23   O "O5'" . DG  A 1 2 ? 20.849  6.334   -11.070 1.00 18.28 ? 2   DG  A "O5'" 1 
ATOM   24   C "C5'" . DG  A 1 2 ? 22.067  5.696   -10.705 1.00 12.24 ? 2   DG  A "C5'" 1 
ATOM   25   C "C4'" . DG  A 1 2 ? 22.157  5.547   -9.203  1.00 18.37 ? 2   DG  A "C4'" 1 
ATOM   26   O "O4'" . DG  A 1 2 ? 21.868  6.792   -8.525  1.00 19.46 ? 2   DG  A "O4'" 1 
ATOM   27   C "C3'" . DG  A 1 2 ? 21.186  4.554   -8.584  1.00 17.43 ? 2   DG  A "C3'" 1 
ATOM   28   O "O3'" . DG  A 1 2 ? 21.705  3.228   -8.695  1.00 25.16 ? 2   DG  A "O3'" 1 
ATOM   29   C "C2'" . DG  A 1 2 ? 21.193  4.998   -7.135  1.00 18.76 ? 2   DG  A "C2'" 1 
ATOM   30   C "C1'" . DG  A 1 2 ? 21.252  6.515   -7.269  1.00 17.87 ? 2   DG  A "C1'" 1 
ATOM   31   N N9    . DG  A 1 2 ? 19.934  7.142   -7.271  1.00 14.81 ? 2   DG  A N9    1 
ATOM   32   C C8    . DG  A 1 2 ? 19.287  7.697   -8.345  1.00 10.93 ? 2   DG  A C8    1 
ATOM   33   N N7    . DG  A 1 2 ? 18.119  8.192   -8.037  1.00 14.46 ? 2   DG  A N7    1 
ATOM   34   C C5    . DG  A 1 2 ? 17.986  7.943   -6.677  1.00 15.71 ? 2   DG  A C5    1 
ATOM   35   C C6    . DG  A 1 2 ? 16.885  8.171   -5.800  1.00 17.05 ? 2   DG  A C6    1 
ATOM   36   O O6    . DG  A 1 2 ? 15.810  8.742   -6.033  1.00 19.83 ? 2   DG  A O6    1 
ATOM   37   N N1    . DG  A 1 2 ? 17.133  7.663   -4.532  1.00 14.06 ? 2   DG  A N1    1 
ATOM   38   C C2    . DG  A 1 2 ? 18.285  7.029   -4.149  1.00 15.05 ? 2   DG  A C2    1 
ATOM   39   N N2    . DG  A 1 2 ? 18.331  6.618   -2.876  1.00 13.73 ? 2   DG  A N2    1 
ATOM   40   N N3    . DG  A 1 2 ? 19.316  6.813   -4.951  1.00 12.68 ? 2   DG  A N3    1 
ATOM   41   C C4    . DG  A 1 2 ? 19.099  7.293   -6.191  1.00 12.06 ? 2   DG  A C4    1 
HETATM 42   N N1    . 5CM A 1 3 ? 17.646  3.478   -4.549  1.00 20.04 ? 3   5CM A N1    1 
HETATM 43   C C2    . 5CM A 1 3 ? 16.565  3.981   -3.830  1.00 18.02 ? 3   5CM A C2    1 
HETATM 44   N N3    . 5CM A 1 3 ? 15.601  4.675   -4.474  1.00 16.25 ? 3   5CM A N3    1 
HETATM 45   C C4    . 5CM A 1 3 ? 15.689  4.868   -5.790  1.00 17.85 ? 3   5CM A C4    1 
HETATM 46   C C5    . 5CM A 1 3 ? 16.780  4.354   -6.555  1.00 19.45 ? 3   5CM A C5    1 
HETATM 47   C C5A   . 5CM A 1 3 ? 16.812  4.595   -8.033  1.00 14.03 ? 3   5CM A C5A   1 
HETATM 48   C C6    . 5CM A 1 3 ? 17.730  3.674   -5.900  1.00 15.37 ? 3   5CM A C6    1 
HETATM 49   O O2    . 5CM A 1 3 ? 16.520  3.773   -2.611  1.00 18.89 ? 3   5CM A O2    1 
HETATM 50   N N4    . 5CM A 1 3 ? 14.717  5.566   -6.384  1.00 17.05 ? 3   5CM A N4    1 
HETATM 51   C "C1'" . 5CM A 1 3 ? 18.680  2.738   -3.816  1.00 20.96 ? 3   5CM A "C1'" 1 
HETATM 52   C "C2'" . 5CM A 1 3 ? 18.336  1.264   -3.640  1.00 17.49 ? 3   5CM A "C2'" 1 
HETATM 53   C "C3'" . 5CM A 1 3 ? 19.032  0.655   -4.841  1.00 26.07 ? 3   5CM A "C3'" 1 
HETATM 54   C "C4'" . 5CM A 1 3 ? 20.323  1.456   -4.876  1.00 16.93 ? 3   5CM A "C4'" 1 
HETATM 55   O "O4'" . 5CM A 1 3 ? 19.890  2.799   -4.575  1.00 22.25 ? 3   5CM A "O4'" 1 
HETATM 56   O "O3'" . 5CM A 1 3 ? 19.282  -0.736  -4.647  1.00 30.97 ? 3   5CM A "O3'" 1 
HETATM 57   C "C5'" . 5CM A 1 3 ? 21.042  1.436   -6.202  1.00 12.81 ? 3   5CM A "C5'" 1 
HETATM 58   O "O5'" . 5CM A 1 3 ? 20.163  1.840   -7.241  1.00 13.65 ? 3   5CM A "O5'" 1 
HETATM 59   P P     . 5CM A 1 3 ? 20.698  1.980   -8.734  1.00 19.28 ? 3   5CM A P     1 
HETATM 60   O OP1   . 5CM A 1 3 ? 21.538  0.791   -9.017  1.00 28.30 ? 3   5CM A OP1   1 
HETATM 61   O OP2   . 5CM A 1 3 ? 19.571  2.325   -9.635  1.00 17.11 ? 3   5CM A OP2   1 
ATOM   62   P P     . DG  A 1 4 ? 18.256  -1.809  -5.260  1.00 32.08 ? 4   DG  A P     1 
ATOM   63   O OP1   . DG  A 1 4 ? 18.792  -3.133  -4.841  1.00 30.58 ? 4   DG  A OP1   1 
ATOM   64   O OP2   . DG  A 1 4 ? 18.051  -1.510  -6.704  1.00 24.78 ? 4   DG  A OP2   1 
ATOM   65   O "O5'" . DG  A 1 4 ? 16.877  -1.509  -4.516  1.00 28.06 ? 4   DG  A "O5'" 1 
ATOM   66   C "C5'" . DG  A 1 4 ? 16.625  -2.037  -3.220  1.00 30.15 ? 4   DG  A "C5'" 1 
ATOM   67   C "C4'" . DG  A 1 4 ? 15.422  -1.375  -2.583  1.00 36.94 ? 4   DG  A "C4'" 1 
ATOM   68   O "O4'" . DG  A 1 4 ? 15.380  0.057   -2.774  1.00 29.46 ? 4   DG  A "O4'" 1 
ATOM   69   C "C3'" . DG  A 1 4 ? 14.043  -1.822  -3.049  1.00 31.29 ? 4   DG  A "C3'" 1 
ATOM   70   O "O3'" . DG  A 1 4 ? 13.730  -3.140  -2.584  1.00 29.55 ? 4   DG  A "O3'" 1 
ATOM   71   C "C2'" . DG  A 1 4 ? 13.185  -0.778  -2.362  1.00 28.27 ? 4   DG  A "C2'" 1 
ATOM   72   C "C1'" . DG  A 1 4 ? 14.040  0.489   -2.511  1.00 25.11 ? 4   DG  A "C1'" 1 
ATOM   73   N N9    . DG  A 1 4 ? 13.595  1.303   -3.634  1.00 18.32 ? 4   DG  A N9    1 
ATOM   74   C C8    . DG  A 1 4 ? 14.131  1.349   -4.895  1.00 20.45 ? 4   DG  A C8    1 
ATOM   75   N N7    . DG  A 1 4 ? 13.474  2.140   -5.701  1.00 18.86 ? 4   DG  A N7    1 
ATOM   76   C C5    . DG  A 1 4 ? 12.450  2.653   -4.920  1.00 16.31 ? 4   DG  A C5    1 
ATOM   77   C C6    . DG  A 1 4 ? 11.343  3.467   -5.279  1.00 16.13 ? 4   DG  A C6    1 
ATOM   78   O O6    . DG  A 1 4 ? 11.094  3.998   -6.374  1.00 15.97 ? 4   DG  A O6    1 
ATOM   79   N N1    . DG  A 1 4 ? 10.472  3.642   -4.209  1.00 15.62 ? 4   DG  A N1    1 
ATOM   80   C C2    . DG  A 1 4 ? 10.641  3.102   -2.957  1.00 18.55 ? 4   DG  A C2    1 
ATOM   81   N N2    . DG  A 1 4 ? 9.695   3.386   -2.055  1.00 20.43 ? 4   DG  A N2    1 
ATOM   82   N N3    . DG  A 1 4 ? 11.664  2.341   -2.613  1.00 17.67 ? 4   DG  A N3    1 
ATOM   83   C C4    . DG  A 1 4 ? 12.523  2.158   -3.635  1.00 16.11 ? 4   DG  A C4    1 
HETATM 84   N N1    . 5CM A 1 5 ? 8.861   0.070   -3.531  1.00 16.22 ? 5   5CM A N1    1 
HETATM 85   C C2    . 5CM A 1 5 ? 7.997   1.014   -4.083  1.00 19.14 ? 5   5CM A C2    1 
HETATM 86   N N3    . 5CM A 1 5 ? 8.196   1.433   -5.356  1.00 19.27 ? 5   5CM A N3    1 
HETATM 87   C C4    . 5CM A 1 5 ? 9.223   0.951   -6.061  1.00 19.40 ? 5   5CM A C4    1 
HETATM 88   C C5    . 5CM A 1 5 ? 10.132  -0.002  -5.511  1.00 19.30 ? 5   5CM A C5    1 
HETATM 89   C C5A   . 5CM A 1 5 ? 11.272  -0.493  -6.346  1.00 11.01 ? 5   5CM A C5A   1 
HETATM 90   C C6    . 5CM A 1 5 ? 9.914   -0.412  -4.254  1.00 18.83 ? 5   5CM A C6    1 
HETATM 91   O O2    . 5CM A 1 5 ? 7.068   1.448   -3.387  1.00 19.61 ? 5   5CM A O2    1 
HETATM 92   N N4    . 5CM A 1 5 ? 9.382   1.386   -7.311  1.00 19.81 ? 5   5CM A N4    1 
HETATM 93   C "C1'" . 5CM A 1 5 ? 8.606   -0.402  -2.166  1.00 19.39 ? 5   5CM A "C1'" 1 
HETATM 94   C "C2'" . 5CM A 1 5 ? 7.534   -1.494  -2.123  1.00 19.39 ? 5   5CM A "C2'" 1 
HETATM 95   C "C3'" . 5CM A 1 5 ? 8.378   -2.752  -2.200  1.00 25.38 ? 5   5CM A "C3'" 1 
HETATM 96   C "C4'" . 5CM A 1 5 ? 9.552   -2.365  -1.312  1.00 21.90 ? 5   5CM A "C4'" 1 
HETATM 97   O "O4'" . 5CM A 1 5 ? 9.813   -0.992  -1.681  1.00 22.80 ? 5   5CM A "O4'" 1 
HETATM 98   O "O3'" . 5CM A 1 5 ? 7.689   -3.882  -1.661  1.00 24.82 ? 5   5CM A "O3'" 1 
HETATM 99   C "C5'" . 5CM A 1 5 ? 10.789  -3.215  -1.476  1.00 9.25  ? 5   5CM A "C5'" 1 
HETATM 100  O "O5'" . 5CM A 1 5 ? 11.212  -3.203  -2.831  1.00 24.60 ? 5   5CM A "O5'" 1 
HETATM 101  P P     . 5CM A 1 5 ? 12.536  -3.970  -3.276  1.00 28.21 ? 5   5CM A P     1 
HETATM 102  O OP1   . 5CM A 1 5 ? 12.522  -5.300  -2.616  1.00 31.93 ? 5   5CM A OP1   1 
HETATM 103  O OP2   . 5CM A 1 5 ? 12.635  -3.882  -4.758  1.00 25.26 ? 5   5CM A OP2   1 
ATOM   104  P P     . DC  A 1 6 ? 6.844   -4.834  -2.638  1.00 22.59 ? 6   DC  A P     1 
ATOM   105  O OP1   . DC  A 1 6 ? 6.411   -5.989  -1.811  1.00 28.66 ? 6   DC  A OP1   1 
ATOM   106  O OP2   . DC  A 1 6 ? 7.619   -5.063  -3.885  1.00 21.66 ? 6   DC  A OP2   1 
ATOM   107  O "O5'" . DC  A 1 6 ? 5.559   -3.967  -3.007  1.00 19.97 ? 6   DC  A "O5'" 1 
ATOM   108  C "C5'" . DC  A 1 6 ? 4.668   -3.519  -1.991  1.00 9.59  ? 6   DC  A "C5'" 1 
ATOM   109  C "C4'" . DC  A 1 6 ? 3.551   -2.708  -2.603  1.00 17.43 ? 6   DC  A "C4'" 1 
ATOM   110  O "O4'" . DC  A 1 6 ? 4.084   -1.489  -3.155  1.00 18.60 ? 6   DC  A "O4'" 1 
ATOM   111  C "C3'" . DC  A 1 6 ? 2.850   -3.374  -3.781  1.00 17.77 ? 6   DC  A "C3'" 1 
ATOM   112  O "O3'" . DC  A 1 6 ? 1.820   -4.225  -3.283  1.00 22.99 ? 6   DC  A "O3'" 1 
ATOM   113  C "C2'" . DC  A 1 6 ? 2.259   -2.182  -4.510  1.00 19.02 ? 6   DC  A "C2'" 1 
ATOM   114  C "C1'" . DC  A 1 6 ? 3.282   -1.075  -4.258  1.00 17.65 ? 6   DC  A "C1'" 1 
ATOM   115  N N1    . DC  A 1 6 ? 4.178   -0.814  -5.396  1.00 15.06 ? 6   DC  A N1    1 
ATOM   116  C C2    . DC  A 1 6 ? 3.750   0.065   -6.387  1.00 14.67 ? 6   DC  A C2    1 
ATOM   117  O O2    . DC  A 1 6 ? 2.627   0.572   -6.283  1.00 17.48 ? 6   DC  A O2    1 
ATOM   118  N N3    . DC  A 1 6 ? 4.562   0.334   -7.435  1.00 15.24 ? 6   DC  A N3    1 
ATOM   119  C C4    . DC  A 1 6 ? 5.763   -0.252  -7.515  1.00 17.05 ? 6   DC  A C4    1 
ATOM   120  N N4    . DC  A 1 6 ? 6.540   0.048   -8.564  1.00 13.75 ? 6   DC  A N4    1 
ATOM   121  C C5    . DC  A 1 6 ? 6.220   -1.168  -6.521  1.00 10.78 ? 6   DC  A C5    1 
ATOM   122  C C6    . DC  A 1 6 ? 5.404   -1.414  -5.486  1.00 15.88 ? 6   DC  A C6    1 
ATOM   123  O "O5'" . DG  B 1 1 ? 3.277   6.752   -15.277 1.00 35.36 ? 7   DG  B "O5'" 1 
ATOM   124  C "C5'" . DG  B 1 1 ? 2.072   7.518   -15.203 1.00 17.79 ? 7   DG  B "C5'" 1 
ATOM   125  C "C4'" . DG  B 1 1 ? 1.259   7.074   -14.010 1.00 22.28 ? 7   DG  B "C4'" 1 
ATOM   126  O "O4'" . DG  B 1 1 ? 1.161   5.629   -13.974 1.00 22.43 ? 7   DG  B "O4'" 1 
ATOM   127  C "C3'" . DG  B 1 1 ? 1.875   7.430   -12.665 1.00 19.80 ? 7   DG  B "C3'" 1 
ATOM   128  O "O3'" . DG  B 1 1 ? 1.583   8.786   -12.320 1.00 26.95 ? 7   DG  B "O3'" 1 
ATOM   129  C "C2'" . DG  B 1 1 ? 1.174   6.445   -11.748 1.00 23.76 ? 7   DG  B "C2'" 1 
ATOM   130  C "C1'" . DG  B 1 1 ? 1.121   5.186   -12.617 1.00 19.39 ? 7   DG  B "C1'" 1 
ATOM   131  N N9    . DG  B 1 1 ? 2.264   4.305   -12.399 1.00 18.73 ? 7   DG  B N9    1 
ATOM   132  C C8    . DG  B 1 1 ? 3.307   4.071   -13.264 1.00 16.96 ? 7   DG  B C8    1 
ATOM   133  N N7    . DG  B 1 1 ? 4.209   3.263   -12.770 1.00 17.04 ? 7   DG  B N7    1 
ATOM   134  C C5    . DG  B 1 1 ? 3.728   2.936   -11.509 1.00 16.59 ? 7   DG  B C5    1 
ATOM   135  C C6    . DG  B 1 1 ? 4.306   2.143   -10.478 1.00 18.38 ? 7   DG  B C6    1 
ATOM   136  O O6    . DG  B 1 1 ? 5.368   1.504   -10.496 1.00 20.74 ? 7   DG  B O6    1 
ATOM   137  N N1    . DG  B 1 1 ? 3.510   2.130   -9.338  1.00 16.00 ? 7   DG  B N1    1 
ATOM   138  C C2    . DG  B 1 1 ? 2.312   2.780   -9.206  1.00 11.90 ? 7   DG  B C2    1 
ATOM   139  N N2    . DG  B 1 1 ? 1.684   2.622   -8.035  1.00 11.10 ? 7   DG  B N2    1 
ATOM   140  N N3    . DG  B 1 1 ? 1.767   3.523   -10.152 1.00 12.69 ? 7   DG  B N3    1 
ATOM   141  C C4    . DG  B 1 1 ? 2.523   3.559   -11.267 1.00 16.00 ? 7   DG  B C4    1 
ATOM   142  P P     . DG  B 1 2 ? 2.639   9.626   -11.442 1.00 28.32 ? 8   DG  B P     1 
ATOM   143  O OP1   . DG  B 1 2 ? 2.119   11.012  -11.381 1.00 33.54 ? 8   DG  B OP1   1 
ATOM   144  O OP2   . DG  B 1 2 ? 4.008   9.371   -11.966 1.00 25.89 ? 8   DG  B OP2   1 
ATOM   145  O "O5'" . DG  B 1 2 ? 2.537   9.003   -9.979  1.00 24.01 ? 8   DG  B "O5'" 1 
ATOM   146  C "C5'" . DG  B 1 2 ? 1.325   9.090   -9.235  1.00 18.52 ? 8   DG  B "C5'" 1 
ATOM   147  C "C4'" . DG  B 1 2 ? 1.397   8.217   -8.004  1.00 27.64 ? 8   DG  B "C4'" 1 
ATOM   148  O "O4'" . DG  B 1 2 ? 1.625   6.833   -8.362  1.00 26.98 ? 8   DG  B "O4'" 1 
ATOM   149  C "C3'" . DG  B 1 2 ? 2.524   8.538   -7.027  1.00 21.16 ? 8   DG  B "C3'" 1 
ATOM   150  O "O3'" . DG  B 1 2 ? 2.139   9.610   -6.166  1.00 27.33 ? 8   DG  B "O3'" 1 
ATOM   151  C "C2'" . DG  B 1 2 ? 2.606   7.246   -6.238  1.00 24.03 ? 8   DG  B "C2'" 1 
ATOM   152  C "C1'" . DG  B 1 2 ? 2.340   6.188   -7.309  1.00 21.01 ? 8   DG  B "C1'" 1 
ATOM   153  N N9    . DG  B 1 2 ? 3.579   5.659   -7.867  1.00 19.60 ? 8   DG  B N9    1 
ATOM   154  C C8    . DG  B 1 2 ? 4.138   5.951   -9.087  1.00 16.77 ? 8   DG  B C8    1 
ATOM   155  N N7    . DG  B 1 2 ? 5.270   5.332   -9.290  1.00 16.46 ? 8   DG  B N7    1 
ATOM   156  C C5    . DG  B 1 2 ? 5.464   4.587   -8.136  1.00 15.72 ? 8   DG  B C5    1 
ATOM   157  C C6    . DG  B 1 2 ? 6.518   3.712   -7.774  1.00 19.89 ? 8   DG  B C6    1 
ATOM   158  O O6    . DG  B 1 2 ? 7.529   3.413   -8.421  1.00 27.40 ? 8   DG  B O6    1 
ATOM   159  N N1    . DG  B 1 2 ? 6.314   3.157   -6.515  1.00 20.75 ? 8   DG  B N1    1 
ATOM   160  C C2    . DG  B 1 2 ? 5.234   3.413   -5.710  1.00 17.86 ? 8   DG  B C2    1 
ATOM   161  N N2    . DG  B 1 2 ? 5.218   2.783   -4.526  1.00 14.67 ? 8   DG  B N2    1 
ATOM   162  N N3    . DG  B 1 2 ? 4.244   4.225   -6.037  1.00 15.54 ? 8   DG  B N3    1 
ATOM   163  C C4    . DG  B 1 2 ? 4.425   4.774   -7.253  1.00 13.61 ? 8   DG  B C4    1 
HETATM 164  N N1    . 5CM B 1 3 ? 6.175   6.220   -3.633  1.00 20.06 ? 9   5CM B N1    1 
HETATM 165  C C2    . 5CM B 1 3 ? 7.283   5.381   -3.552  1.00 19.63 ? 9   5CM B C2    1 
HETATM 166  N N3    . 5CM B 1 3 ? 8.169   5.343   -4.569  1.00 19.92 ? 9   5CM B N3    1 
HETATM 167  C C4    . 5CM B 1 3 ? 7.988   6.120   -5.636  1.00 20.53 ? 9   5CM B C4    1 
HETATM 168  C C5    . 5CM B 1 3 ? 6.881   7.015   -5.734  1.00 19.53 ? 9   5CM B C5    1 
HETATM 169  C C5A   . 5CM B 1 3 ? 6.754   7.885   -6.947  1.00 11.30 ? 9   5CM B C5A   1 
HETATM 170  C C6    . 5CM B 1 3 ? 6.002   7.031   -4.720  1.00 15.03 ? 9   5CM B C6    1 
HETATM 171  O O2    . 5CM B 1 3 ? 7.433   4.693   -2.537  1.00 21.66 ? 9   5CM B O2    1 
HETATM 172  N N4    . 5CM B 1 3 ? 8.881   6.029   -6.627  1.00 17.54 ? 9   5CM B N4    1 
HETATM 173  C "C1'" . 5CM B 1 3 ? 5.205   6.192   -2.525  1.00 20.14 ? 9   5CM B "C1'" 1 
HETATM 174  C "C2'" . 5CM B 1 3 ? 5.660   6.984   -1.306  1.00 19.91 ? 9   5CM B "C2'" 1 
HETATM 175  C "C3'" . 5CM B 1 3 ? 5.024   8.329   -1.584  1.00 26.07 ? 9   5CM B "C3'" 1 
HETATM 176  C "C4'" . 5CM B 1 3 ? 3.670   7.922   -2.138  1.00 20.35 ? 9   5CM B "C4'" 1 
HETATM 177  O "O4'" . 5CM B 1 3 ? 3.986   6.787   -2.976  1.00 25.11 ? 9   5CM B "O4'" 1 
HETATM 178  O "O3'" . 5CM B 1 3 ? 4.911   9.130   -0.409  1.00 30.71 ? 9   5CM B "O3'" 1 
HETATM 179  C "C5'" . 5CM B 1 3 ? 2.987   8.992   -2.958  1.00 19.09 ? 9   5CM B "C5'" 1 
HETATM 180  O "O5'" . 5CM B 1 3 ? 3.672   9.172   -4.193  1.00 20.87 ? 9   5CM B "O5'" 1 
HETATM 181  P P     . 5CM B 1 3 ? 3.233   10.310  -5.218  1.00 24.68 ? 9   5CM B P     1 
HETATM 182  O OP1   . 5CM B 1 3 ? 2.500   11.357  -4.471  1.00 29.04 ? 9   5CM B OP1   1 
HETATM 183  O OP2   . 5CM B 1 3 ? 4.422   10.679  -6.029  1.00 25.32 ? 9   5CM B OP2   1 
ATOM   184  P P     . DG  B 1 4 ? 5.928   10.358  -0.211  1.00 38.70 ? 10  DG  B P     1 
ATOM   185  O OP1   . DG  B 1 4 ? 5.293   11.323  0.723   1.00 42.88 ? 10  DG  B OP1   1 
ATOM   186  O OP2   . DG  B 1 4 ? 6.377   10.821  -1.555  1.00 33.30 ? 10  DG  B OP2   1 
ATOM   187  O "O5'" . DG  B 1 4 ? 7.190   9.693   0.495   1.00 34.80 ? 10  DG  B "O5'" 1 
ATOM   188  C "C5'" . DG  B 1 4 ? 7.020   8.674   1.472   1.00 31.21 ? 10  DG  B "C5'" 1 
ATOM   189  C "C4'" . DG  B 1 4 ? 8.317   7.928   1.677   1.00 33.78 ? 10  DG  B "C4'" 1 
ATOM   190  O "O4'" . DG  B 1 4 ? 8.507   6.981   0.606   1.00 36.33 ? 10  DG  B "O4'" 1 
ATOM   191  C "C3'" . DG  B 1 4 ? 9.592   8.764   1.642   1.00 32.90 ? 10  DG  B "C3'" 1 
ATOM   192  O "O3'" . DG  B 1 4 ? 9.817   9.394   2.903   1.00 39.50 ? 10  DG  B "O3'" 1 
ATOM   193  C "C2'" . DG  B 1 4 ? 10.635  7.693   1.397   1.00 31.36 ? 10  DG  B "C2'" 1 
ATOM   194  C "C1'" . DG  B 1 4 ? 9.901   6.723   0.470   1.00 28.59 ? 10  DG  B "C1'" 1 
ATOM   195  N N9    . DG  B 1 4 ? 10.254  6.915   -0.929  1.00 20.30 ? 10  DG  B N9    1 
ATOM   196  C C8    . DG  B 1 4 ? 9.649   7.745   -1.839  1.00 22.60 ? 10  DG  B C8    1 
ATOM   197  N N7    . DG  B 1 4 ? 10.220  7.716   -3.013  1.00 18.50 ? 10  DG  B N7    1 
ATOM   198  C C5    . DG  B 1 4 ? 11.259  6.805   -2.865  1.00 20.72 ? 10  DG  B C5    1 
ATOM   199  C C6    . DG  B 1 4 ? 12.308  6.456   -3.755  1.00 18.82 ? 10  DG  B C6    1 
ATOM   200  O O6    . DG  B 1 4 ? 12.471  6.809   -4.936  1.00 19.87 ? 10  DG  B O6    1 
ATOM   201  N N1    . DG  B 1 4 ? 13.227  5.607   -3.148  1.00 11.94 ? 10  DG  B N1    1 
ATOM   202  C C2    . DG  B 1 4 ? 13.153  5.153   -1.856  1.00 16.49 ? 10  DG  B C2    1 
ATOM   203  N N2    . DG  B 1 4 ? 14.132  4.333   -1.447  1.00 15.38 ? 10  DG  B N2    1 
ATOM   204  N N3    . DG  B 1 4 ? 12.187  5.473   -1.019  1.00 19.43 ? 10  DG  B N3    1 
ATOM   205  C C4    . DG  B 1 4 ? 11.282  6.297   -1.584  1.00 19.48 ? 10  DG  B C4    1 
HETATM 206  N N1    . 5CM B 1 5 ? 14.773  7.817   -0.050  1.00 17.28 ? 11  5CM B N1    1 
HETATM 207  C C2    . 5CM B 1 5 ? 15.542  7.477   -1.161  1.00 20.33 ? 11  5CM B C2    1 
HETATM 208  N N3    . 5CM B 1 5 ? 15.263  8.034   -2.360  1.00 19.11 ? 11  5CM B N3    1 
HETATM 209  C C4    . 5CM B 1 5 ? 14.261  8.900   -2.475  1.00 14.96 ? 11  5CM B C4    1 
HETATM 210  C C5    . 5CM B 1 5 ? 13.460  9.274   -1.355  1.00 19.90 ? 11  5CM B C5    1 
HETATM 211  C C5A   . 5CM B 1 5 ? 12.350  10.261  -1.552  1.00 14.20 ? 11  5CM B C5A   1 
HETATM 212  C C6    . 5CM B 1 5 ? 13.749  8.715   -0.170  1.00 15.49 ? 11  5CM B C6    1 
HETATM 213  O O2    . 5CM B 1 5 ? 16.470  6.664   -1.018  1.00 22.65 ? 11  5CM B O2    1 
HETATM 214  N N4    . 5CM B 1 5 ? 14.020  9.414   -3.684  1.00 15.40 ? 11  5CM B N4    1 
HETATM 215  C "C1'" . 5CM B 1 5 ? 15.092  7.180   1.238   1.00 21.98 ? 11  5CM B "C1'" 1 
HETATM 216  C "C2'" . 5CM B 1 5 ? 16.320  7.755   1.923   1.00 23.16 ? 11  5CM B "C2'" 1 
HETATM 217  C "C3'" . 5CM B 1 5 ? 15.736  9.001   2.555   1.00 21.47 ? 11  5CM B "C3'" 1 
HETATM 218  C "C4'" . 5CM B 1 5 ? 14.320  8.584   2.930   1.00 20.98 ? 11  5CM B "C4'" 1 
HETATM 219  O "O4'" . 5CM B 1 5 ? 14.016  7.423   2.130   1.00 20.62 ? 11  5CM B "O4'" 1 
HETATM 220  O "O3'" . 5CM B 1 5 ? 16.426  9.415   3.727   1.00 19.25 ? 11  5CM B "O3'" 1 
HETATM 221  C "C5'" . 5CM B 1 5 ? 13.353  9.671   2.549   1.00 27.74 ? 11  5CM B "C5'" 1 
HETATM 222  O "O5'" . 5CM B 1 5 ? 12.247  9.649   3.412   1.00 28.83 ? 11  5CM B "O5'" 1 
HETATM 223  P P     . 5CM B 1 5 ? 10.968  10.509  3.051   1.00 32.47 ? 11  5CM B P     1 
HETATM 224  O OP1   . 5CM B 1 5 ? 10.652  11.324  4.254   1.00 40.35 ? 11  5CM B OP1   1 
HETATM 225  O OP2   . 5CM B 1 5 ? 11.241  11.185  1.756   1.00 22.41 ? 11  5CM B OP2   1 
ATOM   226  P P     . DC  B 1 6 ? 17.141  10.844  3.748   1.00 20.69 ? 12  DC  B P     1 
ATOM   227  O OP1   . DC  B 1 6 ? 17.493  11.110  5.166   1.00 23.98 ? 12  DC  B OP1   1 
ATOM   228  O OP2   . DC  B 1 6 ? 16.310  11.819  2.993   1.00 18.00 ? 12  DC  B OP2   1 
ATOM   229  O "O5'" . DC  B 1 6 ? 18.484  10.599  2.927   1.00 22.72 ? 12  DC  B "O5'" 1 
ATOM   230  C "C5'" . DC  B 1 6 ? 19.298  9.455   3.190   1.00 18.99 ? 12  DC  B "C5'" 1 
ATOM   231  C "C4'" . DC  B 1 6 ? 20.373  9.318   2.136   1.00 17.43 ? 12  DC  B "C4'" 1 
ATOM   232  O "O4'" . DC  B 1 6 ? 19.801  8.737   0.947   1.00 20.76 ? 12  DC  B "O4'" 1 
ATOM   233  C "C3'" . DC  B 1 6 ? 20.986  10.630  1.662   1.00 21.60 ? 12  DC  B "C3'" 1 
ATOM   234  O "O3'" . DC  B 1 6 ? 22.055  11.055  2.525   1.00 22.53 ? 12  DC  B "O3'" 1 
ATOM   235  C "C2'" . DC  B 1 6 ? 21.496  10.259  0.281   1.00 20.73 ? 12  DC  B "C2'" 1 
ATOM   236  C "C1'" . DC  B 1 6 ? 20.469  9.238   -0.202  1.00 20.69 ? 12  DC  B "C1'" 1 
ATOM   237  N N1    . DC  B 1 6 ? 19.458  9.810   -1.097  1.00 20.32 ? 12  DC  B N1    1 
ATOM   238  C C2    . DC  B 1 6 ? 19.742  9.876   -2.455  1.00 20.23 ? 12  DC  B C2    1 
ATOM   239  O O2    . DC  B 1 6 ? 20.822  9.427   -2.857  1.00 22.58 ? 12  DC  B O2    1 
ATOM   240  N N3    . DC  B 1 6 ? 18.842  10.421  -3.297  1.00 20.12 ? 12  DC  B N3    1 
ATOM   241  C C4    . DC  B 1 6 ? 17.686  10.889  -2.824  1.00 20.90 ? 12  DC  B C4    1 
ATOM   242  N N4    . DC  B 1 6 ? 16.834  11.435  -3.699  1.00 15.88 ? 12  DC  B N4    1 
ATOM   243  C C5    . DC  B 1 6 ? 17.359  10.822  -1.437  1.00 18.26 ? 12  DC  B C5    1 
ATOM   244  C C6    . DC  B 1 6 ? 18.267  10.279  -0.615  1.00 17.84 ? 12  DC  B C6    1 
ATOM   245  O "O5'" . DG  C 1 1 ? -3.007  -13.851 -20.475 1.00 25.13 ? 13  DG  C "O5'" 1 
ATOM   246  C "C5'" . DG  C 1 1 ? -4.007  -14.684 -21.059 1.00 16.76 ? 13  DG  C "C5'" 1 
ATOM   247  C "C4'" . DG  C 1 1 ? -4.439  -15.804 -20.140 1.00 18.61 ? 13  DG  C "C4'" 1 
ATOM   248  O "O4'" . DG  C 1 1 ? -3.355  -16.742 -19.952 1.00 17.03 ? 13  DG  C "O4'" 1 
ATOM   249  C "C3'" . DG  C 1 1 ? -4.825  -15.374 -18.729 1.00 16.74 ? 13  DG  C "C3'" 1 
ATOM   250  O "O3'" . DG  C 1 1 ? -6.197  -14.970 -18.693 1.00 21.91 ? 13  DG  C "O3'" 1 
ATOM   251  C "C2'" . DG  C 1 1 ? -4.620  -16.658 -17.952 1.00 14.98 ? 13  DG  C "C2'" 1 
ATOM   252  C "C1'" . DG  C 1 1 ? -3.352  -17.205 -18.602 1.00 20.33 ? 13  DG  C "C1'" 1 
ATOM   253  N N9    . DG  C 1 1 ? -2.135  -16.710 -17.965 1.00 18.00 ? 13  DG  C N9    1 
ATOM   254  C C8    . DG  C 1 1 ? -1.323  -15.700 -18.415 1.00 11.05 ? 13  DG  C C8    1 
ATOM   255  N N7    . DG  C 1 1 ? -0.318  -15.460 -17.616 1.00 21.50 ? 13  DG  C N7    1 
ATOM   256  C C5    . DG  C 1 1 ? -0.475  -16.367 -16.576 1.00 18.83 ? 13  DG  C C5    1 
ATOM   257  C C6    . DG  C 1 1 ? 0.225   -16.482 -15.341 1.00 20.67 ? 13  DG  C C6    1 
ATOM   258  O O6    . DG  C 1 1 ? 1.217   -15.859 -14.956 1.00 26.33 ? 13  DG  C O6    1 
ATOM   259  N N1    . DG  C 1 1 ? -0.351  -17.437 -14.509 1.00 19.70 ? 13  DG  C N1    1 
ATOM   260  C C2    . DG  C 1 1 ? -1.462  -18.176 -14.816 1.00 15.64 ? 13  DG  C C2    1 
ATOM   261  N N2    . DG  C 1 1 ? -1.867  -19.039 -13.880 1.00 16.39 ? 13  DG  C N2    1 
ATOM   262  N N3    . DG  C 1 1 ? -2.129  -18.075 -15.957 1.00 16.90 ? 13  DG  C N3    1 
ATOM   263  C C4    . DG  C 1 1 ? -1.586  -17.157 -16.783 1.00 15.19 ? 13  DG  C C4    1 
ATOM   264  P P     . DG  C 1 2 ? -6.715  -14.003 -17.518 1.00 22.60 ? 14  DG  C P     1 
ATOM   265  O OP1   . DG  C 1 2 ? -8.108  -13.612 -17.850 1.00 27.83 ? 14  DG  C OP1   1 
ATOM   266  O OP2   . DG  C 1 2 ? -5.690  -12.951 -17.294 1.00 27.06 ? 14  DG  C OP2   1 
ATOM   267  O "O5'" . DG  C 1 2 ? -6.779  -14.950 -16.236 1.00 20.75 ? 14  DG  C "O5'" 1 
ATOM   268  C "C5'" . DG  C 1 2 ? -7.787  -15.949 -16.130 1.00 14.30 ? 14  DG  C "C5'" 1 
ATOM   269  C "C4'" . DG  C 1 2 ? -7.534  -16.828 -14.929 1.00 19.77 ? 14  DG  C "C4'" 1 
ATOM   270  O "O4'" . DG  C 1 2 ? -6.186  -17.347 -14.945 1.00 23.65 ? 14  DG  C "O4'" 1 
ATOM   271  C "C3'" . DG  C 1 2 ? -7.645  -16.126 -13.585 1.00 21.03 ? 14  DG  C "C3'" 1 
ATOM   272  O "O3'" . DG  C 1 2 ? -9.007  -16.108 -13.175 1.00 27.19 ? 14  DG  C "O3'" 1 
ATOM   273  C "C2'" . DG  C 1 2 ? -6.848  -17.054 -12.689 1.00 23.93 ? 14  DG  C "C2'" 1 
ATOM   274  C "C1'" . DG  C 1 2 ? -5.707  -17.470 -13.608 1.00 19.02 ? 14  DG  C "C1'" 1 
ATOM   275  N N9    . DG  C 1 2 ? -4.531  -16.616 -13.488 1.00 20.42 ? 14  DG  C N9    1 
ATOM   276  C C8    . DG  C 1 2 ? -4.103  -15.679 -14.394 1.00 17.45 ? 14  DG  C C8    1 
ATOM   277  N N7    . DG  C 1 2 ? -3.007  -15.075 -14.024 1.00 18.29 ? 14  DG  C N7    1 
ATOM   278  C C5    . DG  C 1 2 ? -2.697  -15.648 -12.799 1.00 17.33 ? 14  DG  C C5    1 
ATOM   279  C C6    . DG  C 1 2 ? -1.599  -15.422 -11.937 1.00 19.93 ? 14  DG  C C6    1 
ATOM   280  O O6    . DG  C 1 2 ? -0.656  -14.635 -12.086 1.00 25.02 ? 14  DG  C O6    1 
ATOM   281  N N1    . DG  C 1 2 ? -1.657  -16.231 -10.807 1.00 14.86 ? 14  DG  C N1    1 
ATOM   282  C C2    . DG  C 1 2 ? -2.644  -17.149 -10.549 1.00 13.45 ? 14  DG  C C2    1 
ATOM   283  N N2    . DG  C 1 2 ? -2.530  -17.833 -9.405  1.00 10.69 ? 14  DG  C N2    1 
ATOM   284  N N3    . DG  C 1 2 ? -3.668  -17.376 -11.355 1.00 16.37 ? 14  DG  C N3    1 
ATOM   285  C C4    . DG  C 1 2 ? -3.631  -16.596 -12.452 1.00 13.25 ? 14  DG  C C4    1 
HETATM 286  N N1    . 5CM C 1 3 ? -5.415  -15.149 -9.008  1.00 16.59 ? 15  5CM C N1    1 
HETATM 287  C C2    . 5CM C 1 3 ? -4.192  -14.803 -8.439  1.00 15.27 ? 15  5CM C C2    1 
HETATM 288  N N3    . 5CM C 1 3 ? -3.409  -13.888 -9.054  1.00 18.92 ? 15  5CM C N3    1 
HETATM 289  C C4    . 5CM C 1 3 ? -3.813  -13.323 -10.193 1.00 17.54 ? 15  5CM C C4    1 
HETATM 290  C C5    . 5CM C 1 3 ? -5.060  -13.657 -10.794 1.00 16.30 ? 15  5CM C C5    1 
HETATM 291  C C5A   . 5CM C 1 3 ? -5.462  -12.979 -12.064 1.00 12.78 ? 15  5CM C C5A   1 
HETATM 292  C C6    . 5CM C 1 3 ? -5.821  -14.570 -10.177 1.00 14.54 ? 15  5CM C C6    1 
HETATM 293  O O2    . 5CM C 1 3 ? -3.854  -15.347 -7.376  1.00 16.83 ? 15  5CM C O2    1 
HETATM 294  N N4    . 5CM C 1 3 ? -3.008  -12.424 -10.767 1.00 14.27 ? 15  5CM C N4    1 
HETATM 295  C "C1'" . 5CM C 1 3 ? -6.256  -16.136 -8.320  1.00 19.32 ? 15  5CM C "C1'" 1 
HETATM 296  C "C2'" . 5CM C 1 3 ? -7.125  -15.512 -7.227  1.00 19.99 ? 15  5CM C "C2'" 1 
HETATM 297  C "C3'" . 5CM C 1 3 ? -8.382  -15.176 -8.006  1.00 21.94 ? 15  5CM C "C3'" 1 
HETATM 298  C "C4'" . 5CM C 1 3 ? -8.511  -16.419 -8.877  1.00 20.01 ? 15  5CM C "C4'" 1 
HETATM 299  O "O4'" . 5CM C 1 3 ? -7.150  -16.695 -9.282  1.00 19.91 ? 15  5CM C "O4'" 1 
HETATM 300  O "O3'" . 5CM C 1 3 ? -9.517  -15.041 -7.145  1.00 26.74 ? 15  5CM C "O3'" 1 
HETATM 301  C "C5'" . 5CM C 1 3 ? -9.386  -16.254 -10.095 1.00 15.05 ? 15  5CM C "C5'" 1 
HETATM 302  O "O5'" . 5CM C 1 3 ? -8.943  -15.147 -10.865 1.00 17.30 ? 15  5CM C "O5'" 1 
HETATM 303  P P     . 5CM C 1 3 ? -9.556  -14.879 -12.307 1.00 20.39 ? 15  5CM C P     1 
HETATM 304  O OP1   . 5CM C 1 3 ? -11.029 -15.042 -12.225 1.00 24.91 ? 15  5CM C OP1   1 
HETATM 305  O OP2   . 5CM C 1 3 ? -8.986  -13.632 -12.878 1.00 25.23 ? 15  5CM C OP2   1 
ATOM   306  P P     . DG  C 1 4 ? -9.953  -13.584 -6.619  1.00 25.69 ? 16  DG  C P     1 
ATOM   307  O OP1   . DG  C 1 4 ? -11.163 -13.790 -5.786  1.00 28.41 ? 16  DG  C OP1   1 
ATOM   308  O OP2   . DG  C 1 4 ? -10.002 -12.637 -7.765  1.00 26.15 ? 16  DG  C OP2   1 
ATOM   309  O "O5'" . DG  C 1 4 ? -8.759  -13.143 -5.659  1.00 23.55 ? 16  DG  C "O5'" 1 
ATOM   310  C "C5'" . DG  C 1 4 ? -8.514  -13.834 -4.439  1.00 15.35 ? 16  DG  C "C5'" 1 
ATOM   311  C "C4'" . DG  C 1 4 ? -7.258  -13.311 -3.778  1.00 23.85 ? 16  DG  C "C4'" 1 
ATOM   312  O "O4'" . DG  C 1 4 ? -6.089  -13.601 -4.575  1.00 23.38 ? 16  DG  C "O4'" 1 
ATOM   313  C "C3'" . DG  C 1 4 ? -7.178  -11.806 -3.542  1.00 20.35 ? 16  DG  C "C3'" 1 
ATOM   314  O "O3'" . DG  C 1 4 ? -7.891  -11.450 -2.353  1.00 24.58 ? 16  DG  C "O3'" 1 
ATOM   315  C "C2'" . DG  C 1 4 ? -5.689  -11.639 -3.307  1.00 19.37 ? 16  DG  C "C2'" 1 
ATOM   316  C "C1'" . DG  C 1 4 ? -5.098  -12.604 -4.331  1.00 19.45 ? 16  DG  C "C1'" 1 
ATOM   317  N N9    . DG  C 1 4 ? -4.813  -11.933 -5.593  1.00 18.61 ? 16  DG  C N9    1 
ATOM   318  C C8    . DG  C 1 4 ? -5.610  -11.886 -6.710  1.00 16.68 ? 16  DG  C C8    1 
ATOM   319  N N7    . DG  C 1 4 ? -5.101  -11.162 -7.669  1.00 18.54 ? 16  DG  C N7    1 
ATOM   320  C C5    . DG  C 1 4 ? -3.889  -10.713 -7.157  1.00 17.58 ? 16  DG  C C5    1 
ATOM   321  C C6    . DG  C 1 4 ? -2.907  -9.859  -7.726  1.00 17.23 ? 16  DG  C C6    1 
ATOM   322  O O6    . DG  C 1 4 ? -2.897  -9.323  -8.847  1.00 15.10 ? 16  DG  C O6    1 
ATOM   323  N N1    . DG  C 1 4 ? -1.850  -9.644  -6.849  1.00 16.99 ? 16  DG  C N1    1 
ATOM   324  C C2    . DG  C 1 4 ? -1.747  -10.180 -5.587  1.00 19.60 ? 16  DG  C C2    1 
ATOM   325  N N2    . DG  C 1 4 ? -0.641  -9.858  -4.890  1.00 16.91 ? 16  DG  C N2    1 
ATOM   326  N N3    . DG  C 1 4 ? -2.657  -10.972 -5.046  1.00 17.36 ? 16  DG  C N3    1 
ATOM   327  C C4    . DG  C 1 4 ? -3.693  -11.192 -5.881  1.00 18.29 ? 16  DG  C C4    1 
HETATM 328  N N1    . 5CM C 1 5 ? -3.899  -7.611  -4.095  1.00 18.23 ? 17  5CM C N1    1 
HETATM 329  C C2    . 5CM C 1 5 ? -3.040  -6.917  -4.936  1.00 13.05 ? 17  5CM C C2    1 
HETATM 330  N N3    . 5CM C 1 5 ? -3.417  -6.661  -6.206  1.00 18.02 ? 17  5CM C N3    1 
HETATM 331  C C4    . 5CM C 1 5 ? -4.606  -7.075  -6.644  1.00 15.36 ? 17  5CM C C4    1 
HETATM 332  C C5    . 5CM C 1 5 ? -5.499  -7.800  -5.811  1.00 13.62 ? 17  5CM C C5    1 
HETATM 333  C C5A   . 5CM C 1 5 ? -6.817  -8.231  -6.369  1.00 15.42 ? 17  5CM C C5A   1 
HETATM 334  C C6    . 5CM C 1 5 ? -5.108  -8.055  -4.555  1.00 13.89 ? 17  5CM C C6    1 
HETATM 335  O O2    . 5CM C 1 5 ? -1.945  -6.550  -4.492  1.00 17.88 ? 17  5CM C O2    1 
HETATM 336  N N4    . 5CM C 1 5 ? -4.943  -6.788  -7.903  1.00 10.86 ? 17  5CM C N4    1 
HETATM 337  C "C1'" . 5CM C 1 5 ? -3.475  -7.823  -2.702  1.00 17.90 ? 17  5CM C "C1'" 1 
HETATM 338  C "C2'" . 5CM C 1 5 ? -3.776  -6.603  -1.834  1.00 18.98 ? 17  5CM C "C2'" 1 
HETATM 339  C "C3'" . 5CM C 1 5 ? -5.113  -6.964  -1.218  1.00 24.10 ? 17  5CM C "C3'" 1 
HETATM 340  C "C4'" . 5CM C 1 5 ? -4.946  -8.462  -0.992  1.00 26.63 ? 17  5CM C "C4'" 1 
HETATM 341  O "O4'" . 5CM C 1 5 ? -4.220  -8.912  -2.162  1.00 23.88 ? 17  5CM C "O4'" 1 
HETATM 342  O "O3'" . 5CM C 1 5 ? -5.292  -6.266  0.019   1.00 19.81 ? 17  5CM C "O3'" 1 
HETATM 343  C "C5'" . 5CM C 1 5 ? -6.225  -9.251  -0.821  1.00 15.31 ? 17  5CM C "C5'" 1 
HETATM 344  O "O5'" . 5CM C 1 5 ? -7.063  -9.083  -1.957  1.00 18.14 ? 17  5CM C "O5'" 1 
HETATM 345  P P     . 5CM C 1 5 ? -8.398  -9.940  -2.140  1.00 19.92 ? 17  5CM C P     1 
HETATM 346  O OP1   . 5CM C 1 5 ? -9.143  -9.977  -0.857  1.00 21.29 ? 17  5CM C OP1   1 
HETATM 347  O OP2   . 5CM C 1 5 ? -9.077  -9.458  -3.374  1.00 16.96 ? 17  5CM C OP2   1 
ATOM   348  P P     . DC  C 1 6 ? -5.934  -4.792  0.013   1.00 19.63 ? 18  DC  C P     1 
ATOM   349  O OP1   . DC  C 1 6 ? -6.177  -4.444  1.432   1.00 23.57 ? 18  DC  C OP1   1 
ATOM   350  O OP2   . DC  C 1 6 ? -7.056  -4.748  -0.962  1.00 17.89 ? 18  DC  C OP2   1 
ATOM   351  O "O5'" . DC  C 1 6 ? -4.766  -3.858  -0.537  1.00 18.03 ? 18  DC  C "O5'" 1 
ATOM   352  C "C5'" . DC  C 1 6 ? -3.555  -3.693  0.199   1.00 16.92 ? 18  DC  C "C5'" 1 
ATOM   353  C "C4'" . DC  C 1 6 ? -2.613  -2.770  -0.541  1.00 12.37 ? 18  DC  C "C4'" 1 
ATOM   354  O "O4'" . DC  C 1 6 ? -2.248  -3.363  -1.803  1.00 17.24 ? 18  DC  C "O4'" 1 
ATOM   355  C "C3'" . DC  C 1 6 ? -3.207  -1.419  -0.916  1.00 18.81 ? 18  DC  C "C3'" 1 
ATOM   356  O "O3'" . DC  C 1 6 ? -3.016  -0.503  0.161   1.00 26.53 ? 18  DC  C "O3'" 1 
ATOM   357  C "C2'" . DC  C 1 6 ? -2.357  -1.008  -2.105  1.00 18.47 ? 18  DC  C "C2'" 1 
ATOM   358  C "C1'" . DC  C 1 6 ? -1.986  -2.339  -2.758  1.00 18.81 ? 18  DC  C "C1'" 1 
ATOM   359  N N1    . DC  C 1 6 ? -2.762  -2.643  -3.971  1.00 16.55 ? 18  DC  C N1    1 
ATOM   360  C C2    . DC  C 1 6 ? -2.340  -2.110  -5.186  1.00 15.99 ? 18  DC  C C2    1 
ATOM   361  O O2    . DC  C 1 6 ? -1.337  -1.389  -5.200  1.00 18.05 ? 18  DC  C O2    1 
ATOM   362  N N3    . DC  C 1 6 ? -3.039  -2.390  -6.314  1.00 17.81 ? 18  DC  C N3    1 
ATOM   363  C C4    . DC  C 1 6 ? -4.127  -3.164  -6.248  1.00 17.48 ? 18  DC  C C4    1 
ATOM   364  N N4    . DC  C 1 6 ? -4.791  -3.413  -7.383  1.00 12.61 ? 18  DC  C N4    1 
ATOM   365  C C5    . DC  C 1 6 ? -4.585  -3.715  -5.018  1.00 13.47 ? 18  DC  C C5    1 
ATOM   366  C C6    . DC  C 1 6 ? -3.878  -3.433  -3.914  1.00 17.08 ? 18  DC  C C6    1 
ATOM   367  O "O5'" . DG  D 1 1 ? -1.310  0.270   -16.007 1.00 25.85 ? 19  DG  D "O5'" 1 
ATOM   368  C "C5'" . DG  D 1 1 ? -0.096  1.017   -16.117 1.00 22.62 ? 19  DG  D "C5'" 1 
ATOM   369  C "C4'" . DG  D 1 1 ? 0.565   1.308   -14.790 1.00 18.69 ? 19  DG  D "C4'" 1 
ATOM   370  O "O4'" . DG  D 1 1 ? -0.384  1.898   -13.869 1.00 21.88 ? 19  DG  D "O4'" 1 
ATOM   371  C "C3'" . DG  D 1 1 ? 1.109   0.096   -14.045 1.00 16.37 ? 19  DG  D "C3'" 1 
ATOM   372  O "O3'" . DG  D 1 1 ? 2.418   -0.226  -14.516 1.00 21.09 ? 19  DG  D "O3'" 1 
ATOM   373  C "C2'" . DG  D 1 1 ? 1.175   0.626   -12.625 1.00 23.43 ? 19  DG  D "C2'" 1 
ATOM   374  C "C1'" . DG  D 1 1 ? -0.101  1.461   -12.541 1.00 20.31 ? 19  DG  D "C1'" 1 
ATOM   375  N N9    . DG  D 1 1 ? -1.237  0.673   -12.080 1.00 19.53 ? 19  DG  D N9    1 
ATOM   376  C C8    . DG  D 1 1 ? -2.336  0.293   -12.815 1.00 16.18 ? 19  DG  D C8    1 
ATOM   377  N N7    . DG  D 1 1 ? -3.166  -0.457  -12.142 1.00 18.59 ? 19  DG  D N7    1 
ATOM   378  C C5    . DG  D 1 1 ? -2.587  -0.571  -10.884 1.00 17.52 ? 19  DG  D C5    1 
ATOM   379  C C6    . DG  D 1 1 ? -3.018  -1.281  -9.731  1.00 17.03 ? 19  DG  D C6    1 
ATOM   380  O O6    . DG  D 1 1 ? -4.026  -1.979  -9.589  1.00 17.30 ? 19  DG  D O6    1 
ATOM   381  N N1    . DG  D 1 1 ? -2.131  -1.124  -8.670  1.00 16.38 ? 19  DG  D N1    1 
ATOM   382  C C2    . DG  D 1 1 ? -0.973  -0.388  -8.714  1.00 16.94 ? 19  DG  D C2    1 
ATOM   383  N N2    . DG  D 1 1 ? -0.248  -0.355  -7.582  1.00 16.30 ? 19  DG  D N2    1 
ATOM   384  N N3    . DG  D 1 1 ? -0.554  0.268   -9.786  1.00 16.55 ? 19  DG  D N3    1 
ATOM   385  C C4    . DG  D 1 1 ? -1.404  0.135   -10.825 1.00 17.80 ? 19  DG  D C4    1 
ATOM   386  P P     . DG  D 1 2 ? 2.947   -1.741  -14.437 1.00 21.59 ? 20  DG  D P     1 
ATOM   387  O OP1   . DG  D 1 2 ? 4.266   -1.771  -15.114 1.00 29.97 ? 20  DG  D OP1   1 
ATOM   388  O OP2   . DG  D 1 2 ? 1.861   -2.644  -14.901 1.00 27.40 ? 20  DG  D OP2   1 
ATOM   389  O "O5'" . DG  D 1 2 ? 3.200   -2.012  -12.887 1.00 19.81 ? 20  DG  D "O5'" 1 
ATOM   390  C "C5'" . DG  D 1 2 ? 4.062   -1.169  -12.129 1.00 15.31 ? 20  DG  D "C5'" 1 
ATOM   391  C "C4'" . DG  D 1 2 ? 4.002   -1.536  -10.664 1.00 21.07 ? 20  DG  D "C4'" 1 
ATOM   392  O "O4'" . DG  D 1 2 ? 2.703   -1.217  -10.112 1.00 19.60 ? 20  DG  D "O4'" 1 
ATOM   393  C "C3'" . DG  D 1 2 ? 4.192   -3.016  -10.356 1.00 18.02 ? 20  DG  D "C3'" 1 
ATOM   394  O "O3'" . DG  D 1 2 ? 5.583   -3.326  -10.277 1.00 19.91 ? 20  DG  D "O3'" 1 
ATOM   395  C "C2'" . DG  D 1 2 ? 3.552   -3.128  -8.985  1.00 14.99 ? 20  DG  D "C2'" 1 
ATOM   396  C "C1'" . DG  D 1 2 ? 2.368   -2.171  -9.103  1.00 16.77 ? 20  DG  D "C1'" 1 
ATOM   397  N N9    . DG  D 1 2 ? 1.129   -2.833  -9.500  1.00 14.58 ? 20  DG  D N9    1 
ATOM   398  C C8    . DG  D 1 2 ? 0.541   -2.823  -10.740 1.00 10.84 ? 20  DG  D C8    1 
ATOM   399  N N7    . DG  D 1 2 ? -0.561  -3.520  -10.788 1.00 13.90 ? 20  DG  D N7    1 
ATOM   400  C C5    . DG  D 1 2 ? -0.710  -4.019  -9.501  1.00 11.13 ? 20  DG  D C5    1 
ATOM   401  C C6    . DG  D 1 2 ? -1.741  -4.819  -8.934  1.00 14.73 ? 20  DG  D C6    1 
ATOM   402  O O6    . DG  D 1 2 ? -2.741  -5.294  -9.486  1.00 20.70 ? 20  DG  D O6    1 
ATOM   403  N N1    . DG  D 1 2 ? -1.524  -5.055  -7.581  1.00 13.48 ? 20  DG  D N1    1 
ATOM   404  C C2    . DG  D 1 2 ? -0.449  -4.583  -6.864  1.00 16.63 ? 20  DG  D C2    1 
ATOM   405  N N2    . DG  D 1 2 ? -0.403  -4.913  -5.562  1.00 13.94 ? 20  DG  D N2    1 
ATOM   406  N N3    . DG  D 1 2 ? 0.515   -3.840  -7.381  1.00 15.55 ? 20  DG  D N3    1 
ATOM   407  C C4    . DG  D 1 2 ? 0.322   -3.600  -8.694  1.00 11.80 ? 20  DG  D C4    1 
HETATM 408  N N1    . 5CM D 1 3 ? 2.318   -6.938  -7.062  1.00 18.65 ? 21  5CM D N1    1 
HETATM 409  C C2    . 5CM D 1 3 ? 1.198   -7.659  -6.659  1.00 16.09 ? 21  5CM D C2    1 
HETATM 410  N N3    . 5CM D 1 3 ? 0.264   -8.004  -7.573  1.00 14.66 ? 21  5CM D N3    1 
HETATM 411  C C4    . 5CM D 1 3 ? 0.424   -7.659  -8.851  1.00 15.32 ? 21  5CM D C4    1 
HETATM 412  C C5    . 5CM D 1 3 ? 1.567   -6.931  -9.296  1.00 16.40 ? 21  5CM D C5    1 
HETATM 413  C C5A   . 5CM D 1 3 ? 1.698   -6.590  -10.748 1.00 11.13 ? 21  5CM D C5A   1 
HETATM 414  C C6    . 5CM D 1 3 ? 2.480   -6.591  -8.375  1.00 15.28 ? 21  5CM D C6    1 
HETATM 415  O O2    . 5CM D 1 3 ? 1.092   -7.968  -5.464  1.00 16.91 ? 21  5CM D O2    1 
HETATM 416  N N4    . 5CM D 1 3 ? -0.527  -8.016  -9.716  1.00 17.92 ? 21  5CM D N4    1 
HETATM 417  C "C1'" . 5CM D 1 3 ? 3.310   -6.567  -6.039  1.00 21.57 ? 21  5CM D "C1'" 1 
HETATM 418  C "C2'" . 5CM D 1 3 ? 4.241   -7.713  -5.663  1.00 19.69 ? 21  5CM D "C2'" 1 
HETATM 419  C "C3'" . 5CM D 1 3 ? 5.420   -7.452  -6.577  1.00 21.96 ? 21  5CM D "C3'" 1 
HETATM 420  C "C4'" . 5CM D 1 3 ? 5.509   -5.934  -6.520  1.00 17.94 ? 21  5CM D "C4'" 1 
HETATM 421  O "O4'" . 5CM D 1 3 ? 4.128   -5.523  -6.569  1.00 21.51 ? 21  5CM D "O4'" 1 
HETATM 422  O "O3'" . 5CM D 1 3 ? 6.606   -8.064  -6.074  1.00 24.78 ? 21  5CM D "O3'" 1 
HETATM 423  C "C5'" . 5CM D 1 3 ? 6.256   -5.304  -7.669  1.00 13.90 ? 21  5CM D "C5'" 1 
HETATM 424  O "O5'" . 5CM D 1 3 ? 5.487   -5.408  -8.858  1.00 16.86 ? 21  5CM D "O5'" 1 
HETATM 425  P P     . 5CM D 1 3 ? 6.057   -4.862  -10.239 1.00 19.08 ? 21  5CM D P     1 
HETATM 426  O OP1   . 5CM D 1 3 ? 7.538   -4.856  -10.137 1.00 21.48 ? 21  5CM D OP1   1 
HETATM 427  O OP2   . 5CM D 1 3 ? 5.393   -5.585  -11.354 1.00 18.10 ? 21  5CM D OP2   1 
ATOM   428  P P     . DG  D 1 4 ? 6.965   -9.561  -6.520  1.00 25.15 ? 22  DG  D P     1 
ATOM   429  O OP1   . DG  D 1 4 ? 8.312   -9.863  -5.968  1.00 29.23 ? 22  DG  D OP1   1 
ATOM   430  O OP2   . DG  D 1 4 ? 6.725   -9.652  -7.985  1.00 19.94 ? 22  DG  D OP2   1 
ATOM   431  O "O5'" . DG  D 1 4 ? 5.907   -10.467 -5.745  1.00 15.90 ? 22  DG  D "O5'" 1 
ATOM   432  C "C5'" . DG  D 1 4 ? 5.916   -10.529 -4.323  1.00 10.50 ? 22  DG  D "C5'" 1 
ATOM   433  C "C4'" . DG  D 1 4 ? 4.816   -11.439 -3.828  1.00 23.55 ? 22  DG  D "C4'" 1 
ATOM   434  O "O4'" . DG  D 1 4 ? 3.521   -10.861 -4.112  1.00 26.37 ? 22  DG  D "O4'" 1 
ATOM   435  C "C3'" . DG  D 1 4 ? 4.756   -12.814 -4.480  1.00 23.96 ? 22  DG  D "C3'" 1 
ATOM   436  O "O3'" . DG  D 1 4 ? 5.666   -13.718 -3.858  1.00 20.82 ? 22  DG  D "O3'" 1 
ATOM   437  C "C2'" . DG  D 1 4 ? 3.327   -13.225 -4.182  1.00 21.96 ? 22  DG  D "C2'" 1 
ATOM   438  C "C1'" . DG  D 1 4 ? 2.581   -11.909 -4.376  1.00 24.41 ? 22  DG  D "C1'" 1 
ATOM   439  N N9    . DG  D 1 4 ? 2.075   -11.726 -5.733  1.00 19.38 ? 22  DG  D N9    1 
ATOM   440  C C8    . DG  D 1 4 ? 2.639   -10.968 -6.729  1.00 22.65 ? 22  DG  D C8    1 
ATOM   441  N N7    . DG  D 1 4 ? 1.949   -10.987 -7.840  1.00 22.18 ? 22  DG  D N7    1 
ATOM   442  C C5    . DG  D 1 4 ? 0.867   -11.806 -7.559  1.00 15.20 ? 22  DG  D C5    1 
ATOM   443  C C6    . DG  D 1 4 ? -0.207  -12.217 -8.385  1.00 17.76 ? 22  DG  D C6    1 
ATOM   444  O O6    . DG  D 1 4 ? -0.440  -11.899 -9.564  1.00 18.40 ? 22  DG  D O6    1 
ATOM   445  N N1    . DG  D 1 4 ? -1.064  -13.084 -7.714  1.00 12.58 ? 22  DG  D N1    1 
ATOM   446  C C2    . DG  D 1 4 ? -0.902  -13.503 -6.413  1.00 16.81 ? 22  DG  D C2    1 
ATOM   447  N N2    . DG  D 1 4 ? -1.823  -14.354 -5.940  1.00 17.57 ? 22  DG  D N2    1 
ATOM   448  N N3    . DG  D 1 4 ? 0.093   -13.120 -5.631  1.00 16.83 ? 22  DG  D N3    1 
ATOM   449  C C4    . DG  D 1 4 ? 0.933   -12.276 -6.264  1.00 14.61 ? 22  DG  D C4    1 
HETATM 450  N N1    . 5CM D 1 5 ? 1.411   -16.455 -6.970  1.00 16.05 ? 23  5CM D N1    1 
HETATM 451  C C2    . 5CM D 1 5 ? 0.380   -16.568 -7.896  1.00 14.38 ? 23  5CM D C2    1 
HETATM 452  N N3    . 5CM D 1 5 ? 0.435   -15.866 -9.048  1.00 16.05 ? 23  5CM D N3    1 
HETATM 453  C C4    . 5CM D 1 5 ? 1.480   -15.080 -9.299  1.00 14.64 ? 23  5CM D C4    1 
HETATM 454  C C5    . 5CM D 1 5 ? 2.553   -14.940 -8.373  1.00 17.29 ? 23  5CM D C5    1 
HETATM 455  C C5A   . 5CM D 1 5 ? 3.702   -14.046 -8.725  1.00 8.55  ? 23  5CM D C5A   1 
HETATM 456  C C6    . 5CM D 1 5 ? 2.475   -15.634 -7.222  1.00 12.71 ? 23  5CM D C6    1 
HETATM 457  O O2    . 5CM D 1 5 ? -0.565  -17.321 -7.637  1.00 17.90 ? 23  5CM D O2    1 
HETATM 458  N N4    . 5CM D 1 5 ? 1.500   -14.419 -10.459 1.00 9.57  ? 23  5CM D N4    1 
HETATM 459  C "C1'" . 5CM D 1 5 ? 1.323   -17.249 -5.735  1.00 17.11 ? 23  5CM D "C1'" 1 
HETATM 460  C "C2'" . 5CM D 1 5 ? 1.977   -18.625 -5.844  1.00 15.89 ? 23  5CM D "C2'" 1 
HETATM 461  C "C3'" . 5CM D 1 5 ? 3.353   -18.371 -5.257  1.00 20.45 ? 23  5CM D "C3'" 1 
HETATM 462  C "C4'" . 5CM D 1 5 ? 3.036   -17.389 -4.141  1.00 20.84 ? 23  5CM D "C4'" 1 
HETATM 463  O "O4'" . 5CM D 1 5 ? 2.010   -16.542 -4.705  1.00 22.99 ? 23  5CM D "O4'" 1 
HETATM 464  O "O3'" . 5CM D 1 5 ? 3.917   -19.559 -4.701  1.00 22.14 ? 23  5CM D "O3'" 1 
HETATM 465  C "C5'" . 5CM D 1 5 ? 4.218   -16.562 -3.695  1.00 17.38 ? 23  5CM D "C5'" 1 
HETATM 466  O "O5'" . 5CM D 1 5 ? 4.795   -15.892 -4.810  1.00 20.63 ? 23  5CM D "O5'" 1 
HETATM 467  P P     . 5CM D 1 5 ? 6.130   -15.039 -4.645  1.00 20.98 ? 23  5CM D P     1 
HETATM 468  O OP1   . 5CM D 1 5 ? 7.032   -15.761 -3.718  1.00 24.05 ? 23  5CM D OP1   1 
HETATM 469  O OP2   . 5CM D 1 5 ? 6.602   -14.683 -6.008  1.00 21.30 ? 23  5CM D OP2   1 
ATOM   470  P P     . DC  D 1 6 ? 4.846   -20.498 -5.614  1.00 23.50 ? 24  DC  D P     1 
ATOM   471  O OP1   . DC  D 1 6 ? 5.544   -21.452 -4.716  1.00 25.48 ? 24  DC  D OP1   1 
ATOM   472  O OP2   . DC  D 1 6 ? 5.629   -19.650 -6.553  1.00 16.04 ? 24  DC  D OP2   1 
ATOM   473  O "O5'" . DC  D 1 6 ? 3.796   -21.344 -6.450  1.00 14.28 ? 24  DC  D "O5'" 1 
ATOM   474  C "C5'" . DC  D 1 6 ? 3.610   -21.059 -7.816  1.00 24.19 ? 24  DC  D "C5'" 1 
ATOM   475  C "C4'" . DC  D 1 6 ? 2.351   -21.723 -8.311  1.00 26.71 ? 24  DC  D "C4'" 1 
ATOM   476  O "O4'" . DC  D 1 6 ? 1.334   -20.706 -8.449  1.00 30.72 ? 24  DC  D "O4'" 1 
ATOM   477  C "C3'" . DC  D 1 6 ? 2.538   -22.314 -9.701  1.00 29.72 ? 24  DC  D "C3'" 1 
ATOM   478  O "O3'" . DC  D 1 6 ? 2.921   -23.672 -9.490  1.00 29.24 ? 24  DC  D "O3'" 1 
ATOM   479  C "C2'" . DC  D 1 6 ? 1.194   -22.066 -10.356 1.00 26.58 ? 24  DC  D "C2'" 1 
ATOM   480  C "C1'" . DC  D 1 6 ? 0.818   -20.717 -9.770  1.00 26.31 ? 24  DC  D "C1'" 1 
ATOM   481  N N1    . DC  D 1 6 ? 1.384   -19.564 -10.484 1.00 23.81 ? 24  DC  D N1    1 
ATOM   482  C C2    . DC  D 1 6 ? 0.705   -19.087 -11.597 1.00 26.41 ? 24  DC  D C2    1 
ATOM   483  O O2    . DC  D 1 6 ? -0.348  -19.650 -11.931 1.00 32.28 ? 24  DC  D O2    1 
ATOM   484  N N3    . DC  D 1 6 ? 1.205   -18.033 -12.285 1.00 24.26 ? 24  DC  D N3    1 
ATOM   485  C C4    . DC  D 1 6 ? 2.343   -17.460 -11.888 1.00 22.86 ? 24  DC  D C4    1 
ATOM   486  N N4    . DC  D 1 6 ? 2.804   -16.430 -12.605 1.00 16.82 ? 24  DC  D N4    1 
ATOM   487  C C5    . DC  D 1 6 ? 3.057   -17.923 -10.741 1.00 17.79 ? 24  DC  D C5    1 
ATOM   488  C C6    . DC  D 1 6 ? 2.546   -18.969 -10.075 1.00 17.90 ? 24  DC  D C6    1 
ATOM   489  O "O5'" . DG  E 1 1 ? -4.171  6.537   -11.456 1.00 28.90 ? 25  DG  E "O5'" 1 
ATOM   490  C "C5'" . DG  E 1 1 ? -3.625  5.564   -12.349 1.00 21.37 ? 25  DG  E "C5'" 1 
ATOM   491  C "C4'" . DG  E 1 1 ? -3.109  4.368   -11.585 1.00 23.17 ? 25  DG  E "C4'" 1 
ATOM   492  O "O4'" . DG  E 1 1 ? -1.790  4.655   -11.058 1.00 21.29 ? 25  DG  E "O4'" 1 
ATOM   493  C "C3'" . DG  E 1 1 ? -3.939  3.999   -10.360 1.00 21.15 ? 25  DG  E "C3'" 1 
ATOM   494  O "O3'" . DG  E 1 1 ? -4.994  3.109   -10.716 1.00 21.99 ? 25  DG  E "O3'" 1 
ATOM   495  C "C2'" . DG  E 1 1 ? -2.916  3.296   -9.492  1.00 25.76 ? 25  DG  E "C2'" 1 
ATOM   496  C "C1'" . DG  E 1 1 ? -1.683  4.161   -9.725  1.00 18.84 ? 25  DG  E "C1'" 1 
ATOM   497  N N9    . DG  E 1 1 ? -1.638  5.308   -8.828  1.00 17.67 ? 25  DG  E N9    1 
ATOM   498  C C8    . DG  E 1 1 ? -1.931  6.614   -9.135  1.00 17.95 ? 25  DG  E C8    1 
ATOM   499  N N7    . DG  E 1 1 ? -1.820  7.417   -8.111  1.00 21.55 ? 25  DG  E N7    1 
ATOM   500  C C5    . DG  E 1 1 ? -1.429  6.591   -7.064  1.00 21.06 ? 25  DG  E C5    1 
ATOM   501  C C6    . DG  E 1 1 ? -1.239  6.875   -5.683  1.00 19.29 ? 25  DG  E C6    1 
ATOM   502  O O6    . DG  E 1 1 ? -1.323  7.960   -5.097  1.00 25.00 ? 25  DG  E O6    1 
ATOM   503  N N1    . DG  E 1 1 ? -0.928  5.730   -4.965  1.00 19.42 ? 25  DG  E N1    1 
ATOM   504  C C2    . DG  E 1 1 ? -0.823  4.471   -5.492  1.00 16.55 ? 25  DG  E C2    1 
ATOM   505  N N2    . DG  E 1 1 ? -0.524  3.500   -4.627  1.00 13.39 ? 25  DG  E N2    1 
ATOM   506  N N3    . DG  E 1 1 ? -1.003  4.187   -6.771  1.00 18.08 ? 25  DG  E N3    1 
ATOM   507  C C4    . DG  E 1 1 ? -1.304  5.286   -7.494  1.00 19.64 ? 25  DG  E C4    1 
ATOM   508  P P     . DG  E 1 2 ? -6.330  3.074   -9.828  1.00 27.43 ? 26  DG  E P     1 
ATOM   509  O OP1   . DG  E 1 2 ? -7.340  2.291   -10.584 1.00 29.27 ? 26  DG  E OP1   1 
ATOM   510  O OP2   . DG  E 1 2 ? -6.637  4.466   -9.413  1.00 28.25 ? 26  DG  E OP2   1 
ATOM   511  O "O5'" . DG  E 1 2 ? -5.920  2.229   -8.541  1.00 21.73 ? 26  DG  E "O5'" 1 
ATOM   512  C "C5'" . DG  E 1 2 ? -5.381  0.920   -8.681  1.00 15.26 ? 26  DG  E "C5'" 1 
ATOM   513  C "C4'" . DG  E 1 2 ? -4.919  0.400   -7.341  1.00 21.29 ? 26  DG  E "C4'" 1 
ATOM   514  O "O4'" . DG  E 1 2 ? -3.818  1.197   -6.854  1.00 21.55 ? 26  DG  E "O4'" 1 
ATOM   515  C "C3'" . DG  E 1 2 ? -5.968  0.491   -6.242  1.00 22.49 ? 26  DG  E "C3'" 1 
ATOM   516  O "O3'" . DG  E 1 2 ? -6.797  -0.670  -6.276  1.00 23.51 ? 26  DG  E "O3'" 1 
ATOM   517  C "C2'" . DG  E 1 2 ? -5.118  0.508   -4.985  1.00 16.63 ? 26  DG  E "C2'" 1 
ATOM   518  C "C1'" . DG  E 1 2 ? -3.882  1.283   -5.431  1.00 20.02 ? 26  DG  E "C1'" 1 
ATOM   519  N N9    . DG  E 1 2 ? -3.924  2.695   -5.067  1.00 19.88 ? 26  DG  E N9    1 
ATOM   520  C C8    . DG  E 1 2 ? -4.174  3.765   -5.892  1.00 16.71 ? 26  DG  E C8    1 
ATOM   521  N N7    . DG  E 1 2 ? -4.154  4.906   -5.262  1.00 18.39 ? 26  DG  E N7    1 
ATOM   522  C C5    . DG  E 1 2 ? -3.875  4.568   -3.946  1.00 16.61 ? 26  DG  E C5    1 
ATOM   523  C C6    . DG  E 1 2 ? -3.741  5.385   -2.791  1.00 18.77 ? 26  DG  E C6    1 
ATOM   524  O O6    . DG  E 1 2 ? -3.843  6.612   -2.701  1.00 20.11 ? 26  DG  E O6    1 
ATOM   525  N N1    . DG  E 1 2 ? -3.459  4.627   -1.659  1.00 16.66 ? 26  DG  E N1    1 
ATOM   526  C C2    . DG  E 1 2 ? -3.330  3.262   -1.638  1.00 15.31 ? 26  DG  E C2    1 
ATOM   527  N N2    . DG  E 1 2 ? -3.072  2.703   -0.453  1.00 14.36 ? 26  DG  E N2    1 
ATOM   528  N N3    . DG  E 1 2 ? -3.451  2.495   -2.705  1.00 19.31 ? 26  DG  E N3    1 
ATOM   529  C C4    . DG  E 1 2 ? -3.724  3.208   -3.813  1.00 16.33 ? 26  DG  E C4    1 
HETATM 530  N N1    . 5CM E 1 3 ? -6.784  1.913   -1.164  1.00 17.62 ? 27  5CM E N1    1 
HETATM 531  C C2    . 5CM E 1 3 ? -6.598  2.948   -0.256  1.00 18.28 ? 27  5CM E C2    1 
HETATM 532  N N3    . 5CM E 1 3 ? -6.709  4.229   -0.675  1.00 16.14 ? 27  5CM E N3    1 
HETATM 533  C C4    . 5CM E 1 3 ? -7.003  4.488   -1.950  1.00 17.07 ? 27  5CM E C4    1 
HETATM 534  C C5    . 5CM E 1 3 ? -7.222  3.445   -2.898  1.00 18.71 ? 27  5CM E C5    1 
HETATM 535  C C5A   . 5CM E 1 3 ? -7.580  3.803   -4.306  1.00 11.76 ? 27  5CM E C5A   1 
HETATM 536  C C6    . 5CM E 1 3 ? -7.097  2.182   -2.467  1.00 14.28 ? 27  5CM E C6    1 
HETATM 537  O O2    . 5CM E 1 3 ? -6.338  2.658   0.923   1.00 21.75 ? 27  5CM E O2    1 
HETATM 538  N N4    . 5CM E 1 3 ? -7.087  5.765   -2.324  1.00 16.45 ? 27  5CM E N4    1 
HETATM 539  C "C1'" . 5CM E 1 3 ? -6.635  0.537   -0.675  1.00 23.05 ? 27  5CM E "C1'" 1 
HETATM 540  C "C2'" . 5CM E 1 3 ? -7.906  0.019   -0.010  1.00 23.59 ? 27  5CM E "C2'" 1 
HETATM 541  C "C3'" . 5CM E 1 3 ? -8.605  -0.631  -1.187  1.00 24.65 ? 27  5CM E "C3'" 1 
HETATM 542  C "C4'" . 5CM E 1 3 ? -7.431  -1.295  -1.894  1.00 21.44 ? 27  5CM E "C4'" 1 
HETATM 543  O "O4'" . 5CM E 1 3 ? -6.377  -0.310  -1.798  1.00 22.93 ? 27  5CM E "O4'" 1 
HETATM 544  O "O3'" . 5CM E 1 3 ? -9.553  -1.601  -0.746  1.00 27.46 ? 27  5CM E "O3'" 1 
HETATM 545  C "C5'" . 5CM E 1 3 ? -7.676  -1.658  -3.338  1.00 17.82 ? 27  5CM E "C5'" 1 
HETATM 546  O "O5'" . 5CM E 1 3 ? -8.019  -0.501  -4.084  1.00 14.18 ? 27  5CM E "O5'" 1 
HETATM 547  P P     . 5CM E 1 3 ? -8.271  -0.609  -5.649  1.00 20.56 ? 27  5CM E P     1 
HETATM 548  O OP1   . 5CM E 1 3 ? -8.906  -1.928  -5.908  1.00 23.03 ? 27  5CM E OP1   1 
HETATM 549  O OP2   . 5CM E 1 3 ? -8.923  0.631   -6.138  1.00 19.00 ? 27  5CM E OP2   1 
ATOM   550  P P     . DG  E 1 4 ? -11.115 -1.240  -0.764  1.00 25.32 ? 28  DG  E P     1 
ATOM   551  O OP1   . DG  E 1 4 ? -11.800 -2.480  -0.312  1.00 33.04 ? 28  DG  E OP1   1 
ATOM   552  O OP2   . DG  E 1 4 ? -11.470 -0.628  -2.070  1.00 23.37 ? 28  DG  E OP2   1 
ATOM   553  O "O5'" . DG  E 1 4 ? -11.269 -0.123  0.362   1.00 25.24 ? 28  DG  E "O5'" 1 
ATOM   554  C "C5'" . DG  E 1 4 ? -11.288 -0.492  1.733   1.00 24.54 ? 28  DG  E "C5'" 1 
ATOM   555  C "C4'" . DG  E 1 4 ? -11.122 0.723   2.615   1.00 31.53 ? 28  DG  E "C4'" 1 
ATOM   556  O "O4'" . DG  E 1 4 ? -10.005 1.545   2.217   1.00 28.81 ? 28  DG  E "O4'" 1 
ATOM   557  C "C3'" . DG  E 1 4 ? -12.278 1.708   2.637   1.00 25.43 ? 28  DG  E "C3'" 1 
ATOM   558  O "O3'" . DG  E 1 4 ? -13.377 1.186   3.381   1.00 25.90 ? 28  DG  E "O3'" 1 
ATOM   559  C "C2'" . DG  E 1 4 ? -11.622 2.868   3.356   1.00 23.01 ? 28  DG  E "C2'" 1 
ATOM   560  C "C1'" . DG  E 1 4 ? -10.232 2.867   2.715   1.00 23.60 ? 28  DG  E "C1'" 1 
ATOM   561  N N9    . DG  E 1 4 ? -10.168 3.785   1.586   1.00 19.47 ? 28  DG  E N9    1 
ATOM   562  C C8    . DG  E 1 4 ? -10.266 3.479   0.253   1.00 17.64 ? 28  DG  E C8    1 
ATOM   563  N N7    . DG  E 1 4 ? -10.213 4.532   -0.516  1.00 20.79 ? 28  DG  E N7    1 
ATOM   564  C C5    . DG  E 1 4 ? -10.065 5.595   0.365   1.00 18.92 ? 28  DG  E C5    1 
ATOM   565  C C6    . DG  E 1 4 ? -10.035 6.997   0.126   1.00 17.94 ? 28  DG  E C6    1 
ATOM   566  O O6    . DG  E 1 4 ? -10.062 7.600   -0.956  1.00 17.68 ? 28  DG  E O6    1 
ATOM   567  N N1    . DG  E 1 4 ? -9.964  7.715   1.316   1.00 13.81 ? 28  DG  E N1    1 
ATOM   568  C C2    . DG  E 1 4 ? -9.930  7.162   2.570   1.00 12.84 ? 28  DG  E C2    1 
ATOM   569  N N2    . DG  E 1 4 ? -9.863  8.015   3.596   1.00 12.30 ? 28  DG  E N2    1 
ATOM   570  N N3    . DG  E 1 4 ? -9.960  5.864   2.804   1.00 15.88 ? 28  DG  E N3    1 
ATOM   571  C C4    . DG  E 1 4 ? -10.026 5.146   1.666   1.00 16.72 ? 28  DG  E C4    1 
HETATM 572  N N1    . 5CM E 1 5 ? -13.620 7.087   2.969   1.00 23.30 ? 29  5CM E N1    1 
HETATM 573  C C2    . 5CM E 1 5 ? -13.390 8.362   2.468   1.00 19.80 ? 29  5CM E C2    1 
HETATM 574  N N3    . 5CM E 1 5 ? -13.276 8.548   1.135   1.00 21.03 ? 29  5CM E N3    1 
HETATM 575  C C4    . 5CM E 1 5 ? -13.378 7.506   0.309   1.00 20.43 ? 29  5CM E C4    1 
HETATM 576  C C5    . 5CM E 1 5 ? -13.593 6.182   0.793   1.00 19.22 ? 29  5CM E C5    1 
HETATM 577  C C5A   . 5CM E 1 5 ? -13.686 5.052   -0.183  1.00 10.90 ? 29  5CM E C5A   1 
HETATM 578  C C6    . 5CM E 1 5 ? -13.705 6.018   2.120   1.00 20.06 ? 29  5CM E C6    1 
HETATM 579  O O2    . 5CM E 1 5 ? -13.299 9.296   3.266   1.00 22.72 ? 29  5CM E O2    1 
HETATM 580  N N4    . 5CM E 1 5 ? -13.277 7.742   -1.004  1.00 17.41 ? 29  5CM E N4    1 
HETATM 581  C "C1'" . 5CM E 1 5 ? -13.785 6.933   4.424   1.00 24.82 ? 29  5CM E "C1'" 1 
HETATM 582  C "C2'" . 5CM E 1 5 ? -15.228 7.169   4.876   1.00 18.84 ? 29  5CM E "C2'" 1 
HETATM 583  C "C3'" . 5CM E 1 5 ? -15.785 5.757   4.851   1.00 24.69 ? 29  5CM E "C3'" 1 
HETATM 584  C "C4'" . 5CM E 1 5 ? -14.604 4.971   5.407   1.00 25.78 ? 29  5CM E "C4'" 1 
HETATM 585  O "O4'" . 5CM E 1 5 ? -13.458 5.587   4.772   1.00 25.72 ? 29  5CM E "O4'" 1 
HETATM 586  O "O3'" . 5CM E 1 5 ? -16.929 5.621   5.702   1.00 23.17 ? 29  5CM E "O3'" 1 
HETATM 587  C "C5'" . 5CM E 1 5 ? -14.632 3.488   5.125   1.00 18.79 ? 29  5CM E "C5'" 1 
HETATM 588  O "O5'" . 5CM E 1 5 ? -14.767 3.261   3.725   1.00 27.77 ? 29  5CM E "O5'" 1 
HETATM 589  P P     . 5CM E 1 5 ? -14.847 1.781   3.138   1.00 26.36 ? 29  5CM E P     1 
HETATM 590  O OP1   . 5CM E 1 5 ? -15.770 1.001   3.999   1.00 31.26 ? 29  5CM E OP1   1 
HETATM 591  O OP2   . 5CM E 1 5 ? -15.096 1.873   1.676   1.00 22.34 ? 29  5CM E OP2   1 
ATOM   592  P P     . DC  E 1 6 ? -18.401 5.903   5.120   1.00 19.69 ? 30  DC  E P     1 
ATOM   593  O OP1   . DC  E 1 6 ? -19.343 5.558   6.221   1.00 26.13 ? 30  DC  E OP1   1 
ATOM   594  O OP2   . DC  E 1 6 ? -18.560 5.271   3.789   1.00 17.68 ? 30  DC  E OP2   1 
ATOM   595  O "O5'" . DC  E 1 6 ? -18.438 7.479   4.898   1.00 21.21 ? 30  DC  E "O5'" 1 
ATOM   596  C "C5'" . DC  E 1 6 ? -18.338 8.376   5.999   1.00 11.24 ? 30  DC  E "C5'" 1 
ATOM   597  C "C4'" . DC  E 1 6 ? -18.523 9.796   5.519   1.00 14.57 ? 30  DC  E "C4'" 1 
ATOM   598  O "O4'" . DC  E 1 6 ? -17.368 10.203  4.755   1.00 17.30 ? 30  DC  E "O4'" 1 
ATOM   599  C "C3'" . DC  E 1 6 ? -19.686 9.988   4.555   1.00 16.33 ? 30  DC  E "C3'" 1 
ATOM   600  O "O3'" . DC  E 1 6 ? -20.890 10.202  5.284   1.00 24.46 ? 30  DC  E "O3'" 1 
ATOM   601  C "C2'" . DC  E 1 6 ? -19.288 11.261  3.835   1.00 15.77 ? 30  DC  E "C2'" 1 
ATOM   602  C "C1'" . DC  E 1 6 ? -17.767 11.157  3.773   1.00 15.92 ? 30  DC  E "C1'" 1 
ATOM   603  N N1    . DC  E 1 6 ? -17.291 10.688  2.469   1.00 13.81 ? 30  DC  E N1    1 
ATOM   604  C C2    . DC  E 1 6 ? -17.049 11.631  1.489   1.00 16.68 ? 30  DC  E C2    1 
ATOM   605  O O2    . DC  E 1 6 ? -17.236 12.821  1.761   1.00 19.98 ? 30  DC  E O2    1 
ATOM   606  N N3    . DC  E 1 6 ? -16.620 11.230  0.267   1.00 20.71 ? 30  DC  E N3    1 
ATOM   607  C C4    . DC  E 1 6 ? -16.440 9.931   0.021   1.00 16.06 ? 30  DC  E C4    1 
ATOM   608  N N4    . DC  E 1 6 ? -16.033 9.580   -1.200  1.00 15.71 ? 30  DC  E N4    1 
ATOM   609  C C5    . DC  E 1 6 ? -16.676 8.938   1.015   1.00 11.60 ? 30  DC  E C5    1 
ATOM   610  C C6    . DC  E 1 6 ? -17.097 9.358   2.216   1.00 14.48 ? 30  DC  E C6    1 
ATOM   611  O "O5'" . DG  F 1 1 ? -13.517 16.675  -7.741  1.00 40.24 ? 31  DG  F "O5'" 1 
ATOM   612  C "C5'" . DG  F 1 1 ? -13.964 18.028  -7.651  1.00 30.79 ? 31  DG  F "C5'" 1 
ATOM   613  C "C4'" . DG  F 1 1 ? -14.367 18.378  -6.238  1.00 31.28 ? 31  DG  F "C4'" 1 
ATOM   614  O "O4'" . DG  F 1 1 ? -15.624 17.741  -5.905  1.00 26.60 ? 31  DG  F "O4'" 1 
ATOM   615  C "C3'" . DG  F 1 1 ? -13.404 17.899  -5.159  1.00 27.78 ? 31  DG  F "C3'" 1 
ATOM   616  O "O3'" . DG  F 1 1 ? -12.357 18.848  -4.964  1.00 27.71 ? 31  DG  F "O3'" 1 
ATOM   617  C "C2'" . DG  F 1 1 ? -14.305 17.861  -3.940  1.00 28.48 ? 31  DG  F "C2'" 1 
ATOM   618  C "C1'" . DG  F 1 1 ? -15.614 17.349  -4.535  1.00 28.08 ? 31  DG  F "C1'" 1 
ATOM   619  N N9    . DG  F 1 1 ? -15.716 15.894  -4.483  1.00 27.19 ? 31  DG  F N9    1 
ATOM   620  C C8    . DG  F 1 1 ? -15.571 15.013  -5.525  1.00 21.25 ? 31  DG  F C8    1 
ATOM   621  N N7    . DG  F 1 1 ? -15.694 13.766  -5.159  1.00 23.84 ? 31  DG  F N7    1 
ATOM   622  C C5    . DG  F 1 1 ? -15.941 13.829  -3.794  1.00 22.58 ? 31  DG  F C5    1 
ATOM   623  C C6    . DG  F 1 1 ? -16.058 12.790  -2.833  1.00 22.23 ? 31  DG  F C6    1 
ATOM   624  O O6    . DG  F 1 1 ? -16.057 11.570  -3.015  1.00 24.50 ? 31  DG  F O6    1 
ATOM   625  N N1    . DG  F 1 1 ? -16.187 13.293  -1.543  1.00 19.17 ? 31  DG  F N1    1 
ATOM   626  C C2    . DG  F 1 1 ? -16.203 14.625  -1.216  1.00 23.66 ? 31  DG  F C2    1 
ATOM   627  N N2    . DG  F 1 1 ? -16.340 14.912  0.089   1.00 24.37 ? 31  DG  F N2    1 
ATOM   628  N N3    . DG  F 1 1 ? -16.095 15.604  -2.103  1.00 22.66 ? 31  DG  F N3    1 
ATOM   629  C C4    . DG  F 1 1 ? -15.965 15.136  -3.361  1.00 23.17 ? 31  DG  F C4    1 
ATOM   630  P P     . DG  F 1 2 ? -10.927 18.352  -4.430  1.00 30.55 ? 32  DG  F P     1 
ATOM   631  O OP1   . DG  F 1 2 ? -10.045 19.546  -4.374  1.00 30.73 ? 32  DG  F OP1   1 
ATOM   632  O OP2   . DG  F 1 2 ? -10.522 17.166  -5.234  1.00 27.94 ? 32  DG  F OP2   1 
ATOM   633  O "O5'" . DG  F 1 2 ? -11.203 17.886  -2.932  1.00 26.03 ? 32  DG  F "O5'" 1 
ATOM   634  C "C5'" . DG  F 1 2 ? -11.339 18.843  -1.892  1.00 21.30 ? 32  DG  F "C5'" 1 
ATOM   635  C "C4'" . DG  F 1 2 ? -11.848 18.178  -0.635  1.00 26.89 ? 32  DG  F "C4'" 1 
ATOM   636  O "O4'" . DG  F 1 2 ? -12.971 17.320  -0.925  1.00 23.75 ? 32  DG  F "O4'" 1 
ATOM   637  C "C3'" . DG  F 1 2 ? -10.861 17.257  0.066   1.00 21.92 ? 32  DG  F "C3'" 1 
ATOM   638  O "O3'" . DG  F 1 2 ? -9.960  18.010  0.871   1.00 26.84 ? 32  DG  F "O3'" 1 
ATOM   639  C "C2'" . DG  F 1 2 ? -11.793 16.447  0.944   1.00 22.02 ? 32  DG  F "C2'" 1 
ATOM   640  C "C1'" . DG  F 1 2 ? -12.993 16.251  0.021   1.00 21.22 ? 32  DG  F "C1'" 1 
ATOM   641  N N9    . DG  F 1 2 ? -12.920 14.996  -0.719  1.00 21.49 ? 32  DG  F N9    1 
ATOM   642  C C8    . DG  F 1 2 ? -12.710 14.823  -2.066  1.00 19.23 ? 32  DG  F C8    1 
ATOM   643  N N7    . DG  F 1 2 ? -12.682 13.566  -2.418  1.00 20.29 ? 32  DG  F N7    1 
ATOM   644  C C5    . DG  F 1 2 ? -12.890 12.874  -1.232  1.00 19.71 ? 32  DG  F C5    1 
ATOM   645  C C6    . DG  F 1 2 ? -12.981 11.481  -0.981  1.00 20.14 ? 32  DG  F C6    1 
ATOM   646  O O6    . DG  F 1 2 ? -12.874 10.537  -1.780  1.00 22.45 ? 32  DG  F O6    1 
ATOM   647  N N1    . DG  F 1 2 ? -13.225 11.222  0.361   1.00 20.57 ? 32  DG  F N1    1 
ATOM   648  C C2    . DG  F 1 2 ? -13.367 12.176  1.336   1.00 20.05 ? 32  DG  F C2    1 
ATOM   649  N N2    . DG  F 1 2 ? -13.608 11.735  2.578   1.00 20.29 ? 32  DG  F N2    1 
ATOM   650  N N3    . DG  F 1 2 ? -13.281 13.472  1.113   1.00 20.43 ? 32  DG  F N3    1 
ATOM   651  C C4    . DG  F 1 2 ? -13.042 13.746  -0.180  1.00 16.27 ? 32  DG  F C4    1 
HETATM 652  N N1    . 5CM F 1 3 ? -10.001 12.609  2.548   1.00 18.19 ? 33  5CM F N1    1 
HETATM 653  C C2    . 5CM F 1 3 ? -10.132 11.224  2.531   1.00 16.01 ? 33  5CM F C2    1 
HETATM 654  N N3    . 5CM F 1 3 ? -9.990  10.554  1.368   1.00 19.04 ? 33  5CM F N3    1 
HETATM 655  C C4    . 5CM F 1 3 ? -9.735  11.222  0.242   1.00 17.89 ? 33  5CM F C4    1 
HETATM 656  C C5    . 5CM F 1 3 ? -9.611  12.641  0.223   1.00 17.96 ? 33  5CM F C5    1 
HETATM 657  C C5A   . 5CM F 1 3 ? -9.341  13.330  -1.078  1.00 12.30 ? 33  5CM F C5A   1 
HETATM 658  C C6    . 5CM F 1 3 ? -9.746  13.292  1.392   1.00 14.50 ? 33  5CM F C6    1 
HETATM 659  O O2    . 5CM F 1 3 ? -10.378 10.643  3.590   1.00 14.97 ? 33  5CM F O2    1 
HETATM 660  N N4    . 5CM F 1 3 ? -9.598  10.513  -0.887  1.00 15.31 ? 33  5CM F N4    1 
HETATM 661  C "C1'" . 5CM F 1 3 ? -10.138 13.300  3.840   1.00 18.97 ? 33  5CM F "C1'" 1 
HETATM 662  C "C2'" . 5CM F 1 3 ? -8.900  13.158  4.726   1.00 17.17 ? 33  5CM F "C2'" 1 
HETATM 663  C "C3'" . 5CM F 1 3 ? -8.132  14.407  4.350   1.00 18.99 ? 33  5CM F "C3'" 1 
HETATM 664  C "C4'" . 5CM F 1 3 ? -9.259  15.423  4.261   1.00 21.05 ? 33  5CM F "C4'" 1 
HETATM 665  O "O4'" . 5CM F 1 3 ? -10.300 14.694  3.576   1.00 26.32 ? 33  5CM F "O4'" 1 
HETATM 666  O "O3'" . 5CM F 1 3 ? -7.165  14.781  5.329   1.00 24.99 ? 33  5CM F "O3'" 1 
HETATM 667  C "C5'" . 5CM F 1 3 ? -8.917  16.677  3.494   1.00 19.04 ? 33  5CM F "C5'" 1 
HETATM 668  O "O5'" . 5CM F 1 3 ? -8.573  16.352  2.154   1.00 20.22 ? 33  5CM F "O5'" 1 
HETATM 669  P P     . 5CM F 1 3 ? -8.453  17.497  1.061   1.00 23.25 ? 33  5CM F P     1 
HETATM 670  O OP1   . 5CM F 1 3 ? -7.703  18.621  1.678   1.00 33.81 ? 33  5CM F OP1   1 
HETATM 671  O OP2   . 5CM F 1 3 ? -7.984  16.912  -0.218  1.00 26.79 ? 33  5CM F OP2   1 
ATOM   672  P P     . DG  F 1 4 ? -5.616  14.439  5.071   1.00 28.07 ? 34  DG  F P     1 
ATOM   673  O OP1   . DG  F 1 4 ? -4.820  15.234  6.044   1.00 29.37 ? 34  DG  F OP1   1 
ATOM   674  O OP2   . DG  F 1 4 ? -5.330  14.558  3.614   1.00 23.76 ? 34  DG  F OP2   1 
ATOM   675  O "O5'" . DG  F 1 4 ? -5.511  12.898  5.461   1.00 23.22 ? 34  DG  F "O5'" 1 
ATOM   676  C "C5'" . DG  F 1 4 ? -5.875  12.454  6.763   1.00 21.68 ? 34  DG  F "C5'" 1 
ATOM   677  C "C4'" . DG  F 1 4 ? -5.872  10.944  6.822   1.00 21.46 ? 34  DG  F "C4'" 1 
ATOM   678  O "O4'" . DG  F 1 4 ? -6.946  10.416  6.013   1.00 26.46 ? 34  DG  F "O4'" 1 
ATOM   679  C "C3'" . DG  F 1 4 ? -4.634  10.267  6.253   1.00 19.48 ? 34  DG  F "C3'" 1 
ATOM   680  O "O3'" . DG  F 1 4 ? -3.574  10.251  7.206   1.00 22.87 ? 34  DG  F "O3'" 1 
ATOM   681  C "C2'" . DG  F 1 4 ? -5.151  8.862   6.023   1.00 20.39 ? 34  DG  F "C2'" 1 
ATOM   682  C "C1'" . DG  F 1 4 ? -6.564  9.131   5.519   1.00 20.03 ? 34  DG  F "C1'" 1 
ATOM   683  N N9    . DG  F 1 4 ? -6.623  9.162   4.063   1.00 18.50 ? 34  DG  F N9    1 
ATOM   684  C C8    . DG  F 1 4 ? -6.614  10.260  3.232   1.00 17.12 ? 34  DG  F C8    1 
ATOM   685  N N7    . DG  F 1 4 ? -6.641  9.942   1.964   1.00 16.59 ? 34  DG  F N7    1 
ATOM   686  C C5    . DG  F 1 4 ? -6.686  8.551   1.960   1.00 17.50 ? 34  DG  F C5    1 
ATOM   687  C C6    . DG  F 1 4 ? -6.646  7.630   0.884   1.00 14.45 ? 34  DG  F C6    1 
ATOM   688  O O6    . DG  F 1 4 ? -6.648  7.860   -0.333  1.00 16.27 ? 34  DG  F O6    1 
ATOM   689  N N1    . DG  F 1 4 ? -6.602  6.316   1.338   1.00 12.88 ? 34  DG  F N1    1 
ATOM   690  C C2    . DG  F 1 4 ? -6.593  5.931   2.653   1.00 16.27 ? 34  DG  F C2    1 
ATOM   691  N N2    . DG  F 1 4 ? -6.530  4.616   2.891   1.00 16.94 ? 34  DG  F N2    1 
ATOM   692  N N3    . DG  F 1 4 ? -6.636  6.775   3.666   1.00 18.13 ? 34  DG  F N3    1 
ATOM   693  C C4    . DG  F 1 4 ? -6.680  8.059   3.250   1.00 18.59 ? 34  DG  F C4    1 
HETATM 694  N N1    . 5CM F 1 5 ? -2.808  6.092   3.110   1.00 15.40 ? 35  5CM F N1    1 
HETATM 695  C C2    . 5CM F 1 5 ? -3.019  5.443   1.891   1.00 15.84 ? 35  5CM F C2    1 
HETATM 696  N N3    . 5CM F 1 5 ? -3.219  6.173   0.774   1.00 17.46 ? 35  5CM F N3    1 
HETATM 697  C C4    . 5CM F 1 5 ? -3.202  7.503   0.839   1.00 11.90 ? 35  5CM F C4    1 
HETATM 698  C C5    . 5CM F 1 5 ? -2.985  8.195   2.066   1.00 15.52 ? 35  5CM F C5    1 
HETATM 699  C C5A   . 5CM F 1 5 ? -2.960  9.692   2.059   1.00 10.66 ? 35  5CM F C5A   1 
HETATM 700  C C6    . 5CM F 1 5 ? -2.807  7.458   3.173   1.00 11.53 ? 35  5CM F C6    1 
HETATM 701  O O2    . 5CM F 1 5 ? -3.010  4.205   1.864   1.00 22.24 ? 35  5CM F O2    1 
HETATM 702  N N4    . 5CM F 1 5 ? -3.397  8.180   -0.291  1.00 13.83 ? 35  5CM F N4    1 
HETATM 703  C "C1'" . 5CM F 1 5 ? -2.570  5.270   4.306   1.00 15.23 ? 35  5CM F "C1'" 1 
HETATM 704  C "C2'" . 5CM F 1 5 ? -1.090  4.967   4.514   1.00 15.59 ? 35  5CM F "C2'" 1 
HETATM 705  C "C3'" . 5CM F 1 5 ? -0.674  6.071   5.465   1.00 20.68 ? 35  5CM F "C3'" 1 
HETATM 706  C "C4'" . 5CM F 1 5 ? -1.903  6.180   6.357   1.00 21.97 ? 35  5CM F "C4'" 1 
HETATM 707  O "O4'" . 5CM F 1 5 ? -3.011  6.003   5.448   1.00 19.67 ? 35  5CM F "O4'" 1 
HETATM 708  O "O3'" . 5CM F 1 5 ? 0.468   5.674   6.222   1.00 21.82 ? 35  5CM F "O3'" 1 
HETATM 709  C "C5'" . 5CM F 1 5 ? -2.046  7.491   7.092   1.00 20.39 ? 35  5CM F "C5'" 1 
HETATM 710  O "O5'" . 5CM F 1 5 ? -1.981  8.581   6.177   1.00 26.08 ? 35  5CM F "O5'" 1 
HETATM 711  P P     . 5CM F 1 5 ? -2.059  10.086  6.699   1.00 22.57 ? 35  5CM F P     1 
HETATM 712  O OP1   . 5CM F 1 5 ? -1.198  10.199  7.903   1.00 26.46 ? 35  5CM F OP1   1 
HETATM 713  O OP2   . 5CM F 1 5 ? -1.837  10.992  5.541   1.00 16.57 ? 35  5CM F OP2   1 
ATOM   714  P P     . DC  F 1 6 ? 1.930   6.118   5.734   1.00 20.42 ? 36  DC  F P     1 
ATOM   715  O OP1   . DC  F 1 6 ? 2.875   5.822   6.834   1.00 31.52 ? 36  DC  F OP1   1 
ATOM   716  O OP2   . DC  F 1 6 ? 1.874   7.477   5.151   1.00 21.79 ? 36  DC  F OP2   1 
ATOM   717  O "O5'" . DC  F 1 6 ? 2.257   5.122   4.544   1.00 28.49 ? 36  DC  F "O5'" 1 
ATOM   718  C "C5'" . DC  F 1 6 ? 2.625   5.623   3.270   1.00 25.07 ? 36  DC  F "C5'" 1 
ATOM   719  C "C4'" . DC  F 1 6 ? 2.526   4.516   2.252   1.00 32.69 ? 36  DC  F "C4'" 1 
ATOM   720  O "O4'" . DC  F 1 6 ? 1.165   4.445   1.776   1.00 31.11 ? 36  DC  F "O4'" 1 
ATOM   721  C "C3'" . DC  F 1 6 ? 3.375   4.710   1.003   1.00 31.50 ? 36  DC  F "C3'" 1 
ATOM   722  O "O3'" . DC  F 1 6 ? 4.661   4.152   1.277   1.00 38.53 ? 36  DC  F "O3'" 1 
ATOM   723  C "C2'" . DC  F 1 6 ? 2.600   3.909   -0.023  1.00 25.45 ? 36  DC  F "C2'" 1 
ATOM   724  C "C1'" . DC  F 1 6 ? 1.160   4.206   0.376   1.00 24.95 ? 36  DC  F "C1'" 1 
ATOM   725  N N1    . DC  F 1 6 ? 0.619   5.402   -0.275  1.00 20.21 ? 36  DC  F N1    1 
ATOM   726  C C2    . DC  F 1 6 ? 0.121   5.268   -1.557  1.00 18.95 ? 36  DC  F C2    1 
ATOM   727  O O2    . DC  F 1 6 ? 0.117   4.142   -2.065  1.00 20.26 ? 36  DC  F O2    1 
ATOM   728  N N3    . DC  F 1 6 ? -0.346  6.361   -2.209  1.00 20.16 ? 36  DC  F N3    1 
ATOM   729  C C4    . DC  F 1 6 ? -0.325  7.552   -1.608  1.00 19.69 ? 36  DC  F C4    1 
ATOM   730  N N4    . DC  F 1 6 ? -0.763  8.606   -2.300  1.00 16.19 ? 36  DC  F N4    1 
ATOM   731  C C5    . DC  F 1 6 ? 0.155   7.713   -0.276  1.00 16.60 ? 36  DC  F C5    1 
ATOM   732  C C6    . DC  F 1 6 ? 0.615   6.619   0.349   1.00 17.30 ? 36  DC  F C6    1 
ATOM   733  O "O5'" . DG  G 1 1 ? -10.626 7.152   9.000   1.00 41.79 ? 37  DG  G "O5'" 1 
ATOM   734  C "C5'" . DG  G 1 1 ? -11.228 7.306   7.720   1.00 33.81 ? 37  DG  G "C5'" 1 
ATOM   735  C "C4'" . DG  G 1 1 ? -10.817 6.195   6.782   1.00 37.21 ? 37  DG  G "C4'" 1 
ATOM   736  O "O4'" . DG  G 1 1 ? -9.548  6.517   6.166   1.00 31.86 ? 37  DG  G "O4'" 1 
ATOM   737  C "C3'" . DG  G 1 1 ? -10.590 4.843   7.449   1.00 32.11 ? 37  DG  G "C3'" 1 
ATOM   738  O "O3'" . DG  G 1 1 ? -11.815 4.111   7.526   1.00 42.40 ? 37  DG  G "O3'" 1 
ATOM   739  C "C2'" . DG  G 1 1 ? -9.638  4.179   6.477   1.00 30.81 ? 37  DG  G "C2'" 1 
ATOM   740  C "C1'" . DG  G 1 1 ? -8.741  5.347   6.091   1.00 31.68 ? 37  DG  G "C1'" 1 
ATOM   741  N N9    . DG  G 1 1 ? -7.619  5.517   7.008   1.00 29.25 ? 37  DG  G N9    1 
ATOM   742  C C8    . DG  G 1 1 ? -7.493  6.442   8.015   1.00 22.25 ? 37  DG  G C8    1 
ATOM   743  N N7    . DG  G 1 1 ? -6.375  6.326   8.678   1.00 20.37 ? 37  DG  G N7    1 
ATOM   744  C C5    . DG  G 1 1 ? -5.724  5.262   8.068   1.00 23.48 ? 37  DG  G C5    1 
ATOM   745  C C6    . DG  G 1 1 ? -4.431  4.716   8.300   1.00 23.60 ? 37  DG  G C6    1 
ATOM   746  O O6    . DG  G 1 1 ? -3.606  5.020   9.175   1.00 25.04 ? 37  DG  G O6    1 
ATOM   747  N N1    . DG  G 1 1 ? -4.128  3.715   7.383   1.00 21.54 ? 37  DG  G N1    1 
ATOM   748  C C2    . DG  G 1 1 ? -4.955  3.292   6.375   1.00 23.20 ? 37  DG  G C2    1 
ATOM   749  N N2    . DG  G 1 1 ? -4.481  2.319   5.584   1.00 23.93 ? 37  DG  G N2    1 
ATOM   750  N N3    . DG  G 1 1 ? -6.160  3.787   6.153   1.00 26.74 ? 37  DG  G N3    1 
ATOM   751  C C4    . DG  G 1 1 ? -6.476  4.758   7.031   1.00 24.95 ? 37  DG  G C4    1 
ATOM   752  P P     . DG  G 1 2 ? -11.873 2.745   8.369   1.00 40.88 ? 38  DG  G P     1 
ATOM   753  O OP1   . DG  G 1 2 ? -13.306 2.398   8.547   1.00 47.58 ? 38  DG  G OP1   1 
ATOM   754  O OP2   . DG  G 1 2 ? -11.002 2.892   9.563   1.00 37.54 ? 38  DG  G OP2   1 
ATOM   755  O "O5'" . DG  G 1 2 ? -11.222 1.668   7.393   1.00 31.18 ? 38  DG  G "O5'" 1 
ATOM   756  C "C5'" . DG  G 1 2 ? -10.611 0.501   7.921   1.00 39.34 ? 38  DG  G "C5'" 1 
ATOM   757  C "C4'" . DG  G 1 2 ? -9.594  -0.046  6.950   1.00 43.23 ? 38  DG  G "C4'" 1 
ATOM   758  O "O4'" . DG  G 1 2 ? -8.586  0.953   6.678   1.00 41.90 ? 38  DG  G "O4'" 1 
ATOM   759  C "C3'" . DG  G 1 2 ? -8.824  -1.239  7.505   1.00 49.61 ? 38  DG  G "C3'" 1 
ATOM   760  O "O3'" . DG  G 1 2 ? -9.497  -2.451  7.175   1.00 52.12 ? 38  DG  G "O3'" 1 
ATOM   761  C "C2'" . DG  G 1 2 ? -7.490  -1.128  6.794   1.00 41.98 ? 38  DG  G "C2'" 1 
ATOM   762  C "C1'" . DG  G 1 2 ? -7.288  0.376   6.782   1.00 38.76 ? 38  DG  G "C1'" 1 
ATOM   763  N N9    . DG  G 1 2 ? -6.667  0.900   7.992   1.00 40.31 ? 38  DG  G N9    1 
ATOM   764  C C8    . DG  G 1 2 ? -7.179  1.855   8.838   1.00 40.39 ? 38  DG  G C8    1 
ATOM   765  N N7    . DG  G 1 2 ? -6.381  2.145   9.829   1.00 39.00 ? 38  DG  G N7    1 
ATOM   766  C C5    . DG  G 1 2 ? -5.275  1.329   9.632   1.00 38.73 ? 38  DG  G C5    1 
ATOM   767  C C6    . DG  G 1 2 ? -4.022  1.314   10.298  1.00 35.61 ? 38  DG  G C6    1 
ATOM   768  O O6    . DG  G 1 2 ? -3.677  1.941   11.302  1.00 36.40 ? 38  DG  G O6    1 
ATOM   769  N N1    . DG  G 1 2 ? -3.120  0.461   9.675   1.00 36.30 ? 38  DG  G N1    1 
ATOM   770  C C2    . DG  G 1 2 ? -3.384  -0.284  8.551   1.00 42.22 ? 38  DG  G C2    1 
ATOM   771  N N2    . DG  G 1 2 ? -2.375  -1.045  8.098   1.00 42.26 ? 38  DG  G N2    1 
ATOM   772  N N3    . DG  G 1 2 ? -4.546  -0.279  7.917   1.00 41.83 ? 38  DG  G N3    1 
ATOM   773  C C4    . DG  G 1 2 ? -5.440  0.546   8.506   1.00 40.86 ? 38  DG  G C4    1 
HETATM 774  N N1    . 5CM G 1 3 ? -4.418  -3.406  9.785   1.00 48.84 ? 39  5CM G N1    1 
HETATM 775  C C2    . 5CM G 1 3 ? -3.295  -3.171  10.572  1.00 44.69 ? 39  5CM G C2    1 
HETATM 776  N N3    . 5CM G 1 3 ? -3.395  -2.354  11.645  1.00 40.66 ? 39  5CM G N3    1 
HETATM 777  C C4    . 5CM G 1 3 ? -4.564  -1.785  11.942  1.00 39.36 ? 39  5CM G C4    1 
HETATM 778  C C5    . 5CM G 1 3 ? -5.731  -2.008  11.153  1.00 41.49 ? 39  5CM G C5    1 
HETATM 779  C C5A   . 5CM G 1 3 ? -7.013  -1.340  11.540  1.00 34.15 ? 39  5CM G C5A   1 
HETATM 780  C C6    . 5CM G 1 3 ? -5.614  -2.818  10.090  1.00 42.95 ? 39  5CM G C6    1 
HETATM 781  O O2    . 5CM G 1 3 ? -2.229  -3.723  10.265  1.00 45.79 ? 39  5CM G O2    1 
HETATM 782  N N4    . 5CM G 1 3 ? -4.614  -0.991  13.013  1.00 36.92 ? 39  5CM G N4    1 
HETATM 783  C "C1'" . 5CM G 1 3 ? -4.274  -4.305  8.629   1.00 52.79 ? 39  5CM G "C1'" 1 
HETATM 784  C "C2'" . 5CM G 1 3 ? -4.477  -5.772  8.987   1.00 56.97 ? 39  5CM G "C2'" 1 
HETATM 785  C "C3'" . 5CM G 1 3 ? -5.920  -6.016  8.592   1.00 59.17 ? 39  5CM G "C3'" 1 
HETATM 786  C "C4'" . 5CM G 1 3 ? -6.071  -5.123  7.365   1.00 55.31 ? 39  5CM G "C4'" 1 
HETATM 787  O "O4'" . 5CM G 1 3 ? -5.271  -3.960  7.670   1.00 56.88 ? 39  5CM G "O4'" 1 
HETATM 788  O "O3'" . 5CM G 1 3 ? -6.103  -7.390  8.242   1.00 63.98 ? 39  5CM G "O3'" 1 
HETATM 789  C "C5'" . 5CM G 1 3 ? -7.484  -4.676  7.085   1.00 49.94 ? 39  5CM G "C5'" 1 
HETATM 790  O "O5'" . 5CM G 1 3 ? -8.098  -4.214  8.286   1.00 50.68 ? 39  5CM G "O5'" 1 
HETATM 791  P P     . 5CM G 1 3 ? -9.577  -3.629  8.262   1.00 54.27 ? 39  5CM G P     1 
HETATM 792  O OP1   . 5CM G 1 3 ? -10.471 -4.663  7.680   1.00 56.92 ? 39  5CM G OP1   1 
HETATM 793  O OP2   . 5CM G 1 3 ? -9.894  -3.037  9.589   1.00 43.31 ? 39  5CM G OP2   1 
ATOM   794  P P     . DG  G 1 4 ? -6.240  -8.494  9.401   1.00 63.90 ? 40  DG  G P     1 
ATOM   795  O OP1   . DG  G 1 4 ? -6.372  -9.806  8.715   1.00 63.65 ? 40  DG  G OP1   1 
ATOM   796  O OP2   . DG  G 1 4 ? -7.287  -8.049  10.362  1.00 54.27 ? 40  DG  G OP2   1 
ATOM   797  O "O5'" . DG  G 1 4 ? -4.827  -8.470  10.129  1.00 54.48 ? 40  DG  G "O5'" 1 
ATOM   798  C "C5'" . DG  G 1 4 ? -3.647  -8.853  9.431   1.00 50.17 ? 40  DG  G "C5'" 1 
ATOM   799  C "C4'" . DG  G 1 4 ? -2.443  -8.678  10.324  1.00 53.39 ? 40  DG  G "C4'" 1 
ATOM   800  O "O4'" . DG  G 1 4 ? -2.396  -7.307  10.763  1.00 52.63 ? 40  DG  G "O4'" 1 
ATOM   801  C "C3'" . DG  G 1 4 ? -2.499  -9.487  11.615  1.00 53.64 ? 40  DG  G "C3'" 1 
ATOM   802  O "O3'" . DG  G 1 4 ? -1.892  -10.766 11.422  1.00 59.33 ? 40  DG  G "O3'" 1 
ATOM   803  C "C2'" . DG  G 1 4 ? -1.657  -8.662  12.571  1.00 52.52 ? 40  DG  G "C2'" 1 
ATOM   804  C "C1'" . DG  G 1 4 ? -1.737  -7.242  12.020  1.00 48.30 ? 40  DG  G "C1'" 1 
ATOM   805  N N9    . DG  G 1 4 ? -2.486  -6.324  12.869  1.00 40.92 ? 40  DG  G N9    1 
ATOM   806  C C8    . DG  G 1 4 ? -3.835  -6.078  12.852  1.00 39.01 ? 40  DG  G C8    1 
ATOM   807  N N7    . DG  G 1 4 ? -4.202  -5.189  13.733  1.00 38.77 ? 40  DG  G N7    1 
ATOM   808  C C5    . DG  G 1 4 ? -3.023  -4.829  14.369  1.00 36.38 ? 40  DG  G C5    1 
ATOM   809  C C6    . DG  G 1 4 ? -2.801  -3.975  15.475  1.00 38.38 ? 40  DG  G C6    1 
ATOM   810  O O6    . DG  G 1 4 ? -3.616  -3.259  16.070  1.00 43.16 ? 40  DG  G O6    1 
ATOM   811  N N1    . DG  G 1 4 ? -1.472  -4.000  15.882  1.00 36.77 ? 40  DG  G N1    1 
ATOM   812  C C2    . DG  G 1 4 ? -0.481  -4.747  15.299  1.00 35.21 ? 40  DG  G C2    1 
ATOM   813  N N2    . DG  G 1 4 ? 0.740   -4.646  15.842  1.00 35.23 ? 40  DG  G N2    1 
ATOM   814  N N3    . DG  G 1 4 ? -0.673  -5.538  14.261  1.00 36.28 ? 40  DG  G N3    1 
ATOM   815  C C4    . DG  G 1 4 ? -1.956  -5.529  13.851  1.00 36.25 ? 40  DG  G C4    1 
HETATM 816  N N1    . 5CM G 1 5 ? -0.885  -8.302  16.785  1.00 35.23 ? 41  5CM G N1    1 
HETATM 817  C C2    . 5CM G 1 5 ? -0.858  -7.253  17.707  1.00 34.01 ? 41  5CM G C2    1 
HETATM 818  N N3    . 5CM G 1 5 ? -2.003  -6.577  17.974  1.00 32.11 ? 41  5CM G N3    1 
HETATM 819  C C4    . 5CM G 1 5 ? -3.137  -6.918  17.354  1.00 30.84 ? 41  5CM G C4    1 
HETATM 820  C C5    . 5CM G 1 5 ? -3.184  -7.977  16.399  1.00 31.29 ? 41  5CM G C5    1 
HETATM 821  C C5A   . 5CM G 1 5 ? -4.480  -8.304  15.728  1.00 34.27 ? 41  5CM G C5A   1 
HETATM 822  C C6    . 5CM G 1 5 ? -2.047  -8.633  16.147  1.00 31.69 ? 41  5CM G C6    1 
HETATM 823  O O2    . 5CM G 1 5 ? 0.219   -6.967  18.259  1.00 33.64 ? 41  5CM G O2    1 
HETATM 824  N N4    . 5CM G 1 5 ? -4.244  -6.237  17.654  1.00 29.94 ? 41  5CM G N4    1 
HETATM 825  C "C1'" . 5CM G 1 5 ? 0.347   -9.052  16.522  1.00 41.01 ? 41  5CM G "C1'" 1 
HETATM 826  C "C2'" . 5CM G 1 5 ? 0.241   -10.486 17.006  1.00 47.28 ? 41  5CM G "C2'" 1 
HETATM 827  C "C3'" . 5CM G 1 5 ? 1.018   -11.294 15.982  1.00 48.50 ? 41  5CM G "C3'" 1 
HETATM 828  C "C4'" . 5CM G 1 5 ? 1.175   -10.370 14.774  1.00 46.40 ? 41  5CM G "C4'" 1 
HETATM 829  O "O4'" . 5CM G 1 5 ? 0.510   -9.134  15.119  1.00 46.30 ? 41  5CM G "O4'" 1 
HETATM 830  O "O3'" . 5CM G 1 5 ? 2.287   -11.656 16.529  1.00 51.57 ? 41  5CM G "O3'" 1 
HETATM 831  C "C5'" . 5CM G 1 5 ? 0.533   -10.921 13.522  1.00 45.45 ? 41  5CM G "C5'" 1 
HETATM 832  O "O5'" . 5CM G 1 5 ? -0.874  -11.050 13.722  1.00 53.90 ? 41  5CM G "O5'" 1 
HETATM 833  P P     . 5CM G 1 5 ? -1.794  -11.794 12.654  1.00 60.34 ? 41  5CM G P     1 
HETATM 834  O OP1   . 5CM G 1 5 ? -1.062  -12.989 12.154  1.00 55.44 ? 41  5CM G OP1   1 
HETATM 835  O OP2   . 5CM G 1 5 ? -3.155  -11.943 13.242  1.00 52.66 ? 41  5CM G OP2   1 
ATOM   836  P P     . DC  G 1 6 ? 2.351   -12.762 17.691  1.00 58.42 ? 42  DC  G P     1 
ATOM   837  O OP1   . DC  G 1 6 ? 3.666   -13.448 17.573  1.00 54.43 ? 42  DC  G OP1   1 
ATOM   838  O OP2   . DC  G 1 6 ? 1.090   -13.555 17.612  1.00 50.04 ? 42  DC  G OP2   1 
ATOM   839  O "O5'" . DC  G 1 6 ? 2.331   -11.915 19.044  1.00 48.06 ? 42  DC  G "O5'" 1 
ATOM   840  C "C5'" . DC  G 1 6 ? 3.399   -11.023 19.362  1.00 45.48 ? 42  DC  G "C5'" 1 
ATOM   841  C "C4'" . DC  G 1 6 ? 3.197   -10.438 20.741  1.00 44.97 ? 42  DC  G "C4'" 1 
ATOM   842  O "O4'" . DC  G 1 6 ? 2.107   -9.489  20.703  1.00 41.16 ? 42  DC  G "O4'" 1 
ATOM   843  C "C3'" . DC  G 1 6 ? 2.837   -11.466 21.817  1.00 46.16 ? 42  DC  G "C3'" 1 
ATOM   844  O "O3'" . DC  G 1 6 ? 3.653   -11.293 22.988  1.00 50.62 ? 42  DC  G "O3'" 1 
ATOM   845  C "C2'" . DC  G 1 6 ? 1.379   -11.180 22.134  1.00 35.94 ? 42  DC  G "C2'" 1 
ATOM   846  C "C1'" . DC  G 1 6 ? 1.242   -9.709  21.799  1.00 28.09 ? 42  DC  G "C1'" 1 
ATOM   847  N N1    . DC  G 1 6 ? -0.112  -9.345  21.374  1.00 28.27 ? 42  DC  G N1    1 
ATOM   848  C C2    . DC  G 1 6 ? -0.752  -8.280  22.003  1.00 25.38 ? 42  DC  G C2    1 
ATOM   849  O O2    . DC  G 1 6 ? -0.145  -7.659  22.889  1.00 27.13 ? 42  DC  G O2    1 
ATOM   850  N N3    . DC  G 1 6 ? -2.012  -7.954  21.633  1.00 20.16 ? 42  DC  G N3    1 
ATOM   851  C C4    . DC  G 1 6 ? -2.627  -8.655  20.678  1.00 24.77 ? 42  DC  G C4    1 
ATOM   852  N N4    . DC  G 1 6 ? -3.874  -8.319  20.357  1.00 23.85 ? 42  DC  G N4    1 
ATOM   853  C C5    . DC  G 1 6 ? -1.989  -9.738  20.011  1.00 24.49 ? 42  DC  G C5    1 
ATOM   854  C C6    . DC  G 1 6 ? -0.743  -10.045 20.385  1.00 28.19 ? 42  DC  G C6    1 
ATOM   855  O "O5'" . DG  H 1 1 ? -8.717  -1.742  26.475  1.00 32.92 ? 43  DG  H "O5'" 1 
ATOM   856  C "C5'" . DG  H 1 1 ? -8.346  -1.563  27.836  1.00 32.06 ? 43  DG  H "C5'" 1 
ATOM   857  C "C4'" . DG  H 1 1 ? -6.861  -1.765  28.019  1.00 32.66 ? 43  DG  H "C4'" 1 
ATOM   858  O "O4'" . DG  H 1 1 ? -6.548  -3.177  27.981  1.00 30.13 ? 43  DG  H "O4'" 1 
ATOM   859  C "C3'" . DG  H 1 1 ? -5.993  -1.151  26.928  1.00 28.67 ? 43  DG  H "C3'" 1 
ATOM   860  O "O3'" . DG  H 1 1 ? -5.719  0.220   27.227  1.00 40.79 ? 43  DG  H "O3'" 1 
ATOM   861  C "C2'" . DG  H 1 1 ? -4.738  -1.995  27.026  1.00 22.19 ? 43  DG  H "C2'" 1 
ATOM   862  C "C1'" . DG  H 1 1 ? -5.322  -3.380  27.284  1.00 24.81 ? 43  DG  H "C1'" 1 
ATOM   863  N N9    . DG  H 1 1 ? -5.630  -4.091  26.050  1.00 25.33 ? 43  DG  H N9    1 
ATOM   864  C C8    . DG  H 1 1 ? -6.831  -4.117  25.387  1.00 19.85 ? 43  DG  H C8    1 
ATOM   865  N N7    . DG  H 1 1 ? -6.789  -4.810  24.280  1.00 17.30 ? 43  DG  H N7    1 
ATOM   866  C C5    . DG  H 1 1 ? -5.485  -5.276  24.217  1.00 20.76 ? 43  DG  H C5    1 
ATOM   867  C C6    . DG  H 1 1 ? -4.835  -6.036  23.221  1.00 23.17 ? 43  DG  H C6    1 
ATOM   868  O O6    . DG  H 1 1 ? -5.307  -6.496  22.176  1.00 27.02 ? 43  DG  H O6    1 
ATOM   869  N N1    . DG  H 1 1 ? -3.496  -6.249  23.532  1.00 22.70 ? 43  DG  H N1    1 
ATOM   870  C C2    . DG  H 1 1 ? -2.866  -5.792  24.661  1.00 21.76 ? 43  DG  H C2    1 
ATOM   871  N N2    . DG  H 1 1 ? -1.574  -6.114  24.789  1.00 18.46 ? 43  DG  H N2    1 
ATOM   872  N N3    . DG  H 1 1 ? -3.461  -5.075  25.597  1.00 21.23 ? 43  DG  H N3    1 
ATOM   873  C C4    . DG  H 1 1 ? -4.760  -4.854  25.310  1.00 21.23 ? 43  DG  H C4    1 
ATOM   874  P P     . DG  H 1 2 ? -4.929  1.130   26.162  1.00 37.74 ? 44  DG  H P     1 
ATOM   875  O OP1   . DG  H 1 2 ? -4.943  2.526   26.672  1.00 45.87 ? 44  DG  H OP1   1 
ATOM   876  O OP2   . DG  H 1 2 ? -5.437  0.847   24.793  1.00 35.86 ? 44  DG  H OP2   1 
ATOM   877  O "O5'" . DG  H 1 2 ? -3.431  0.608   26.270  1.00 30.81 ? 44  DG  H "O5'" 1 
ATOM   878  C "C5'" . DG  H 1 2 ? -2.519  0.828   25.210  1.00 33.31 ? 44  DG  H "C5'" 1 
ATOM   879  C "C4'" . DG  H 1 2 ? -1.316  -0.067  25.371  1.00 39.68 ? 44  DG  H "C4'" 1 
ATOM   880  O "O4'" . DG  H 1 2 ? -1.742  -1.443  25.516  1.00 36.86 ? 44  DG  H "O4'" 1 
ATOM   881  C "C3'" . DG  H 1 2 ? -0.395  -0.045  24.159  1.00 42.44 ? 44  DG  H "C3'" 1 
ATOM   882  O "O3'" . DG  H 1 2 ? 0.641   0.912   24.382  1.00 51.66 ? 44  DG  H "O3'" 1 
ATOM   883  C "C2'" . DG  H 1 2 ? 0.145   -1.461  24.115  1.00 40.09 ? 44  DG  H "C2'" 1 
ATOM   884  C "C1'" . DG  H 1 2 ? -1.062  -2.260  24.575  1.00 36.81 ? 44  DG  H "C1'" 1 
ATOM   885  N N9    . DG  H 1 2 ? -1.998  -2.568  23.501  1.00 34.95 ? 44  DG  H N9    1 
ATOM   886  C C8    . DG  H 1 2 ? -3.291  -2.117  23.371  1.00 34.06 ? 44  DG  H C8    1 
ATOM   887  N N7    . DG  H 1 2 ? -3.885  -2.566  22.299  1.00 30.69 ? 44  DG  H N7    1 
ATOM   888  C C5    . DG  H 1 2 ? -2.925  -3.362  21.686  1.00 34.02 ? 44  DG  H C5    1 
ATOM   889  C C6    . DG  H 1 2 ? -3.004  -4.154  20.512  1.00 33.99 ? 44  DG  H C6    1 
ATOM   890  O O6    . DG  H 1 2 ? -3.955  -4.288  19.736  1.00 34.33 ? 44  DG  H O6    1 
ATOM   891  N N1    . DG  H 1 2 ? -1.817  -4.841  20.279  1.00 35.06 ? 44  DG  H N1    1 
ATOM   892  C C2    . DG  H 1 2 ? -0.698  -4.782  21.077  1.00 35.21 ? 44  DG  H C2    1 
ATOM   893  N N2    . DG  H 1 2 ? 0.351   -5.525  20.686  1.00 34.19 ? 44  DG  H N2    1 
ATOM   894  N N3    . DG  H 1 2 ? -0.615  -4.050  22.177  1.00 32.35 ? 44  DG  H N3    1 
ATOM   895  C C4    . DG  H 1 2 ? -1.756  -3.370  22.417  1.00 31.85 ? 44  DG  H C4    1 
HETATM 896  N N1    . 5CM H 1 3 ? 0.800   -1.810  19.501  1.00 38.81 ? 45  5CM H N1    1 
HETATM 897  C C2    . 5CM H 1 3 ? 0.380   -2.583  18.422  1.00 37.92 ? 45  5CM H C2    1 
HETATM 898  N N3    . 5CM H 1 3 ? -0.883  -2.442  17.954  1.00 37.89 ? 45  5CM H N3    1 
HETATM 899  C C4    . 5CM H 1 3 ? -1.712  -1.567  18.529  1.00 37.25 ? 45  5CM H C4    1 
HETATM 900  C C5    . 5CM H 1 3 ? -1.310  -0.765  19.636  1.00 37.57 ? 45  5CM H C5    1 
HETATM 901  C C5A   . 5CM H 1 3 ? -2.284  0.200   20.233  1.00 33.56 ? 45  5CM H C5A   1 
HETATM 902  C C6    . 5CM H 1 3 ? -0.056  -0.919  20.090  1.00 38.78 ? 45  5CM H C6    1 
HETATM 903  O O2    . 5CM H 1 3 ? 1.183   -3.383  17.917  1.00 39.49 ? 45  5CM H O2    1 
HETATM 904  N N4    . 5CM H 1 3 ? -2.948  -1.459  18.035  1.00 33.78 ? 45  5CM H N4    1 
HETATM 905  C "C1'" . 5CM H 1 3 ? 2.178   -1.971  19.980  1.00 46.81 ? 45  5CM H "C1'" 1 
HETATM 906  C "C2'" . 5CM H 1 3 ? 3.173   -1.079  19.240  1.00 52.62 ? 45  5CM H "C2'" 1 
HETATM 907  C "C3'" . 5CM H 1 3 ? 3.356   0.090   20.190  1.00 54.22 ? 45  5CM H "C3'" 1 
HETATM 908  C "C4'" . 5CM H 1 3 ? 3.231   -0.585  21.550  1.00 51.47 ? 45  5CM H "C4'" 1 
HETATM 909  O "O4'" . 5CM H 1 3 ? 2.212   -1.593  21.353  1.00 52.17 ? 45  5CM H "O4'" 1 
HETATM 910  O "O3'" . 5CM H 1 3 ? 4.654   0.675   20.027  1.00 59.57 ? 45  5CM H "O3'" 1 
HETATM 911  C "C5'" . 5CM H 1 3 ? 2.825   0.330   22.682  1.00 42.29 ? 45  5CM H "C5'" 1 
HETATM 912  O "O5'" . 5CM H 1 3 ? 1.855   1.270   22.232  1.00 44.09 ? 45  5CM H "O5'" 1 
HETATM 913  P P     . 5CM H 1 3 ? 0.928   2.039   23.275  1.00 49.52 ? 45  5CM H P     1 
HETATM 914  O OP1   . 5CM H 1 3 ? 1.739   3.096   23.932  1.00 47.97 ? 45  5CM H OP1   1 
HETATM 915  O OP2   . 5CM H 1 3 ? -0.361  2.399   22.621  1.00 40.69 ? 45  5CM H OP2   1 
ATOM   916  P P     . DG  H 1 4 ? 4.949   1.614   18.753  1.00 62.53 ? 46  DG  H P     1 
ATOM   917  O OP1   . DG  H 1 4 ? 6.372   2.035   18.838  1.00 60.86 ? 46  DG  H OP1   1 
ATOM   918  O OP2   . DG  H 1 4 ? 3.878   2.644   18.664  1.00 56.75 ? 46  DG  H OP2   1 
ATOM   919  O "O5'" . DG  H 1 4 ? 4.784   0.642   17.502  1.00 55.38 ? 46  DG  H "O5'" 1 
ATOM   920  C "C5'" . DG  H 1 4 ? 5.813   -0.276  17.150  1.00 49.80 ? 46  DG  H "C5'" 1 
ATOM   921  C "C4'" . DG  H 1 4 ? 5.436   -1.011  15.887  1.00 51.01 ? 46  DG  H "C4'" 1 
ATOM   922  O "O4'" . DG  H 1 4 ? 4.134   -1.603  16.068  1.00 47.93 ? 46  DG  H "O4'" 1 
ATOM   923  C "C3'" . DG  H 1 4 ? 5.277   -0.122  14.657  1.00 51.99 ? 46  DG  H "C3'" 1 
ATOM   924  O "O3'" . DG  H 1 4 ? 6.526   0.029   13.978  1.00 56.52 ? 46  DG  H "O3'" 1 
ATOM   925  C "C2'" . DG  H 1 4 ? 4.324   -0.927  13.795  1.00 50.88 ? 46  DG  H "C2'" 1 
ATOM   926  C "C1'" . DG  H 1 4 ? 3.468   -1.679  14.810  1.00 48.74 ? 46  DG  H "C1'" 1 
ATOM   927  N N9    . DG  H 1 4 ? 2.132   -1.117  14.970  1.00 42.20 ? 46  DG  H N9    1 
ATOM   928  C C8    . DG  H 1 4 ? 1.740   -0.124  15.833  1.00 39.87 ? 46  DG  H C8    1 
ATOM   929  N N7    . DG  H 1 4 ? 0.470   0.162   15.739  1.00 39.06 ? 46  DG  H N7    1 
ATOM   930  C C5    . DG  H 1 4 ? -0.003  -0.697  14.755  1.00 37.21 ? 46  DG  H C5    1 
ATOM   931  C C6    . DG  H 1 4 ? -1.293  -0.803  14.166  1.00 36.72 ? 46  DG  H C6    1 
ATOM   932  O O6    . DG  H 1 4 ? -2.329  -0.190  14.457  1.00 34.99 ? 46  DG  H O6    1 
ATOM   933  N N1    . DG  H 1 4 ? -1.308  -1.740  13.138  1.00 34.12 ? 46  DG  H N1    1 
ATOM   934  C C2    . DG  H 1 4 ? -0.227  -2.480  12.727  1.00 33.70 ? 46  DG  H C2    1 
ATOM   935  N N2    . DG  H 1 4 ? -0.437  -3.330  11.715  1.00 29.91 ? 46  DG  H N2    1 
ATOM   936  N N3    . DG  H 1 4 ? 0.975   -2.393  13.269  1.00 36.60 ? 46  DG  H N3    1 
ATOM   937  C C4    . DG  H 1 4 ? 1.014   -1.490  14.270  1.00 36.51 ? 46  DG  H C4    1 
HETATM 938  N N1    . 5CM H 1 5 ? 1.694   -0.379  10.501  1.00 40.10 ? 47  5CM H N1    1 
HETATM 939  C C2    . 5CM H 1 5 ? 0.349   -0.303  10.152  1.00 39.11 ? 47  5CM H C2    1 
HETATM 940  N N3    . 5CM H 1 5 ? -0.449  0.598   10.773  1.00 38.45 ? 47  5CM H N3    1 
HETATM 941  C C4    . 5CM H 1 5 ? 0.061   1.404   11.703  1.00 36.28 ? 47  5CM H C4    1 
HETATM 942  C C5    . 5CM H 1 5 ? 1.437   1.364   12.064  1.00 37.06 ? 47  5CM H C5    1 
HETATM 943  C C5A   . 5CM H 1 5 ? 1.942   2.311   13.108  1.00 34.21 ? 47  5CM H C5A   1 
HETATM 944  C C6    . 5CM H 1 5 ? 2.215   0.467   11.441  1.00 36.40 ? 47  5CM H C6    1 
HETATM 945  O O2    . 5CM H 1 5 ? -0.082  -1.067  9.275   1.00 40.02 ? 47  5CM H O2    1 
HETATM 946  N N4    . 5CM H 1 5 ? -0.759  2.262   12.304  1.00 38.55 ? 47  5CM H N4    1 
HETATM 947  C "C1'" . 5CM H 1 5 ? 2.526   -1.398  9.848   1.00 44.12 ? 47  5CM H "C1'" 1 
HETATM 948  C "C2'" . 5CM H 1 5 ? 3.106   -0.974  8.505   1.00 48.70 ? 47  5CM H "C2'" 1 
HETATM 949  C "C3'" . 5CM H 1 5 ? 4.575   -0.738  8.802   1.00 49.90 ? 47  5CM H "C3'" 1 
HETATM 950  C "C4'" . 5CM H 1 5 ? 4.844   -1.688  9.963   1.00 49.53 ? 47  5CM H "C4'" 1 
HETATM 951  O "O4'" . 5CM H 1 5 ? 3.615   -1.694  10.714  1.00 46.45 ? 47  5CM H "O4'" 1 
HETATM 952  O "O3'" . 5CM H 1 5 ? 5.355   -1.100  7.663   1.00 54.16 ? 47  5CM H "O3'" 1 
HETATM 953  C "C5'" . 5CM H 1 5 ? 5.956   -1.244  10.884  1.00 49.18 ? 47  5CM H "C5'" 1 
HETATM 954  O "O5'" . 5CM H 1 5 ? 5.524   -0.136  11.665  1.00 52.93 ? 47  5CM H "O5'" 1 
HETATM 955  P P     . 5CM H 1 5 ? 6.562   0.714   12.523  1.00 58.94 ? 47  5CM H P     1 
HETATM 956  O OP1   . 5CM H 1 5 ? 7.918   0.464   11.971  1.00 58.92 ? 47  5CM H OP1   1 
HETATM 957  O OP2   . 5CM H 1 5 ? 6.051   2.110   12.634  1.00 50.37 ? 47  5CM H OP2   1 
ATOM   958  P P     . DC  H 1 6 ? 5.704   0.016   6.559   1.00 62.23 ? 48  DC  H P     1 
ATOM   959  O OP1   . DC  H 1 6 ? 6.744   -0.560  5.661   1.00 53.70 ? 48  DC  H OP1   1 
ATOM   960  O OP2   . DC  H 1 6 ? 5.962   1.304   7.265   1.00 48.28 ? 48  DC  H OP2   1 
ATOM   961  O "O5'" . DC  H 1 6 ? 4.352   0.156   5.727   1.00 51.58 ? 48  DC  H "O5'" 1 
ATOM   962  C "C5'" . DC  H 1 6 ? 3.690   -0.997  5.210   1.00 45.72 ? 48  DC  H "C5'" 1 
ATOM   963  C "C4'" . DC  H 1 6 ? 2.429   -0.585  4.490   1.00 44.99 ? 48  DC  H "C4'" 1 
ATOM   964  O "O4'" . DC  H 1 6 ? 1.357   -0.491  5.453   1.00 42.90 ? 48  DC  H "O4'" 1 
ATOM   965  C "C3'" . DC  H 1 6 ? 2.498   0.802   3.860   1.00 43.49 ? 48  DC  H "C3'" 1 
ATOM   966  O "O3'" . DC  H 1 6 ? 2.979   0.749   2.517   1.00 50.65 ? 48  DC  H "O3'" 1 
ATOM   967  C "C2'" . DC  H 1 6 ? 1.044   1.234   3.843   1.00 44.55 ? 48  DC  H "C2'" 1 
ATOM   968  C "C1'" . DC  H 1 6 ? 0.429   0.500   5.032   1.00 37.46 ? 48  DC  H "C1'" 1 
ATOM   969  N N1    . DC  H 1 6 ? 0.148   1.372   6.179   1.00 31.81 ? 48  DC  H N1    1 
ATOM   970  C C2    . DC  H 1 6 ? -1.156  1.812   6.359   1.00 30.68 ? 48  DC  H C2    1 
ATOM   971  O O2    . DC  H 1 6 ? -2.015  1.461   5.539   1.00 35.34 ? 48  DC  H O2    1 
ATOM   972  N N3    . DC  H 1 6 ? -1.450  2.606   7.413   1.00 29.56 ? 48  DC  H N3    1 
ATOM   973  C C4    . DC  H 1 6 ? -0.487  2.965   8.264   1.00 29.34 ? 48  DC  H C4    1 
ATOM   974  N N4    . DC  H 1 6 ? -0.826  3.746   9.292   1.00 24.54 ? 48  DC  H N4    1 
ATOM   975  C C5    . DC  H 1 6 ? 0.863   2.535   8.098   1.00 25.40 ? 48  DC  H C5    1 
ATOM   976  C C6    . DC  H 1 6 ? 1.134   1.746   7.050   1.00 25.57 ? 48  DC  H C6    1 
HETATM 977  O O     . HOH I 2 . ? 17.886  3.357   -11.403 1.00 30.10 ? 49  HOH A O     1 
HETATM 978  O O     . HOH I 2 . ? 17.183  0.892   -8.731  1.00 39.93 ? 50  HOH A O     1 
HETATM 979  O O     . HOH I 2 . ? 14.047  2.088   -8.148  1.00 47.62 ? 51  HOH A O     1 
HETATM 980  O O     . HOH I 2 . ? 11.458  1.299   0.137   1.00 32.07 ? 52  HOH A O     1 
HETATM 981  O O     . HOH I 2 . ? 9.261   -3.639  -6.321  1.00 43.46 ? 53  HOH A O     1 
HETATM 982  O O     . HOH I 2 . ? 8.762   -1.878  -9.097  1.00 49.16 ? 54  HOH A O     1 
HETATM 983  O O     . HOH I 2 . ? 11.233  -4.566  -8.175  1.00 65.36 ? 99  HOH A O     1 
HETATM 984  O O     . HOH I 2 . ? 17.766  9.799   -12.264 1.00 52.47 ? 116 HOH A O     1 
HETATM 985  O O     . HOH I 2 . ? 10.472  -6.915  -6.586  1.00 49.95 ? 117 HOH A O     1 
HETATM 986  O O     . HOH J 2 . ? 9.408   9.399   -5.030  1.00 37.17 ? 56  HOH B O     1 
HETATM 987  O O     . HOH J 2 . ? 11.565  8.088   -7.159  1.00 34.34 ? 57  HOH B O     1 
HETATM 988  O O     . HOH J 2 . ? 6.504   3.505   -0.696  1.00 34.30 ? 58  HOH B O     1 
HETATM 989  O O     . HOH J 2 . ? 14.596  12.821  -1.955  1.00 31.05 ? 59  HOH B O     1 
HETATM 990  O O     . HOH J 2 . ? 21.238  11.565  5.288   1.00 51.83 ? 60  HOH B O     1 
HETATM 991  O O     . HOH J 2 . ? 13.610  14.223  3.651   1.00 45.00 ? 97  HOH B O     1 
HETATM 992  O O     . HOH J 2 . ? 20.212  13.436  7.213   1.00 66.82 ? 98  HOH B O     1 
HETATM 993  O O     . HOH J 2 . ? 7.613   1.936   -12.174 1.00 46.05 ? 114 HOH B O     1 
HETATM 994  O O     . HOH J 2 . ? 14.563  12.363  0.721   1.00 36.95 ? 115 HOH B O     1 
HETATM 995  O O     . HOH K 2 . ? -4.114  -21.227 -13.807 1.00 29.54 ? 61  HOH C O     1 
HETATM 996  O O     . HOH K 2 . ? 0.239   -12.178 -13.954 1.00 44.60 ? 62  HOH C O     1 
HETATM 997  O O     . HOH K 2 . ? -4.096  -16.796 -4.950  1.00 36.37 ? 63  HOH C O     1 
HETATM 998  O O     . HOH K 2 . ? -6.553  -10.253 -9.721  1.00 28.86 ? 64  HOH C O     1 
HETATM 999  O O     . HOH K 2 . ? -3.818  -8.903  -11.427 1.00 37.75 ? 65  HOH C O     1 
HETATM 1000 O O     . HOH K 2 . ? -0.427  -6.737  -2.077  1.00 23.96 ? 66  HOH C O     1 
HETATM 1001 O O     . HOH K 2 . ? -9.462  -3.216  2.917   1.00 48.77 ? 96  HOH C O     1 
HETATM 1002 O O     . HOH K 2 . ? -10.579 -9.361  -6.759  1.00 50.78 ? 105 HOH C O     1 
HETATM 1003 O O     . HOH K 2 . ? -7.121  -7.934  -10.107 1.00 56.43 ? 106 HOH C O     1 
HETATM 1004 O O     . HOH K 2 . ? -4.516  -1.037  2.568   1.00 42.73 ? 108 HOH C O     1 
HETATM 1005 O O     . HOH K 2 . ? -2.221  -13.136 -15.380 1.00 48.84 ? 109 HOH C O     1 
HETATM 1006 O O     . HOH L 2 . ? 3.002   -10.045 -10.436 1.00 29.39 ? 68  HOH D O     1 
HETATM 1007 O O     . HOH L 2 . ? 0.735   -10.930 -12.120 1.00 38.51 ? 69  HOH D O     1 
HETATM 1008 O O     . HOH L 2 . ? -1.545  -19.517 -6.587  1.00 27.56 ? 70  HOH D O     1 
HETATM 1009 O O     . HOH L 2 . ? 6.443   -17.480 -8.331  1.00 32.90 ? 71  HOH D O     1 
HETATM 1010 O O     . HOH L 2 . ? 3.071   -25.741 -11.003 1.00 44.95 ? 72  HOH D O     1 
HETATM 1011 O O     . HOH L 2 . ? 1.889   -7.709  -2.821  1.00 42.10 ? 90  HOH D O     1 
HETATM 1012 O O     . HOH L 2 . ? 1.464   -5.744  -14.570 1.00 45.07 ? 100 HOH D O     1 
HETATM 1013 O O     . HOH L 2 . ? -3.976  1.536   -15.934 1.00 46.70 ? 101 HOH D O     1 
HETATM 1014 O O     . HOH L 2 . ? -5.906  0.166   -13.346 1.00 50.03 ? 102 HOH D O     1 
HETATM 1015 O O     . HOH L 2 . ? -5.357  -3.573  -11.723 1.00 39.74 ? 103 HOH D O     1 
HETATM 1016 O O     . HOH L 2 . ? 6.577   -17.011 -10.630 1.00 44.85 ? 107 HOH D O     1 
HETATM 1017 O O     . HOH L 2 . ? -2.078  -4.297  -13.320 1.00 47.86 ? 110 HOH D O     1 
HETATM 1018 O O     . HOH M 2 . ? 0.255   0.866   -4.433  1.00 22.04 ? 55  HOH E O     1 
HETATM 1019 O O     . HOH M 2 . ? -7.814  -4.461  -6.375  1.00 26.65 ? 67  HOH E O     1 
HETATM 1020 O O     . HOH M 2 . ? -2.321  10.437  -8.264  1.00 36.14 ? 73  HOH E O     1 
HETATM 1021 O O     . HOH M 2 . ? -4.722  8.741   -4.405  1.00 28.90 ? 74  HOH E O     1 
HETATM 1022 O O     . HOH M 2 . ? -9.978  2.883   -7.374  1.00 49.96 ? 75  HOH E O     1 
HETATM 1023 O O     . HOH M 2 . ? -6.135  0.925   3.077   1.00 34.29 ? 76  HOH E O     1 
HETATM 1024 O O     . HOH M 2 . ? -10.974 4.299   -2.905  1.00 37.18 ? 77  HOH E O     1 
HETATM 1025 O O     . HOH M 2 . ? -10.185 7.776   -3.637  1.00 39.46 ? 78  HOH E O     1 
HETATM 1026 O O     . HOH M 2 . ? -19.476 2.393   2.812   1.00 33.56 ? 79  HOH E O     1 
HETATM 1027 O O     . HOH M 2 . ? -16.979 6.291   -1.508  1.00 41.71 ? 94  HOH E O     1 
HETATM 1028 O O     . HOH M 2 . ? -19.203 1.953   0.476   1.00 62.25 ? 95  HOH E O     1 
HETATM 1029 O O     . HOH M 2 . ? -10.329 -4.863  -1.109  1.00 40.20 ? 104 HOH E O     1 
HETATM 1030 O O     . HOH N 2 . ? -9.684  11.171  -3.926  1.00 50.36 ? 80  HOH F O     1 
HETATM 1031 O O     . HOH N 2 . ? -5.949  11.582  0.227   1.00 32.59 ? 81  HOH F O     1 
HETATM 1032 O O     . HOH N 2 . ? -6.420  9.647   -2.461  1.00 33.08 ? 82  HOH F O     1 
HETATM 1033 O O     . HOH N 2 . ? -3.381  10.987  -1.176  1.00 36.48 ? 83  HOH F O     1 
HETATM 1034 O O     . HOH N 2 . ? 0.991   9.544   3.252   1.00 40.59 ? 84  HOH F O     1 
HETATM 1035 O O     . HOH N 2 . ? -0.229  11.576  -0.910  1.00 49.77 ? 85  HOH F O     1 
HETATM 1036 O O     . HOH N 2 . ? 1.081   1.278   -2.085  1.00 36.68 ? 92  HOH F O     1 
HETATM 1037 O O     . HOH N 2 . ? -15.020 13.322  5.124   1.00 64.52 ? 93  HOH F O     1 
HETATM 1038 O O     . HOH N 2 . ? -14.675 11.100  -6.610  1.00 45.25 ? 111 HOH F O     1 
HETATM 1039 O O     . HOH N 2 . ? -12.031 12.692  -5.373  1.00 45.48 ? 112 HOH F O     1 
HETATM 1040 O O     . HOH N 2 . ? -5.780  14.586  0.030   1.00 61.87 ? 113 HOH F O     1 
HETATM 1041 O O     . HOH N 2 . ? 5.341   2.172   2.644   1.00 48.10 ? 118 HOH F O     1 
HETATM 1042 O O     . HOH O 2 . ? -5.482  8.344   10.875  1.00 41.62 ? 86  HOH G O     1 
HETATM 1043 O O     . HOH O 2 . ? -7.003  4.417   12.143  1.00 55.47 ? 87  HOH G O     1 
HETATM 1044 O O     . HOH O 2 . ? 2.812   -7.361  18.583  1.00 36.86 ? 88  HOH G O     1 
HETATM 1045 O O     . HOH O 2 . ? -4.976  -10.635 18.822  1.00 38.96 ? 89  HOH G O     1 
HETATM 1046 O O     . HOH O 2 . ? -6.934  -6.474  16.474  1.00 50.98 ? 121 HOH G O     1 
HETATM 1047 O O     . HOH P 2 . ? -6.180  -4.167  19.387  1.00 49.32 ? 91  HOH H O     1 
HETATM 1048 O O     . HOH P 2 . ? 0.375   6.214   11.443  1.00 58.52 ? 119 HOH H O     1 
HETATM 1049 O O     . HOH P 2 . ? -0.767  3.923   19.357  1.00 53.57 ? 120 HOH H O     1 
# 
